data_1E69
#
_entry.id   1E69
#
_cell.length_a   134.000
_cell.length_b   49.190
_cell.length_c   233.880
_cell.angle_alpha   90.00
_cell.angle_beta   94.63
_cell.angle_gamma   90.00
#
_symmetry.space_group_name_H-M   'P 1 21 1'
#
_entity_poly.entity_id   1
_entity_poly.type   'polypeptide(L)'
_entity_poly.pdbx_seq_one_letter_code
;MRLKKLYLKGFKSFGRPSLIGFSDRVTAIVGPNGSGKSNIIDAIKWVFGEQSKKELRASEKFDMIFAGSENLPPAGSAYV
ELVFEENGEEITVARELKRTGENTYYLNGSPVRLKDIRDRFAGTGLGVDFYSIVGQGQIDRIVNASPEELRLESSKHPTS
LVPRGSYQRVNESFNRFISLLFFGGEGRLNIVSEAKSILDAGFEISIRKPGRRDQKLSLLSGGEKALVGLALLFALMEIK
PSPFYVLDEVDSPLDDYNAERFKRLLKENSKHTQFIVITHNKIVMEAADLLHGVTMVNGVSAIVPVEVEKILEVGSHHHH
HH
;
_entity_poly.pdbx_strand_id   A,B,C,D,E,F
#
# COMPACT_ATOMS: atom_id res chain seq x y z
N MET A 1 72.42 -3.13 -99.71
CA MET A 1 72.43 -4.15 -100.80
C MET A 1 71.42 -5.25 -100.55
N ARG A 2 70.66 -5.60 -101.58
CA ARG A 2 69.66 -6.64 -101.47
C ARG A 2 69.75 -7.70 -102.55
N LEU A 3 69.23 -8.89 -102.23
CA LEU A 3 69.20 -9.99 -103.17
C LEU A 3 67.92 -9.69 -103.92
N LYS A 4 68.00 -9.62 -105.25
CA LYS A 4 66.79 -9.31 -106.01
C LYS A 4 66.21 -10.44 -106.85
N LYS A 5 67.07 -11.26 -107.44
CA LYS A 5 66.61 -12.37 -108.25
C LYS A 5 67.49 -13.61 -108.20
N LEU A 6 66.86 -14.77 -108.27
CA LEU A 6 67.54 -16.07 -108.30
C LEU A 6 67.11 -16.76 -109.61
N TYR A 7 68.07 -17.32 -110.34
CA TYR A 7 67.74 -18.02 -111.58
C TYR A 7 68.34 -19.44 -111.62
N LEU A 8 67.48 -20.44 -111.71
CA LEU A 8 67.91 -21.83 -111.75
C LEU A 8 67.69 -22.42 -113.13
N LYS A 9 68.46 -23.44 -113.45
CA LYS A 9 68.34 -24.11 -114.74
C LYS A 9 69.30 -25.30 -114.83
N GLY A 10 68.80 -26.48 -114.48
CA GLY A 10 69.64 -27.66 -114.51
C GLY A 10 70.33 -27.94 -113.19
N PHE A 11 69.87 -27.28 -112.13
CA PHE A 11 70.46 -27.46 -110.81
C PHE A 11 69.60 -28.36 -109.95
N LYS A 12 70.14 -29.52 -109.60
CA LYS A 12 69.44 -30.47 -108.76
C LYS A 12 68.00 -30.69 -109.26
N SER A 13 67.02 -30.69 -108.36
CA SER A 13 65.63 -30.94 -108.78
C SER A 13 64.98 -29.96 -109.75
N PHE A 14 65.66 -28.87 -110.06
CA PHE A 14 65.09 -27.86 -110.98
C PHE A 14 65.50 -28.10 -112.41
N GLY A 15 64.74 -28.92 -113.10
CA GLY A 15 65.06 -29.24 -114.47
C GLY A 15 64.70 -28.16 -115.45
N ARG A 16 63.58 -27.49 -115.21
CA ARG A 16 63.14 -26.42 -116.10
C ARG A 16 63.59 -25.09 -115.52
N PRO A 17 63.87 -24.09 -116.40
CA PRO A 17 64.32 -22.73 -116.08
C PRO A 17 63.43 -22.06 -115.07
N SER A 18 63.94 -21.76 -113.88
CA SER A 18 63.13 -21.11 -112.86
C SER A 18 63.63 -19.71 -112.54
N LEU A 19 62.72 -18.82 -112.18
CA LEU A 19 63.09 -17.45 -111.85
C LEU A 19 62.32 -16.93 -110.65
N ILE A 20 63.02 -16.67 -109.56
CA ILE A 20 62.41 -16.18 -108.31
C ILE A 20 62.75 -14.71 -108.02
N GLY A 21 61.78 -13.98 -107.48
CA GLY A 21 62.02 -12.61 -107.11
C GLY A 21 61.99 -12.54 -105.59
N PHE A 22 62.59 -11.52 -105.01
CA PHE A 22 62.60 -11.38 -103.56
C PHE A 22 62.13 -10.01 -103.07
N SER A 23 61.40 -10.03 -101.95
CA SER A 23 60.93 -8.79 -101.36
C SER A 23 62.09 -8.07 -100.65
N ASP A 24 61.98 -6.76 -100.47
CA ASP A 24 63.04 -6.01 -99.82
C ASP A 24 63.02 -6.38 -98.34
N ARG A 25 61.94 -7.03 -97.93
CA ARG A 25 61.79 -7.46 -96.55
C ARG A 25 61.73 -8.97 -96.39
N VAL A 26 60.60 -9.46 -95.93
CA VAL A 26 60.42 -10.90 -95.71
C VAL A 26 59.87 -11.61 -96.95
N THR A 27 60.56 -12.64 -97.40
CA THR A 27 60.12 -13.42 -98.55
C THR A 27 59.99 -14.82 -98.00
N ALA A 28 58.84 -15.45 -98.20
CA ALA A 28 58.65 -16.78 -97.66
C ALA A 28 58.56 -17.86 -98.72
N ILE A 29 59.35 -18.90 -98.55
CA ILE A 29 59.36 -20.04 -99.48
C ILE A 29 58.63 -21.21 -98.81
N VAL A 30 57.44 -21.51 -99.32
CA VAL A 30 56.61 -22.55 -98.77
C VAL A 30 56.41 -23.72 -99.72
N GLY A 31 56.06 -24.88 -99.18
CA GLY A 31 55.84 -26.02 -100.03
C GLY A 31 55.92 -27.36 -99.30
N PRO A 32 55.32 -28.43 -99.86
CA PRO A 32 55.30 -29.79 -99.32
C PRO A 32 56.69 -30.33 -99.08
N ASN A 33 56.72 -31.51 -98.47
CA ASN A 33 57.96 -32.19 -98.16
C ASN A 33 58.53 -32.82 -99.43
N GLY A 34 57.69 -32.94 -100.45
CA GLY A 34 58.12 -33.51 -101.72
C GLY A 34 59.42 -32.83 -102.15
N SER A 35 59.44 -31.51 -102.03
CA SER A 35 60.65 -30.82 -102.36
C SER A 35 61.52 -30.58 -101.06
N GLY A 36 60.88 -30.44 -99.87
CA GLY A 36 61.63 -30.17 -98.67
C GLY A 36 62.54 -29.27 -99.44
N LYS A 37 61.97 -28.17 -99.99
CA LYS A 37 62.59 -27.09 -100.89
C LYS A 37 63.96 -26.45 -100.62
N SER A 38 64.78 -27.19 -99.88
CA SER A 38 66.11 -26.80 -99.52
C SER A 38 66.94 -26.51 -100.76
N ASN A 39 66.55 -27.06 -101.90
CA ASN A 39 67.36 -26.90 -103.09
C ASN A 39 67.63 -25.48 -103.51
N ILE A 40 66.76 -24.58 -103.11
CA ILE A 40 66.92 -23.16 -103.44
C ILE A 40 68.05 -22.56 -102.60
N ILE A 41 68.11 -22.89 -101.32
CA ILE A 41 69.20 -22.40 -100.48
C ILE A 41 70.51 -23.03 -100.97
N ASP A 42 70.49 -24.32 -101.31
CA ASP A 42 71.68 -25.01 -101.80
C ASP A 42 72.26 -24.28 -103.00
N ALA A 43 71.39 -23.86 -103.92
CA ALA A 43 71.82 -23.14 -105.11
C ALA A 43 72.58 -21.85 -104.75
N ILE A 44 72.08 -21.12 -103.75
CA ILE A 44 72.71 -19.90 -103.28
C ILE A 44 74.14 -20.17 -102.80
N LYS A 45 74.32 -21.21 -101.99
CA LYS A 45 75.64 -21.56 -101.49
C LYS A 45 76.54 -22.05 -102.63
N TRP A 46 75.96 -22.82 -103.53
CA TRP A 46 76.68 -23.37 -104.68
C TRP A 46 77.28 -22.27 -105.56
N VAL A 47 76.50 -21.22 -105.84
CA VAL A 47 76.97 -20.15 -106.71
C VAL A 47 78.15 -19.42 -106.11
N PHE A 48 78.36 -19.61 -104.81
CA PHE A 48 79.51 -19.01 -104.13
C PHE A 48 80.46 -20.17 -103.89
N GLY A 49 80.88 -20.38 -102.66
CA GLY A 49 81.80 -21.47 -102.39
C GLY A 49 81.18 -22.86 -102.39
N GLU A 50 80.51 -23.20 -101.29
CA GLU A 50 79.88 -24.50 -101.06
C GLU A 50 79.21 -25.19 -102.23
N LYS A 61 80.03 -37.14 -108.80
CA LYS A 61 80.34 -35.71 -108.74
C LYS A 61 79.30 -34.80 -109.40
N PHE A 62 78.90 -35.18 -110.60
CA PHE A 62 77.91 -34.44 -111.38
C PHE A 62 76.48 -34.56 -110.85
N ASP A 63 76.33 -35.15 -109.68
CA ASP A 63 75.01 -35.33 -109.06
C ASP A 63 74.40 -33.97 -108.69
N MET A 64 75.01 -32.91 -109.21
CA MET A 64 74.55 -31.57 -108.95
C MET A 64 73.84 -31.04 -110.21
N ILE A 65 73.87 -31.85 -111.27
CA ILE A 65 73.25 -31.53 -112.55
C ILE A 65 72.03 -32.41 -112.85
N PHE A 66 70.94 -31.76 -113.28
CA PHE A 66 69.66 -32.45 -113.61
C PHE A 66 69.85 -33.75 -114.40
N ALA A 67 69.29 -34.81 -113.83
CA ALA A 67 69.36 -36.18 -114.36
C ALA A 67 68.45 -36.60 -115.53
N GLY A 68 67.32 -35.91 -115.72
CA GLY A 68 66.41 -36.29 -116.78
C GLY A 68 65.02 -36.44 -116.21
N SER A 69 64.02 -36.32 -117.08
CA SER A 69 62.60 -36.38 -116.71
C SER A 69 61.89 -37.37 -117.62
N GLU A 70 60.59 -37.47 -117.42
CA GLU A 70 59.73 -38.31 -118.24
C GLU A 70 59.72 -37.80 -119.67
N ASN A 71 60.18 -36.56 -119.85
CA ASN A 71 60.21 -35.88 -121.16
C ASN A 71 61.17 -34.70 -121.22
N LEU A 72 62.30 -34.83 -120.53
CA LEU A 72 63.36 -33.83 -120.48
C LEU A 72 64.63 -34.64 -120.36
N PRO A 73 65.56 -34.46 -121.30
CA PRO A 73 66.81 -35.21 -121.24
C PRO A 73 67.70 -34.69 -120.12
N PRO A 74 68.71 -35.48 -119.70
CA PRO A 74 69.53 -34.91 -118.63
C PRO A 74 70.09 -33.57 -119.13
N ALA A 75 70.34 -32.65 -118.20
CA ALA A 75 70.83 -31.35 -118.59
C ALA A 75 72.30 -31.38 -118.92
N GLY A 76 72.70 -30.52 -119.85
CA GLY A 76 74.09 -30.47 -120.21
C GLY A 76 74.90 -29.80 -119.12
N SER A 77 74.25 -29.09 -118.20
CA SER A 77 74.95 -28.37 -117.14
C SER A 77 74.02 -27.81 -116.08
N ALA A 78 74.61 -27.38 -114.97
CA ALA A 78 73.87 -26.77 -113.88
C ALA A 78 74.19 -25.27 -114.02
N TYR A 79 73.19 -24.40 -113.95
CA TYR A 79 73.43 -22.97 -114.07
C TYR A 79 72.63 -22.20 -113.04
N VAL A 80 73.33 -21.44 -112.20
CA VAL A 80 72.67 -20.64 -111.15
C VAL A 80 73.14 -19.19 -111.25
N GLU A 81 72.22 -18.26 -111.02
CA GLU A 81 72.54 -16.85 -111.11
C GLU A 81 71.79 -15.95 -110.12
N LEU A 82 72.55 -15.12 -109.41
CA LEU A 82 72.00 -14.19 -108.43
C LEU A 82 72.15 -12.74 -108.90
N VAL A 83 71.16 -11.90 -108.59
CA VAL A 83 71.23 -10.51 -108.98
C VAL A 83 70.97 -9.63 -107.77
N PHE A 84 72.00 -8.95 -107.31
CA PHE A 84 71.88 -8.04 -106.17
C PHE A 84 71.79 -6.62 -106.72
N GLU A 85 71.43 -5.67 -105.85
CA GLU A 85 71.38 -4.28 -106.23
C GLU A 85 71.99 -3.43 -105.11
N GLU A 86 72.99 -2.63 -105.47
CA GLU A 86 73.72 -1.78 -104.54
C GLU A 86 73.02 -0.42 -104.43
N ASN A 87 73.62 0.60 -105.04
CA ASN A 87 73.04 1.94 -105.02
C ASN A 87 72.38 2.12 -106.37
N GLY A 88 71.19 1.54 -106.53
CA GLY A 88 70.52 1.62 -107.81
C GLY A 88 71.35 0.88 -108.85
N GLU A 89 72.36 0.17 -108.37
CA GLU A 89 73.26 -0.60 -109.21
C GLU A 89 72.91 -2.08 -109.14
N GLU A 90 73.34 -2.84 -110.15
CA GLU A 90 73.08 -4.27 -110.18
C GLU A 90 74.38 -5.05 -110.22
N ILE A 91 74.49 -6.02 -109.32
CA ILE A 91 75.68 -6.87 -109.25
C ILE A 91 75.16 -8.25 -109.62
N THR A 92 75.73 -8.87 -110.65
CA THR A 92 75.28 -10.19 -111.05
C THR A 92 76.37 -11.23 -110.84
N VAL A 93 76.04 -12.29 -110.10
CA VAL A 93 76.97 -13.39 -109.83
C VAL A 93 76.37 -14.68 -110.42
N ALA A 94 77.19 -15.46 -111.12
CA ALA A 94 76.71 -16.70 -111.73
C ALA A 94 77.76 -17.78 -111.80
N ARG A 95 77.31 -19.03 -111.85
CA ARG A 95 78.23 -20.17 -111.93
C ARG A 95 77.66 -21.26 -112.83
N GLU A 96 78.50 -21.83 -113.69
CA GLU A 96 78.06 -22.89 -114.59
C GLU A 96 78.98 -24.10 -114.64
N LEU A 97 78.48 -25.26 -114.19
CA LEU A 97 79.24 -26.50 -114.22
C LEU A 97 78.71 -27.39 -115.33
N LYS A 98 79.52 -27.62 -116.36
CA LYS A 98 79.10 -28.46 -117.50
C LYS A 98 79.38 -29.94 -117.24
N ARG A 99 78.65 -30.81 -117.93
CA ARG A 99 78.83 -32.25 -117.76
C ARG A 99 80.23 -32.63 -118.23
N THR A 100 80.78 -31.86 -119.18
CA THR A 100 82.12 -32.10 -119.68
C THR A 100 83.14 -31.99 -118.54
N GLY A 101 82.82 -31.19 -117.53
CA GLY A 101 83.72 -31.03 -116.39
C GLY A 101 84.10 -29.57 -116.19
N GLU A 102 83.89 -28.77 -117.23
CA GLU A 102 84.22 -27.36 -117.25
C GLU A 102 83.39 -26.49 -116.30
N ASN A 103 83.96 -26.11 -115.15
CA ASN A 103 83.28 -25.24 -114.18
C ASN A 103 83.73 -23.78 -114.36
N THR A 104 82.82 -22.82 -114.21
CA THR A 104 83.19 -21.43 -114.40
C THR A 104 82.29 -20.40 -113.70
N TYR A 105 82.92 -19.35 -113.13
CA TYR A 105 82.20 -18.28 -112.42
C TYR A 105 82.12 -17.00 -113.22
N TYR A 106 81.13 -16.18 -112.94
CA TYR A 106 80.93 -14.94 -113.66
C TYR A 106 80.57 -13.81 -112.70
N LEU A 107 80.96 -12.60 -113.08
CA LEU A 107 80.65 -11.41 -112.30
C LEU A 107 80.37 -10.32 -113.33
N ASN A 108 79.11 -9.94 -113.41
CA ASN A 108 78.65 -8.93 -114.35
C ASN A 108 78.98 -9.24 -115.80
N GLY A 109 78.78 -10.51 -116.17
CA GLY A 109 79.00 -10.92 -117.54
C GLY A 109 80.40 -11.32 -117.91
N SER A 110 81.34 -11.20 -116.96
CA SER A 110 82.72 -11.56 -117.25
C SER A 110 83.23 -12.76 -116.50
N PRO A 111 83.82 -13.74 -117.22
CA PRO A 111 84.33 -14.92 -116.53
C PRO A 111 85.30 -14.42 -115.49
N VAL A 112 85.30 -15.03 -114.32
CA VAL A 112 86.19 -14.56 -113.28
C VAL A 112 86.50 -15.66 -112.28
N ARG A 113 87.59 -15.45 -111.55
CA ARG A 113 88.08 -16.38 -110.53
C ARG A 113 87.11 -16.40 -109.35
N LEU A 114 86.99 -17.53 -108.66
CA LEU A 114 86.07 -17.59 -107.52
C LEU A 114 86.45 -16.54 -106.48
N LYS A 115 87.75 -16.41 -106.24
CA LYS A 115 88.23 -15.45 -105.26
C LYS A 115 87.63 -14.06 -105.52
N ASP A 116 87.51 -13.68 -106.80
CA ASP A 116 86.95 -12.39 -107.17
C ASP A 116 85.51 -12.20 -106.69
N ILE A 117 84.74 -13.30 -106.69
CA ILE A 117 83.35 -13.25 -106.24
C ILE A 117 83.36 -13.01 -104.73
N ARG A 118 84.15 -13.80 -104.02
CA ARG A 118 84.26 -13.67 -102.56
C ARG A 118 84.63 -12.24 -102.15
N ASP A 119 85.63 -11.70 -102.83
CA ASP A 119 86.09 -10.35 -102.54
C ASP A 119 84.98 -9.32 -102.70
N ARG A 120 84.24 -9.39 -103.81
CA ARG A 120 83.15 -8.46 -104.06
C ARG A 120 82.10 -8.44 -102.95
N PHE A 121 82.03 -9.52 -102.18
CA PHE A 121 81.08 -9.61 -101.08
C PHE A 121 81.84 -9.81 -99.77
N ALA A 122 82.55 -8.78 -99.37
CA ALA A 122 83.37 -8.79 -98.15
C ALA A 122 82.67 -9.06 -96.81
N GLY A 123 82.06 -8.03 -96.25
CA GLY A 123 81.40 -8.17 -94.96
C GLY A 123 80.06 -8.91 -94.98
N THR A 124 80.08 -10.12 -95.51
CA THR A 124 78.89 -10.97 -95.63
C THR A 124 79.38 -12.39 -95.46
N GLY A 125 78.51 -13.28 -94.99
CA GLY A 125 78.96 -14.66 -94.83
C GLY A 125 79.24 -15.33 -96.16
N LEU A 126 78.62 -14.78 -97.20
CA LEU A 126 78.71 -15.27 -98.55
C LEU A 126 80.13 -15.62 -98.98
N GLY A 127 80.33 -16.86 -99.41
CA GLY A 127 81.64 -17.30 -99.85
C GLY A 127 82.45 -18.10 -98.83
N VAL A 128 82.60 -17.53 -97.63
CA VAL A 128 83.37 -18.18 -96.57
C VAL A 128 82.57 -19.16 -95.70
N ASP A 129 82.14 -18.71 -94.53
CA ASP A 129 81.41 -19.56 -93.58
C ASP A 129 79.88 -19.54 -93.66
N PHE A 130 79.32 -18.57 -94.38
CA PHE A 130 77.87 -18.46 -94.54
C PHE A 130 77.12 -18.36 -93.20
N TYR A 131 77.30 -17.27 -92.46
CA TYR A 131 76.58 -17.13 -91.20
C TYR A 131 75.21 -16.54 -91.47
N SER A 132 74.96 -16.17 -92.72
CA SER A 132 73.70 -15.59 -93.15
C SER A 132 72.63 -16.67 -93.26
N ILE A 133 73.04 -17.90 -93.54
CA ILE A 133 72.13 -19.04 -93.65
C ILE A 133 72.08 -19.72 -92.28
N VAL A 134 70.96 -19.58 -91.58
CA VAL A 134 70.81 -20.14 -90.24
C VAL A 134 69.69 -21.15 -90.10
N GLY A 135 69.97 -22.27 -89.46
CA GLY A 135 68.97 -23.29 -89.27
C GLY A 135 68.75 -23.56 -87.80
N GLN A 136 67.79 -24.43 -87.50
CA GLN A 136 67.47 -24.79 -86.10
C GLN A 136 68.72 -25.18 -85.32
N GLY A 137 69.69 -25.73 -86.03
CA GLY A 137 70.94 -26.14 -85.40
C GLY A 137 71.67 -24.96 -84.82
N GLN A 138 72.10 -24.04 -85.68
CA GLN A 138 72.85 -22.86 -85.24
C GLN A 138 72.15 -22.11 -84.11
N ILE A 139 70.82 -22.13 -84.11
CA ILE A 139 70.07 -21.45 -83.07
C ILE A 139 70.46 -22.07 -81.73
N ASP A 140 70.43 -23.40 -81.67
CA ASP A 140 70.77 -24.13 -80.44
C ASP A 140 72.22 -24.00 -80.04
N ARG A 141 73.12 -24.05 -81.02
CA ARG A 141 74.55 -23.94 -80.74
C ARG A 141 75.00 -22.52 -80.38
N ILE A 142 74.13 -21.53 -80.56
CA ILE A 142 74.46 -20.14 -80.20
C ILE A 142 73.93 -19.88 -78.81
N VAL A 143 72.85 -20.58 -78.45
CA VAL A 143 72.25 -20.44 -77.13
C VAL A 143 73.05 -21.25 -76.11
N ASN A 144 73.92 -22.15 -76.60
CA ASN A 144 74.73 -22.99 -75.73
C ASN A 144 76.23 -22.82 -75.96
N ALA A 145 76.64 -21.64 -76.43
CA ALA A 145 78.05 -21.35 -76.70
C ALA A 145 78.64 -20.52 -75.57
N TYR A 167 79.92 -5.00 -79.03
CA TYR A 167 79.40 -5.81 -77.94
C TYR A 167 78.27 -5.11 -77.23
N GLN A 168 78.52 -3.89 -76.76
CA GLN A 168 77.47 -3.14 -76.07
C GLN A 168 76.31 -2.98 -77.03
N ARG A 169 76.61 -2.85 -78.32
CA ARG A 169 75.58 -2.71 -79.35
C ARG A 169 74.71 -3.96 -79.36
N VAL A 170 75.33 -5.12 -79.17
CA VAL A 170 74.62 -6.39 -79.15
C VAL A 170 73.79 -6.55 -77.89
N ASN A 171 74.44 -6.45 -76.73
CA ASN A 171 73.74 -6.58 -75.46
C ASN A 171 72.56 -5.64 -75.38
N GLU A 172 72.75 -4.49 -75.98
CA GLU A 172 71.75 -3.45 -76.00
C GLU A 172 70.59 -3.78 -76.92
N SER A 173 70.88 -4.43 -78.06
CA SER A 173 69.85 -4.82 -79.01
C SER A 173 69.08 -6.00 -78.48
N PHE A 174 69.77 -6.93 -77.85
CA PHE A 174 69.14 -8.10 -77.29
C PHE A 174 68.03 -7.66 -76.34
N ASN A 175 68.28 -6.58 -75.60
CA ASN A 175 67.29 -6.08 -74.66
C ASN A 175 66.05 -5.56 -75.39
N ARG A 176 66.28 -4.69 -76.36
CA ARG A 176 65.18 -4.11 -77.11
C ARG A 176 64.24 -5.19 -77.68
N PHE A 177 64.82 -6.25 -78.23
CA PHE A 177 64.06 -7.35 -78.81
C PHE A 177 63.27 -8.15 -77.79
N ILE A 178 63.84 -8.37 -76.60
CA ILE A 178 63.14 -9.12 -75.55
C ILE A 178 61.93 -8.33 -75.07
N SER A 179 62.05 -7.00 -75.00
CA SER A 179 60.95 -6.14 -74.58
C SER A 179 59.84 -6.21 -75.62
N LEU A 180 60.24 -6.12 -76.90
CA LEU A 180 59.30 -6.20 -78.01
C LEU A 180 58.54 -7.51 -77.94
N LEU A 181 59.26 -8.59 -77.66
CA LEU A 181 58.66 -9.91 -77.56
C LEU A 181 57.61 -10.05 -76.45
N PHE A 182 57.92 -9.55 -75.25
CA PHE A 182 56.98 -9.69 -74.13
C PHE A 182 56.23 -8.42 -73.72
N PHE A 183 56.35 -7.38 -74.54
CA PHE A 183 55.67 -6.11 -74.27
C PHE A 183 56.13 -5.42 -73.00
N GLY A 184 57.43 -5.40 -72.72
CA GLY A 184 57.88 -4.69 -71.53
C GLY A 184 59.05 -5.13 -70.65
N GLY A 185 59.40 -6.40 -70.64
CA GLY A 185 60.49 -6.83 -69.79
C GLY A 185 61.89 -6.27 -70.04
N GLU A 186 62.87 -7.13 -69.86
CA GLU A 186 64.28 -6.79 -70.08
C GLU A 186 65.05 -8.07 -70.41
N GLY A 187 66.18 -7.90 -71.06
CA GLY A 187 67.01 -9.03 -71.41
C GLY A 187 68.45 -8.70 -71.07
N ARG A 188 69.18 -9.65 -70.51
CA ARG A 188 70.55 -9.40 -70.14
C ARG A 188 71.52 -10.48 -70.61
N LEU A 189 72.71 -10.02 -71.02
CA LEU A 189 73.79 -10.89 -71.48
C LEU A 189 75.06 -10.62 -70.66
N GLU A 204 75.52 -16.50 -70.24
CA GLU A 204 74.34 -16.48 -69.37
C GLU A 204 73.28 -15.47 -69.76
N ILE A 205 72.03 -15.93 -69.84
CA ILE A 205 70.92 -15.08 -70.23
C ILE A 205 69.90 -14.92 -69.12
N SER A 206 69.44 -13.69 -68.94
CA SER A 206 68.44 -13.34 -67.94
C SER A 206 67.28 -12.66 -68.64
N ILE A 207 66.06 -13.10 -68.36
CA ILE A 207 64.88 -12.52 -68.98
C ILE A 207 63.87 -12.14 -67.92
N ARG A 208 63.60 -10.85 -67.81
CA ARG A 208 62.63 -10.38 -66.84
C ARG A 208 61.34 -9.92 -67.52
N LYS A 209 60.25 -10.67 -67.33
CA LYS A 209 58.96 -10.31 -67.93
C LYS A 209 58.40 -9.08 -67.22
N PRO A 210 57.53 -8.30 -67.89
CA PRO A 210 56.92 -7.08 -67.32
C PRO A 210 56.54 -7.06 -65.84
N GLY A 211 55.35 -7.50 -65.47
CA GLY A 211 55.00 -7.46 -64.05
C GLY A 211 55.81 -8.39 -63.15
N ARG A 212 56.82 -9.04 -63.71
CA ARG A 212 57.58 -9.99 -62.92
C ARG A 212 58.98 -9.58 -62.45
N ARG A 213 59.69 -10.55 -61.92
CA ARG A 213 61.02 -10.38 -61.39
C ARG A 213 62.04 -11.09 -62.28
N ASP A 214 63.34 -10.79 -62.12
CA ASP A 214 64.38 -11.42 -62.94
C ASP A 214 64.23 -12.94 -63.03
N GLN A 215 64.82 -13.54 -64.06
CA GLN A 215 64.69 -14.98 -64.26
C GLN A 215 65.83 -15.52 -65.11
N LYS A 216 66.19 -16.78 -64.89
CA LYS A 216 67.25 -17.43 -65.67
C LYS A 216 66.64 -18.22 -66.83
N LEU A 217 67.22 -18.07 -68.03
CA LEU A 217 66.74 -18.76 -69.23
C LEU A 217 66.40 -20.23 -68.94
N SER A 218 67.19 -20.82 -68.06
CA SER A 218 67.04 -22.20 -67.62
C SER A 218 65.60 -22.62 -67.32
N LEU A 219 64.96 -21.94 -66.38
CA LEU A 219 63.59 -22.28 -66.01
C LEU A 219 62.52 -21.54 -66.79
N LEU A 220 62.79 -21.35 -68.07
CA LEU A 220 61.83 -20.68 -68.95
C LEU A 220 61.13 -21.74 -69.80
N SER A 221 59.99 -21.40 -70.38
CA SER A 221 59.23 -22.32 -71.23
C SER A 221 60.10 -22.88 -72.36
N GLY A 222 59.66 -23.96 -72.98
CA GLY A 222 60.43 -24.53 -74.08
C GLY A 222 60.31 -23.67 -75.31
N GLY A 223 59.07 -23.32 -75.66
CA GLY A 223 58.83 -22.47 -76.82
C GLY A 223 59.32 -21.05 -76.61
N GLU A 224 59.37 -20.66 -75.34
CA GLU A 224 59.84 -19.33 -74.99
C GLU A 224 61.36 -19.28 -75.17
N LYS A 225 62.06 -20.32 -74.76
CA LYS A 225 63.51 -20.37 -74.92
C LYS A 225 63.86 -20.18 -76.39
N ALA A 226 63.05 -20.78 -77.25
CA ALA A 226 63.24 -20.70 -78.70
C ALA A 226 63.18 -19.24 -79.14
N LEU A 227 62.18 -18.53 -78.62
CA LEU A 227 61.98 -17.13 -78.92
C LEU A 227 63.22 -16.32 -78.57
N VAL A 228 63.65 -16.40 -77.32
CA VAL A 228 64.82 -15.66 -76.91
C VAL A 228 66.06 -16.07 -77.72
N GLY A 229 66.11 -17.31 -78.17
CA GLY A 229 67.24 -17.74 -78.96
C GLY A 229 67.26 -16.94 -80.25
N LEU A 230 66.09 -16.85 -80.88
CA LEU A 230 65.94 -16.09 -82.11
C LEU A 230 66.29 -14.62 -81.87
N ALA A 231 65.92 -14.13 -80.69
CA ALA A 231 66.21 -12.76 -80.30
C ALA A 231 67.73 -12.53 -80.25
N LEU A 232 68.46 -13.53 -79.78
CA LEU A 232 69.91 -13.43 -79.68
C LEU A 232 70.51 -13.38 -81.07
N LEU A 233 70.05 -14.28 -81.94
CA LEU A 233 70.55 -14.32 -83.31
C LEU A 233 70.37 -12.95 -83.97
N PHE A 234 69.19 -12.37 -83.82
CA PHE A 234 68.91 -11.07 -84.40
C PHE A 234 69.82 -9.99 -83.84
N ALA A 235 70.14 -10.10 -82.56
CA ALA A 235 71.02 -9.13 -81.90
C ALA A 235 72.44 -9.24 -82.43
N LEU A 236 72.93 -10.48 -82.58
CA LEU A 236 74.28 -10.74 -83.08
C LEU A 236 74.49 -10.25 -84.51
N MET A 237 73.41 -9.97 -85.21
CA MET A 237 73.50 -9.47 -86.58
C MET A 237 74.18 -8.11 -86.58
N GLU A 238 74.46 -7.59 -85.38
CA GLU A 238 75.09 -6.29 -85.24
C GLU A 238 76.57 -6.38 -85.57
N ILE A 239 77.13 -7.57 -85.40
CA ILE A 239 78.52 -7.80 -85.69
C ILE A 239 78.67 -8.87 -86.77
N LYS A 240 77.53 -9.28 -87.31
CA LYS A 240 77.48 -10.26 -88.39
C LYS A 240 76.62 -9.67 -89.52
N PRO A 241 77.03 -8.52 -90.07
CA PRO A 241 76.27 -7.88 -91.15
C PRO A 241 76.14 -8.74 -92.39
N SER A 242 75.11 -8.49 -93.18
CA SER A 242 74.87 -9.24 -94.41
C SER A 242 73.64 -8.69 -95.12
N PRO A 243 73.63 -8.71 -96.47
CA PRO A 243 72.50 -8.19 -97.24
C PRO A 243 71.20 -8.88 -96.85
N PHE A 244 71.24 -10.20 -96.80
CA PHE A 244 70.06 -10.98 -96.45
C PHE A 244 70.40 -12.10 -95.47
N TYR A 245 69.38 -12.62 -94.82
CA TYR A 245 69.53 -13.70 -93.85
C TYR A 245 68.49 -14.76 -94.21
N VAL A 246 68.86 -16.03 -94.10
CA VAL A 246 67.93 -17.11 -94.42
C VAL A 246 67.57 -17.86 -93.15
N LEU A 247 66.28 -17.94 -92.85
CA LEU A 247 65.82 -18.65 -91.67
C LEU A 247 65.18 -19.95 -92.13
N ASP A 248 65.91 -21.04 -91.98
CA ASP A 248 65.48 -22.36 -92.40
C ASP A 248 64.76 -23.16 -91.33
N GLU A 249 63.43 -23.14 -91.39
CA GLU A 249 62.58 -23.87 -90.46
C GLU A 249 62.93 -23.63 -88.99
N VAL A 250 62.86 -22.38 -88.57
CA VAL A 250 63.20 -22.02 -87.19
C VAL A 250 61.99 -21.76 -86.31
N ASP A 251 60.85 -22.30 -86.69
CA ASP A 251 59.63 -22.09 -85.93
C ASP A 251 58.99 -23.38 -85.46
N SER A 252 59.76 -24.45 -85.44
CA SER A 252 59.22 -25.73 -85.00
C SER A 252 58.71 -25.62 -83.57
N PRO A 253 59.61 -25.35 -82.61
CA PRO A 253 59.22 -25.23 -81.20
C PRO A 253 58.21 -24.14 -80.87
N LEU A 254 57.89 -23.30 -81.84
CA LEU A 254 56.94 -22.21 -81.62
C LEU A 254 55.50 -22.62 -81.84
N ASP A 255 54.67 -22.41 -80.82
CA ASP A 255 53.26 -22.73 -80.93
C ASP A 255 52.56 -21.50 -81.48
N ASP A 256 51.25 -21.54 -81.60
CA ASP A 256 50.53 -20.39 -82.14
C ASP A 256 50.77 -19.06 -81.44
N TYR A 257 50.81 -19.06 -80.11
CA TYR A 257 51.02 -17.81 -79.37
C TYR A 257 52.42 -17.26 -79.58
N ASN A 258 53.41 -18.10 -79.41
CA ASN A 258 54.79 -17.69 -79.60
C ASN A 258 55.05 -17.31 -81.05
N ALA A 259 54.42 -18.03 -81.97
CA ALA A 259 54.56 -17.75 -83.38
C ALA A 259 54.14 -16.32 -83.65
N GLU A 260 53.06 -15.89 -83.03
CA GLU A 260 52.59 -14.52 -83.24
C GLU A 260 53.63 -13.52 -82.75
N ARG A 261 54.44 -13.91 -81.78
CA ARG A 261 55.48 -13.04 -81.27
C ARG A 261 56.64 -13.02 -82.24
N PHE A 262 57.01 -14.19 -82.76
CA PHE A 262 58.11 -14.25 -83.69
C PHE A 262 57.74 -13.39 -84.89
N LYS A 263 56.46 -13.39 -85.23
CA LYS A 263 55.96 -12.63 -86.37
C LYS A 263 56.18 -11.13 -86.16
N ARG A 264 55.92 -10.65 -84.95
CA ARG A 264 56.07 -9.24 -84.62
C ARG A 264 57.56 -8.84 -84.61
N LEU A 265 58.42 -9.77 -84.20
CA LEU A 265 59.86 -9.50 -84.14
C LEU A 265 60.41 -9.44 -85.57
N LEU A 266 60.03 -10.42 -86.38
CA LEU A 266 60.47 -10.47 -87.77
C LEU A 266 60.18 -9.18 -88.52
N LYS A 267 58.96 -8.66 -88.37
CA LYS A 267 58.59 -7.43 -89.04
C LYS A 267 59.39 -6.21 -88.58
N GLU A 268 59.89 -6.23 -87.36
CA GLU A 268 60.69 -5.11 -86.88
C GLU A 268 62.07 -5.14 -87.51
N ASN A 269 62.69 -6.32 -87.56
CA ASN A 269 64.01 -6.44 -88.16
C ASN A 269 63.99 -6.26 -89.67
N SER A 270 62.95 -6.76 -90.31
CA SER A 270 62.82 -6.68 -91.76
C SER A 270 62.89 -5.26 -92.30
N LYS A 271 62.88 -4.28 -91.39
CA LYS A 271 62.92 -2.87 -91.78
C LYS A 271 64.32 -2.46 -92.26
N HIS A 272 65.35 -3.14 -91.78
CA HIS A 272 66.71 -2.78 -92.19
C HIS A 272 67.55 -3.94 -92.71
N THR A 273 66.99 -5.15 -92.63
CA THR A 273 67.66 -6.35 -93.12
C THR A 273 66.58 -7.16 -93.81
N GLN A 274 66.92 -7.86 -94.89
CA GLN A 274 65.91 -8.66 -95.58
C GLN A 274 66.04 -10.13 -95.22
N PHE A 275 64.92 -10.81 -95.05
CA PHE A 275 64.92 -12.23 -94.69
C PHE A 275 64.21 -13.14 -95.68
N ILE A 276 64.81 -14.30 -95.96
CA ILE A 276 64.24 -15.32 -96.83
C ILE A 276 63.87 -16.43 -95.83
N VAL A 277 62.60 -16.56 -95.52
CA VAL A 277 62.13 -17.54 -94.53
C VAL A 277 61.49 -18.74 -95.16
N ILE A 278 62.00 -19.92 -94.87
CA ILE A 278 61.39 -21.13 -95.40
C ILE A 278 60.71 -21.82 -94.23
N THR A 279 59.39 -21.74 -94.20
CA THR A 279 58.57 -22.30 -93.14
C THR A 279 57.29 -22.90 -93.68
N HIS A 280 56.65 -23.73 -92.86
CA HIS A 280 55.38 -24.32 -93.26
C HIS A 280 54.36 -23.96 -92.19
N ASN A 281 54.70 -22.94 -91.41
CA ASN A 281 53.85 -22.43 -90.32
C ASN A 281 52.99 -21.27 -90.85
N LYS A 282 51.68 -21.47 -90.84
CA LYS A 282 50.78 -20.46 -91.37
C LYS A 282 50.82 -19.07 -90.71
N ILE A 283 51.24 -19.00 -89.45
CA ILE A 283 51.30 -17.70 -88.76
C ILE A 283 52.52 -16.92 -89.24
N VAL A 284 53.65 -17.60 -89.40
CA VAL A 284 54.87 -16.96 -89.84
C VAL A 284 54.70 -16.42 -91.25
N MET A 285 54.05 -17.21 -92.11
CA MET A 285 53.83 -16.80 -93.49
C MET A 285 53.13 -15.45 -93.60
N GLU A 286 52.53 -15.03 -92.49
CA GLU A 286 51.82 -13.76 -92.40
C GLU A 286 52.77 -12.57 -92.54
N ALA A 287 53.97 -12.72 -92.00
CA ALA A 287 54.96 -11.66 -92.03
C ALA A 287 55.53 -11.45 -93.43
N ALA A 288 55.37 -12.46 -94.27
CA ALA A 288 55.88 -12.41 -95.63
C ALA A 288 55.20 -11.36 -96.49
N ASP A 289 55.97 -10.69 -97.33
CA ASP A 289 55.44 -9.66 -98.23
C ASP A 289 55.34 -10.24 -99.62
N LEU A 290 56.04 -11.35 -99.81
CA LEU A 290 56.05 -12.08 -101.08
C LEU A 290 56.11 -13.57 -100.70
N LEU A 291 55.22 -14.37 -101.28
CA LEU A 291 55.19 -15.79 -100.98
C LEU A 291 55.45 -16.62 -102.21
N HIS A 292 56.24 -17.67 -102.08
CA HIS A 292 56.57 -18.55 -103.20
C HIS A 292 56.25 -19.98 -102.83
N GLY A 293 55.58 -20.69 -103.73
CA GLY A 293 55.26 -22.07 -103.47
C GLY A 293 56.04 -22.99 -104.37
N VAL A 294 56.60 -24.05 -103.80
CA VAL A 294 57.36 -25.02 -104.59
C VAL A 294 56.69 -26.37 -104.60
N THR A 295 56.71 -26.98 -105.79
CA THR A 295 56.12 -28.30 -106.06
C THR A 295 56.97 -29.07 -107.07
N MET A 296 56.99 -30.39 -106.93
CA MET A 296 57.78 -31.24 -107.82
C MET A 296 56.84 -32.22 -108.46
N VAL A 297 56.69 -32.18 -109.78
CA VAL A 297 55.78 -33.11 -110.44
C VAL A 297 56.49 -34.38 -110.83
N ASN A 298 57.42 -34.35 -111.76
CA ASN A 298 58.10 -35.60 -112.02
C ASN A 298 59.31 -35.53 -111.11
N GLY A 299 60.45 -35.16 -111.69
CA GLY A 299 61.66 -35.03 -110.90
C GLY A 299 61.96 -33.56 -111.07
N VAL A 300 61.01 -32.85 -111.68
CA VAL A 300 61.13 -31.43 -111.93
C VAL A 300 60.35 -30.62 -110.87
N SER A 301 60.99 -29.57 -110.37
CA SER A 301 60.36 -28.71 -109.36
C SER A 301 59.91 -27.39 -110.02
N ALA A 302 59.01 -26.66 -109.36
CA ALA A 302 58.53 -25.40 -109.89
C ALA A 302 58.15 -24.41 -108.77
N ILE A 303 58.47 -23.12 -108.99
CA ILE A 303 58.18 -22.06 -108.03
C ILE A 303 57.17 -21.09 -108.62
N VAL A 304 56.14 -20.77 -107.86
CA VAL A 304 55.12 -19.88 -108.32
C VAL A 304 54.58 -19.00 -107.20
N PRO A 305 54.86 -17.69 -107.24
CA PRO A 305 54.35 -16.81 -106.19
C PRO A 305 52.82 -17.02 -106.05
N VAL A 306 52.40 -17.41 -104.85
CA VAL A 306 51.00 -17.69 -104.56
C VAL A 306 50.44 -16.64 -103.64
N GLU A 307 49.19 -16.83 -103.20
CA GLU A 307 48.61 -15.83 -102.33
C GLU A 307 48.00 -16.36 -101.02
N VAL A 308 48.38 -15.75 -99.91
CA VAL A 308 47.87 -16.16 -98.59
C VAL A 308 46.36 -15.88 -98.48
N MET B 1 40.50 0.59 -64.00
CA MET B 1 41.98 0.42 -64.13
C MET B 1 42.67 0.49 -62.78
N ARG B 2 43.61 -0.43 -62.55
CA ARG B 2 44.31 -0.46 -61.29
C ARG B 2 45.81 -0.54 -61.46
N LEU B 3 46.52 -0.07 -60.44
CA LEU B 3 47.97 -0.12 -60.41
C LEU B 3 48.20 -1.53 -59.85
N LYS B 4 48.99 -2.32 -60.56
CA LYS B 4 49.23 -3.69 -60.11
C LYS B 4 50.61 -4.00 -59.61
N LYS B 5 51.63 -3.39 -60.23
CA LYS B 5 53.00 -3.63 -59.82
C LYS B 5 53.93 -2.43 -60.01
N LEU B 6 54.88 -2.29 -59.07
CA LEU B 6 55.89 -1.21 -59.10
C LEU B 6 57.23 -1.94 -59.09
N TYR B 7 58.18 -1.50 -59.92
CA TYR B 7 59.50 -2.13 -59.96
C TYR B 7 60.58 -1.06 -59.88
N LEU B 8 61.43 -1.19 -58.89
CA LEU B 8 62.53 -0.25 -58.68
C LEU B 8 63.86 -0.92 -58.92
N LYS B 9 64.86 -0.12 -59.30
CA LYS B 9 66.20 -0.65 -59.56
C LYS B 9 67.15 0.49 -59.88
N GLY B 10 67.85 0.96 -58.84
CA GLY B 10 68.81 2.05 -59.02
C GLY B 10 68.16 3.40 -58.86
N PHE B 11 66.98 3.43 -58.23
CA PHE B 11 66.29 4.69 -58.03
C PHE B 11 66.40 5.14 -56.58
N LYS B 12 67.08 6.27 -56.38
CA LYS B 12 67.28 6.82 -55.05
C LYS B 12 67.75 5.75 -54.06
N SER B 13 67.15 5.69 -52.88
CA SER B 13 67.62 4.73 -51.89
C SER B 13 67.49 3.24 -52.20
N PHE B 14 66.88 2.90 -53.34
CA PHE B 14 66.70 1.49 -53.70
C PHE B 14 67.81 1.01 -54.63
N GLY B 15 68.85 0.46 -54.03
CA GLY B 15 69.99 0.01 -54.81
C GLY B 15 69.79 -1.36 -55.41
N ARG B 16 69.05 -2.21 -54.70
CA ARG B 16 68.79 -3.56 -55.18
C ARG B 16 67.40 -3.60 -55.81
N PRO B 17 67.21 -4.47 -56.82
CA PRO B 17 65.96 -4.67 -57.56
C PRO B 17 64.80 -4.95 -56.65
N SER B 18 63.83 -4.03 -56.59
CA SER B 18 62.66 -4.21 -55.74
C SER B 18 61.36 -4.39 -56.52
N LEU B 19 60.47 -5.22 -55.99
CA LEU B 19 59.21 -5.49 -56.66
C LEU B 19 58.03 -5.47 -55.69
N ILE B 20 57.15 -4.49 -55.86
CA ILE B 20 55.96 -4.35 -55.01
C ILE B 20 54.63 -4.70 -55.72
N GLY B 21 53.73 -5.35 -55.01
CA GLY B 21 52.43 -5.67 -55.56
C GLY B 21 51.41 -4.79 -54.86
N PHE B 22 50.25 -4.58 -55.47
CA PHE B 22 49.22 -3.75 -54.85
C PHE B 22 47.85 -4.42 -54.80
N SER B 23 47.13 -4.19 -53.71
CA SER B 23 45.80 -4.74 -53.54
C SER B 23 44.84 -3.94 -54.40
N ASP B 24 43.72 -4.55 -54.75
CA ASP B 24 42.71 -3.86 -55.56
C ASP B 24 42.07 -2.79 -54.69
N ARG B 25 42.30 -2.91 -53.39
CA ARG B 25 41.74 -1.96 -52.45
C ARG B 25 42.80 -1.17 -51.71
N VAL B 26 42.87 -1.36 -50.40
CA VAL B 26 43.84 -0.65 -49.59
C VAL B 26 45.16 -1.39 -49.45
N THR B 27 46.24 -0.69 -49.80
CA THR B 27 47.59 -1.25 -49.68
C THR B 27 48.30 -0.27 -48.77
N ALA B 28 48.89 -0.77 -47.69
CA ALA B 28 49.60 0.09 -46.75
C ALA B 28 51.11 -0.11 -46.77
N ILE B 29 51.82 1.00 -46.91
CA ILE B 29 53.27 0.99 -46.91
C ILE B 29 53.73 1.54 -45.56
N VAL B 30 54.32 0.65 -44.76
CA VAL B 30 54.76 1.01 -43.42
C VAL B 30 56.27 0.88 -43.24
N GLY B 31 56.80 1.60 -42.25
CA GLY B 31 58.22 1.51 -41.99
C GLY B 31 58.79 2.66 -41.18
N PRO B 32 59.97 2.47 -40.53
CA PRO B 32 60.70 3.45 -39.71
C PRO B 32 60.87 4.76 -40.44
N ASN B 33 61.35 5.79 -39.74
CA ASN B 33 61.52 7.12 -40.33
C ASN B 33 62.43 7.20 -41.57
N GLY B 34 63.65 6.65 -41.47
CA GLY B 34 64.54 6.69 -42.62
C GLY B 34 63.90 5.89 -43.74
N SER B 35 64.30 4.62 -43.83
CA SER B 35 63.77 3.65 -44.81
C SER B 35 63.59 4.10 -46.26
N GLY B 36 62.80 5.16 -46.48
CA GLY B 36 62.58 5.65 -47.83
C GLY B 36 61.22 5.24 -48.37
N LYS B 37 60.25 5.15 -47.47
CA LYS B 37 58.87 4.79 -47.82
C LYS B 37 58.38 5.82 -48.86
N SER B 38 58.73 7.08 -48.63
CA SER B 38 58.34 8.17 -49.52
C SER B 38 59.05 8.11 -50.86
N ASN B 39 60.19 7.40 -50.92
CA ASN B 39 60.91 7.27 -52.18
C ASN B 39 60.07 6.47 -53.17
N ILE B 40 59.17 5.65 -52.64
CA ILE B 40 58.28 4.85 -53.46
C ILE B 40 57.28 5.75 -54.21
N ILE B 41 56.70 6.74 -53.52
CA ILE B 41 55.79 7.67 -54.18
C ILE B 41 56.60 8.48 -55.20
N ASP B 42 57.80 8.91 -54.82
CA ASP B 42 58.65 9.70 -55.70
C ASP B 42 58.86 8.96 -57.01
N ALA B 43 59.11 7.65 -56.91
CA ALA B 43 59.34 6.84 -58.10
C ALA B 43 58.13 6.92 -59.02
N ILE B 44 56.93 6.85 -58.45
CA ILE B 44 55.70 6.92 -59.22
C ILE B 44 55.59 8.23 -60.02
N LYS B 45 55.88 9.36 -59.37
CA LYS B 45 55.83 10.64 -60.05
C LYS B 45 56.95 10.75 -61.08
N TRP B 46 58.11 10.20 -60.75
CA TRP B 46 59.27 10.22 -61.64
C TRP B 46 59.00 9.51 -62.98
N VAL B 47 58.38 8.34 -62.92
CA VAL B 47 58.10 7.56 -64.12
C VAL B 47 57.14 8.29 -65.06
N PHE B 48 56.47 9.31 -64.54
CA PHE B 48 55.59 10.14 -65.35
C PHE B 48 56.35 11.48 -65.53
N GLY B 49 55.71 12.58 -65.19
CA GLY B 49 56.37 13.88 -65.33
C GLY B 49 57.43 14.18 -64.28
N GLU B 50 56.99 14.60 -63.10
CA GLU B 50 57.85 14.98 -61.97
C GLU B 50 59.13 14.21 -61.73
N LYS B 61 72.21 16.55 -61.27
CA LYS B 61 71.17 15.89 -62.08
C LYS B 61 71.01 14.39 -61.80
N PHE B 62 72.07 13.63 -62.06
CA PHE B 62 72.03 12.19 -61.85
C PHE B 62 72.01 11.80 -60.37
N ASP B 63 71.59 12.72 -59.50
CA ASP B 63 71.50 12.45 -58.07
C ASP B 63 70.17 11.76 -57.73
N MET B 64 69.30 11.66 -58.74
CA MET B 64 68.02 10.98 -58.61
C MET B 64 68.33 9.49 -58.76
N ILE B 65 69.51 9.22 -59.30
CA ILE B 65 70.01 7.87 -59.49
C ILE B 65 70.79 7.46 -58.24
N PHE B 66 70.48 6.27 -57.73
CA PHE B 66 71.16 5.69 -56.57
C PHE B 66 72.67 5.93 -56.69
N ALA B 67 73.24 6.53 -55.65
CA ALA B 67 74.67 6.84 -55.64
C ALA B 67 75.57 5.80 -55.00
N GLY B 68 75.06 4.99 -54.09
CA GLY B 68 75.95 4.00 -53.51
C GLY B 68 75.72 3.58 -52.06
N SER B 69 76.35 2.47 -51.69
CA SER B 69 76.25 1.93 -50.36
C SER B 69 77.63 1.46 -49.91
N GLU B 70 77.71 1.08 -48.63
CA GLU B 70 78.93 0.57 -48.03
C GLU B 70 79.51 -0.58 -48.87
N ASN B 71 78.71 -1.12 -49.79
CA ASN B 71 79.16 -2.19 -50.68
C ASN B 71 78.22 -2.42 -51.87
N LEU B 72 77.86 -1.33 -52.52
CA LEU B 72 77.01 -1.33 -53.69
C LEU B 72 77.50 -0.17 -54.54
N PRO B 73 78.22 -0.47 -55.61
CA PRO B 73 78.72 0.61 -56.47
C PRO B 73 77.60 1.52 -56.96
N PRO B 74 77.93 2.77 -57.32
CA PRO B 74 76.81 3.58 -57.79
C PRO B 74 76.12 2.91 -58.98
N ALA B 75 74.79 2.90 -58.94
CA ALA B 75 73.98 2.30 -59.98
C ALA B 75 74.28 2.97 -61.32
N GLY B 76 74.26 2.17 -62.39
CA GLY B 76 74.52 2.69 -63.72
C GLY B 76 73.42 3.61 -64.22
N SER B 77 72.20 3.29 -63.82
CA SER B 77 71.02 4.05 -64.21
C SER B 77 69.89 3.83 -63.22
N ALA B 78 68.90 4.70 -63.29
CA ALA B 78 67.71 4.60 -62.44
C ALA B 78 66.66 3.98 -63.36
N TYR B 79 65.95 2.98 -62.88
CA TYR B 79 64.93 2.33 -63.71
C TYR B 79 63.66 2.10 -62.90
N VAL B 80 62.55 2.65 -63.37
CA VAL B 80 61.28 2.49 -62.66
C VAL B 80 60.24 1.97 -63.64
N GLU B 81 59.35 1.10 -63.17
CA GLU B 81 58.31 0.54 -64.02
C GLU B 81 56.99 0.24 -63.31
N LEU B 82 55.90 0.72 -63.91
CA LEU B 82 54.57 0.48 -63.36
C LEU B 82 53.78 -0.45 -64.30
N VAL B 83 52.90 -1.25 -63.71
CA VAL B 83 52.08 -2.14 -64.52
C VAL B 83 50.62 -2.02 -64.10
N PHE B 84 49.81 -1.43 -64.97
CA PHE B 84 48.38 -1.27 -64.72
C PHE B 84 47.65 -2.38 -65.47
N GLU B 85 46.37 -2.53 -65.16
CA GLU B 85 45.53 -3.50 -65.85
C GLU B 85 44.18 -2.83 -66.13
N GLU B 86 43.78 -2.86 -67.40
CA GLU B 86 42.54 -2.25 -67.87
C GLU B 86 41.42 -3.30 -67.82
N ASN B 87 41.03 -3.80 -68.98
CA ASN B 87 39.99 -4.79 -69.03
C ASN B 87 40.70 -6.11 -69.23
N GLY B 88 41.23 -6.65 -68.14
CA GLY B 88 41.97 -7.90 -68.25
C GLY B 88 43.21 -7.65 -69.08
N GLU B 89 43.44 -6.38 -69.38
CA GLU B 89 44.59 -5.95 -70.17
C GLU B 89 45.71 -5.42 -69.28
N GLU B 90 46.93 -5.38 -69.81
CA GLU B 90 48.06 -4.86 -69.04
C GLU B 90 48.71 -3.69 -69.74
N ILE B 91 48.84 -2.57 -69.03
CA ILE B 91 49.47 -1.38 -69.59
C ILE B 91 50.76 -1.22 -68.80
N THR B 92 51.89 -1.19 -69.49
CA THR B 92 53.19 -1.05 -68.82
C THR B 92 53.89 0.26 -69.16
N VAL B 93 54.20 1.03 -68.11
CA VAL B 93 54.89 2.29 -68.27
C VAL B 93 56.24 2.20 -67.57
N ALA B 94 57.30 2.68 -68.22
CA ALA B 94 58.64 2.64 -67.64
C ALA B 94 59.51 3.79 -68.09
N ARG B 95 60.49 4.12 -67.26
CA ARG B 95 61.43 5.19 -67.56
C ARG B 95 62.83 4.82 -67.11
N GLU B 96 63.82 5.11 -67.95
CA GLU B 96 65.22 4.82 -67.60
C GLU B 96 66.18 5.98 -67.87
N LEU B 97 66.82 6.48 -66.81
CA LEU B 97 67.78 7.58 -66.92
C LEU B 97 69.17 7.00 -66.69
N LYS B 98 70.02 7.02 -67.72
CA LYS B 98 71.37 6.49 -67.59
C LYS B 98 72.34 7.54 -67.10
N ARG B 99 73.44 7.09 -66.49
CA ARG B 99 74.46 8.01 -66.00
C ARG B 99 75.05 8.81 -67.17
N THR B 100 75.08 8.18 -68.35
CA THR B 100 75.60 8.83 -69.55
C THR B 100 74.79 10.10 -69.85
N GLY B 101 73.52 10.12 -69.44
CA GLY B 101 72.66 11.29 -69.66
C GLY B 101 71.41 10.93 -70.46
N GLU B 102 71.47 9.77 -71.11
CA GLU B 102 70.39 9.25 -71.94
C GLU B 102 69.11 8.85 -71.20
N ASN B 103 68.10 9.73 -71.25
CA ASN B 103 66.80 9.49 -70.60
C ASN B 103 65.80 8.92 -71.63
N THR B 104 64.96 7.97 -71.21
CA THR B 104 64.01 7.38 -72.15
C THR B 104 62.75 6.74 -71.51
N TYR B 105 61.59 6.98 -72.12
CA TYR B 105 60.33 6.43 -71.63
C TYR B 105 59.87 5.24 -72.47
N TYR B 106 59.06 4.38 -71.89
CA TYR B 106 58.54 3.20 -72.59
C TYR B 106 57.05 2.99 -72.33
N LEU B 107 56.38 2.42 -73.31
CA LEU B 107 54.97 2.12 -73.16
C LEU B 107 54.79 0.77 -73.84
N ASN B 108 54.51 -0.24 -73.03
CA ASN B 108 54.33 -1.60 -73.50
C ASN B 108 55.49 -2.15 -74.30
N GLY B 109 56.70 -1.85 -73.84
CA GLY B 109 57.89 -2.35 -74.50
C GLY B 109 58.45 -1.49 -75.61
N SER B 110 57.77 -0.39 -75.95
CA SER B 110 58.26 0.44 -77.03
C SER B 110 58.69 1.82 -76.59
N PRO B 111 59.88 2.26 -77.02
CA PRO B 111 60.35 3.59 -76.63
C PRO B 111 59.30 4.57 -77.12
N VAL B 112 59.02 5.58 -76.31
CA VAL B 112 58.01 6.52 -76.71
C VAL B 112 58.19 7.88 -76.05
N ARG B 113 57.59 8.90 -76.65
CA ARG B 113 57.66 10.27 -76.17
C ARG B 113 56.92 10.39 -74.82
N LEU B 114 57.37 11.30 -73.95
CA LEU B 114 56.70 11.44 -72.65
C LEU B 114 55.23 11.77 -72.87
N LYS B 115 54.97 12.66 -73.82
CA LYS B 115 53.61 13.08 -74.13
C LYS B 115 52.71 11.86 -74.35
N ASP B 116 53.25 10.82 -74.99
CA ASP B 116 52.49 9.62 -75.25
C ASP B 116 52.04 8.93 -73.96
N ILE B 117 52.86 9.00 -72.93
CA ILE B 117 52.52 8.38 -71.65
C ILE B 117 51.37 9.19 -71.06
N ARG B 118 51.53 10.51 -71.02
CA ARG B 118 50.51 11.42 -70.48
C ARG B 118 49.15 11.22 -71.12
N ASP B 119 49.15 11.10 -72.45
CA ASP B 119 47.94 10.90 -73.21
C ASP B 119 47.24 9.59 -72.83
N ARG B 120 48.00 8.50 -72.76
CA ARG B 120 47.43 7.22 -72.40
C ARG B 120 46.70 7.24 -71.05
N PHE B 121 47.05 8.20 -70.19
CA PHE B 121 46.40 8.33 -68.88
C PHE B 121 45.72 9.71 -68.76
N ALA B 122 44.64 9.87 -69.53
CA ALA B 122 43.90 11.12 -69.60
C ALA B 122 43.25 11.62 -68.30
N GLY B 123 42.09 11.06 -67.97
CA GLY B 123 41.37 11.49 -66.78
C GLY B 123 41.96 11.04 -65.46
N THR B 124 43.23 11.33 -65.25
CA THR B 124 43.95 10.96 -64.03
C THR B 124 44.93 12.07 -63.75
N GLY B 125 45.35 12.23 -62.50
CA GLY B 125 46.31 13.28 -62.18
C GLY B 125 47.67 12.98 -62.78
N LEU B 126 47.90 11.70 -63.01
CA LEU B 126 49.15 11.20 -63.56
C LEU B 126 49.68 11.99 -64.75
N GLY B 127 50.91 12.48 -64.61
CA GLY B 127 51.55 13.25 -65.66
C GLY B 127 51.53 14.76 -65.47
N VAL B 128 50.34 15.30 -65.26
CA VAL B 128 50.17 16.74 -65.09
C VAL B 128 50.36 17.26 -63.65
N ASP B 129 49.25 17.49 -62.95
CA ASP B 129 49.29 18.02 -61.59
C ASP B 129 49.30 17.01 -60.45
N PHE B 130 49.03 15.74 -60.75
CA PHE B 130 49.04 14.70 -59.71
C PHE B 130 48.11 14.99 -58.53
N TYR B 131 46.81 15.02 -58.77
CA TYR B 131 45.90 15.27 -57.67
C TYR B 131 45.61 13.95 -56.94
N SER B 132 46.12 12.85 -57.50
CA SER B 132 45.95 11.52 -56.93
C SER B 132 46.83 11.33 -55.69
N ILE B 133 47.95 12.05 -55.67
CA ILE B 133 48.89 11.99 -54.54
C ILE B 133 48.50 13.12 -53.60
N VAL B 134 47.98 12.77 -52.43
CA VAL B 134 47.54 13.76 -51.46
C VAL B 134 48.23 13.64 -50.10
N GLY B 135 48.69 14.77 -49.57
CA GLY B 135 49.35 14.77 -48.28
C GLY B 135 48.63 15.69 -47.30
N GLN B 136 49.11 15.69 -46.05
CA GLN B 136 48.53 16.51 -44.99
C GLN B 136 48.34 17.95 -45.44
N GLY B 137 49.21 18.41 -46.33
CA GLY B 137 49.12 19.76 -46.85
C GLY B 137 47.85 20.02 -47.62
N GLN B 138 47.68 19.32 -48.75
CA GLN B 138 46.50 19.47 -49.60
C GLN B 138 45.20 19.34 -48.81
N ILE B 139 45.21 18.51 -47.78
CA ILE B 139 44.02 18.33 -46.94
C ILE B 139 43.64 19.68 -46.35
N ASP B 140 44.62 20.37 -45.77
CA ASP B 140 44.42 21.67 -45.15
C ASP B 140 44.07 22.76 -46.14
N ARG B 141 44.73 22.75 -47.30
CA ARG B 141 44.48 23.74 -48.33
C ARG B 141 43.16 23.55 -49.09
N ILE B 142 42.51 22.40 -48.90
CA ILE B 142 41.23 22.14 -49.54
C ILE B 142 40.13 22.53 -48.56
N VAL B 143 40.44 22.43 -47.27
CA VAL B 143 39.50 22.78 -46.21
C VAL B 143 39.47 24.29 -46.01
N ASN B 144 40.47 24.97 -46.59
CA ASN B 144 40.58 26.43 -46.47
C ASN B 144 40.60 27.14 -47.84
N ALA B 145 40.00 26.51 -48.85
CA ALA B 145 39.94 27.07 -50.20
C ALA B 145 38.59 27.73 -50.47
N TYR B 167 28.78 18.71 -59.29
CA TYR B 167 28.71 19.45 -58.03
C TYR B 167 27.71 18.84 -57.04
N GLN B 168 26.43 18.80 -57.43
CA GLN B 168 25.38 18.24 -56.58
C GLN B 168 25.88 16.91 -56.01
N ARG B 169 26.67 16.21 -56.82
CA ARG B 169 27.25 14.93 -56.45
C ARG B 169 28.33 15.08 -55.38
N VAL B 170 29.08 16.17 -55.44
CA VAL B 170 30.13 16.42 -54.45
C VAL B 170 29.47 16.64 -53.09
N ASN B 171 28.49 17.54 -53.07
CA ASN B 171 27.77 17.88 -51.87
C ASN B 171 26.99 16.66 -51.38
N GLU B 172 26.42 15.93 -52.33
CA GLU B 172 25.63 14.75 -52.02
C GLU B 172 26.48 13.64 -51.41
N SER B 173 27.70 13.45 -51.94
CA SER B 173 28.62 12.42 -51.45
C SER B 173 29.22 12.83 -50.11
N PHE B 174 29.46 14.12 -49.98
CA PHE B 174 30.01 14.64 -48.75
C PHE B 174 29.08 14.27 -47.60
N ASN B 175 27.78 14.40 -47.84
CA ASN B 175 26.79 14.09 -46.83
C ASN B 175 26.86 12.63 -46.41
N ARG B 176 26.79 11.73 -47.40
CA ARG B 176 26.83 10.30 -47.15
C ARG B 176 28.02 9.88 -46.26
N PHE B 177 29.19 10.47 -46.53
CA PHE B 177 30.41 10.17 -45.78
C PHE B 177 30.39 10.71 -44.34
N ILE B 178 29.81 11.88 -44.16
CA ILE B 178 29.72 12.47 -42.84
C ILE B 178 28.80 11.59 -41.97
N SER B 179 27.72 11.08 -42.56
CA SER B 179 26.78 10.21 -41.84
C SER B 179 27.50 8.93 -41.44
N LEU B 180 28.24 8.36 -42.39
CA LEU B 180 28.98 7.13 -42.15
C LEU B 180 29.96 7.35 -40.99
N LEU B 181 30.62 8.51 -40.98
CA LEU B 181 31.58 8.85 -39.94
C LEU B 181 31.02 8.91 -38.53
N PHE B 182 29.87 9.58 -38.37
CA PHE B 182 29.24 9.75 -37.06
C PHE B 182 27.99 8.90 -36.80
N PHE B 183 27.69 7.98 -37.70
CA PHE B 183 26.53 7.11 -37.56
C PHE B 183 25.18 7.83 -37.60
N GLY B 184 25.01 8.82 -38.48
CA GLY B 184 23.71 9.44 -38.56
C GLY B 184 23.51 10.89 -38.90
N GLY B 185 24.51 11.72 -38.66
CA GLY B 185 24.34 13.15 -38.93
C GLY B 185 24.03 13.59 -40.34
N GLU B 186 24.56 14.76 -40.69
CA GLU B 186 24.43 15.34 -42.02
C GLU B 186 25.63 16.24 -42.27
N GLY B 187 25.93 16.48 -43.54
CA GLY B 187 27.05 17.33 -43.90
C GLY B 187 26.57 18.27 -44.98
N ARG B 188 26.94 19.54 -44.90
CA ARG B 188 26.51 20.51 -45.90
C ARG B 188 27.63 21.37 -46.48
N LEU B 189 27.54 21.61 -47.78
CA LEU B 189 28.51 22.44 -48.52
C LEU B 189 27.80 23.58 -49.25
N GLU B 204 32.05 27.01 -47.07
CA GLU B 204 31.49 26.81 -45.72
C GLU B 204 30.94 25.42 -45.46
N ILE B 205 31.38 24.82 -44.35
CA ILE B 205 30.96 23.47 -43.98
C ILE B 205 30.14 23.42 -42.71
N SER B 206 29.05 22.65 -42.77
CA SER B 206 28.14 22.45 -41.64
C SER B 206 28.06 20.96 -41.36
N ILE B 207 28.21 20.61 -40.09
CA ILE B 207 28.15 19.22 -39.69
C ILE B 207 27.20 19.03 -38.54
N ARG B 208 26.12 18.30 -38.78
CA ARG B 208 25.14 18.05 -37.74
C ARG B 208 25.20 16.61 -37.24
N LYS B 209 25.68 16.42 -36.00
CA LYS B 209 25.75 15.08 -35.43
C LYS B 209 24.35 14.54 -35.15
N PRO B 210 24.19 13.20 -35.04
CA PRO B 210 22.90 12.56 -34.78
C PRO B 210 21.93 13.22 -33.79
N GLY B 211 22.04 12.91 -32.50
CA GLY B 211 21.12 13.52 -31.56
C GLY B 211 21.26 15.03 -31.37
N ARG B 212 22.09 15.68 -32.20
CA ARG B 212 22.31 17.11 -32.08
C ARG B 212 21.72 18.04 -33.12
N ARG B 213 22.12 19.30 -33.02
CA ARG B 213 21.66 20.37 -33.89
C ARG B 213 22.79 20.82 -34.84
N ASP B 214 22.43 21.54 -35.90
CA ASP B 214 23.43 22.00 -36.86
C ASP B 214 24.67 22.60 -36.18
N GLN B 215 25.79 22.65 -36.89
CA GLN B 215 27.03 23.18 -36.31
C GLN B 215 28.02 23.65 -37.40
N LYS B 216 28.85 24.63 -37.06
CA LYS B 216 29.85 25.15 -38.01
C LYS B 216 31.19 24.45 -37.79
N LEU B 217 31.80 24.00 -38.87
CA LEU B 217 33.10 23.30 -38.80
C LEU B 217 34.04 24.00 -37.81
N SER B 218 33.92 25.32 -37.76
CA SER B 218 34.73 26.18 -36.89
C SER B 218 34.88 25.69 -35.44
N LEU B 219 33.75 25.53 -34.76
CA LEU B 219 33.78 25.08 -33.36
C LEU B 219 33.71 23.57 -33.20
N LEU B 220 34.37 22.85 -34.10
CA LEU B 220 34.40 21.40 -34.04
C LEU B 220 35.76 20.96 -33.46
N SER B 221 35.85 19.72 -32.98
CA SER B 221 37.09 19.22 -32.42
C SER B 221 38.24 19.36 -33.42
N GLY B 222 39.47 19.19 -32.95
CA GLY B 222 40.60 19.29 -33.85
C GLY B 222 40.72 18.03 -34.70
N GLY B 223 40.71 16.87 -34.03
CA GLY B 223 40.82 15.61 -34.75
C GLY B 223 39.58 15.36 -35.59
N GLU B 224 38.47 15.97 -35.19
CA GLU B 224 37.21 15.81 -35.91
C GLU B 224 37.29 16.61 -37.22
N LYS B 225 37.84 17.82 -37.15
CA LYS B 225 37.98 18.67 -38.34
C LYS B 225 38.79 17.89 -39.39
N ALA B 226 39.78 17.15 -38.92
CA ALA B 226 40.63 16.35 -39.78
C ALA B 226 39.78 15.34 -40.54
N LEU B 227 38.91 14.68 -39.79
CA LEU B 227 38.02 13.67 -40.34
C LEU B 227 37.18 14.26 -41.45
N VAL B 228 36.45 15.32 -41.16
CA VAL B 228 35.60 15.94 -42.17
C VAL B 228 36.42 16.40 -43.38
N GLY B 229 37.69 16.75 -43.15
CA GLY B 229 38.55 17.18 -44.25
C GLY B 229 38.73 16.01 -45.20
N LEU B 230 39.07 14.86 -44.61
CA LEU B 230 39.26 13.65 -45.39
C LEU B 230 37.98 13.31 -46.11
N ALA B 231 36.86 13.59 -45.45
CA ALA B 231 35.55 13.32 -46.02
C ALA B 231 35.35 14.17 -47.29
N LEU B 232 35.82 15.41 -47.24
CA LEU B 232 35.70 16.31 -48.37
C LEU B 232 36.55 15.82 -49.53
N LEU B 233 37.80 15.42 -49.22
CA LEU B 233 38.70 14.93 -50.24
C LEU B 233 38.05 13.76 -50.97
N PHE B 234 37.51 12.81 -50.21
CA PHE B 234 36.86 11.63 -50.78
C PHE B 234 35.68 12.02 -51.67
N ALA B 235 34.95 13.06 -51.26
CA ALA B 235 33.80 13.52 -52.01
C ALA B 235 34.24 14.14 -53.34
N LEU B 236 35.29 14.94 -53.29
CA LEU B 236 35.81 15.60 -54.48
C LEU B 236 36.34 14.63 -55.52
N MET B 237 36.55 13.38 -55.12
CA MET B 237 37.04 12.37 -56.05
C MET B 237 35.98 12.10 -57.13
N GLU B 238 34.81 12.73 -56.98
CA GLU B 238 33.72 12.57 -57.93
C GLU B 238 34.02 13.33 -59.21
N ILE B 239 34.83 14.37 -59.09
CA ILE B 239 35.19 15.19 -60.24
C ILE B 239 36.71 15.15 -60.46
N LYS B 240 37.39 14.34 -59.66
CA LYS B 240 38.82 14.12 -59.74
C LYS B 240 39.07 12.62 -59.85
N PRO B 241 38.54 11.97 -60.90
CA PRO B 241 38.73 10.53 -61.07
C PRO B 241 40.20 10.13 -61.22
N SER B 242 40.50 8.87 -60.89
CA SER B 242 41.85 8.34 -60.99
C SER B 242 41.84 6.88 -60.59
N PRO B 243 42.72 6.07 -61.19
CA PRO B 243 42.80 4.64 -60.87
C PRO B 243 43.09 4.41 -59.40
N PHE B 244 44.07 5.14 -58.88
CA PHE B 244 44.44 5.00 -57.49
C PHE B 244 44.69 6.36 -56.86
N TYR B 245 44.67 6.38 -55.54
CA TYR B 245 44.90 7.58 -54.74
C TYR B 245 45.94 7.25 -53.68
N VAL B 246 46.85 8.18 -53.42
CA VAL B 246 47.88 7.96 -52.40
C VAL B 246 47.63 8.87 -51.22
N LEU B 247 47.53 8.29 -50.04
CA LEU B 247 47.30 9.07 -48.84
C LEU B 247 48.61 9.02 -48.03
N ASP B 248 49.35 10.12 -48.11
CA ASP B 248 50.64 10.25 -47.44
C ASP B 248 50.58 10.82 -46.02
N GLU B 249 50.59 9.94 -45.01
CA GLU B 249 50.55 10.36 -43.60
C GLU B 249 49.43 11.37 -43.27
N VAL B 250 48.19 10.97 -43.52
CA VAL B 250 47.05 11.85 -43.28
C VAL B 250 46.27 11.51 -42.02
N ASP B 251 46.93 10.83 -41.09
CA ASP B 251 46.28 10.41 -39.85
C ASP B 251 46.97 10.94 -38.60
N SER B 252 47.80 11.95 -38.76
CA SER B 252 48.51 12.52 -37.63
C SER B 252 47.52 13.03 -36.59
N PRO B 253 46.69 14.02 -36.96
CA PRO B 253 45.71 14.58 -36.02
C PRO B 253 44.63 13.61 -35.49
N LEU B 254 44.63 12.40 -36.04
CA LEU B 254 43.64 11.39 -35.64
C LEU B 254 44.09 10.57 -34.45
N ASP B 255 43.27 10.58 -33.41
CA ASP B 255 43.57 9.79 -32.21
C ASP B 255 42.95 8.42 -32.43
N ASP B 256 43.05 7.55 -31.43
CA ASP B 256 42.50 6.21 -31.59
C ASP B 256 41.02 6.10 -31.95
N TYR B 257 40.19 6.96 -31.38
CA TYR B 257 38.76 6.92 -31.67
C TYR B 257 38.48 7.40 -33.08
N ASN B 258 39.06 8.54 -33.45
CA ASN B 258 38.85 9.08 -34.79
C ASN B 258 39.47 8.17 -35.83
N ALA B 259 40.60 7.56 -35.47
CA ALA B 259 41.29 6.64 -36.37
C ALA B 259 40.36 5.51 -36.76
N GLU B 260 39.62 5.00 -35.79
CA GLU B 260 38.69 3.91 -36.06
C GLU B 260 37.60 4.34 -37.05
N ARG B 261 37.30 5.64 -37.06
CA ARG B 261 36.30 6.18 -37.98
C ARG B 261 36.91 6.29 -39.37
N PHE B 262 38.13 6.80 -39.44
CA PHE B 262 38.80 6.93 -40.73
C PHE B 262 38.90 5.54 -41.35
N LYS B 263 39.10 4.53 -40.49
CA LYS B 263 39.22 3.16 -40.95
C LYS B 263 37.95 2.67 -41.63
N ARG B 264 36.81 3.01 -41.04
CA ARG B 264 35.51 2.61 -41.56
C ARG B 264 35.20 3.35 -42.88
N LEU B 265 35.68 4.59 -42.99
CA LEU B 265 35.46 5.39 -44.20
C LEU B 265 36.31 4.82 -45.33
N LEU B 266 37.57 4.58 -45.03
CA LEU B 266 38.50 4.04 -46.01
C LEU B 266 37.94 2.77 -46.66
N LYS B 267 37.46 1.84 -45.83
CA LYS B 267 36.91 0.59 -46.35
C LYS B 267 35.70 0.75 -47.25
N GLU B 268 34.95 1.83 -47.06
CA GLU B 268 33.78 2.06 -47.90
C GLU B 268 34.20 2.57 -49.27
N ASN B 269 35.16 3.49 -49.31
CA ASN B 269 35.65 4.02 -50.58
C ASN B 269 36.48 3.00 -51.37
N SER B 270 37.24 2.18 -50.65
CA SER B 270 38.10 1.17 -51.26
C SER B 270 37.34 0.19 -52.14
N LYS B 271 36.01 0.25 -52.09
CA LYS B 271 35.18 -0.63 -52.87
C LYS B 271 35.16 -0.27 -54.34
N HIS B 272 35.40 1.00 -54.66
CA HIS B 272 35.39 1.43 -56.06
C HIS B 272 36.61 2.22 -56.52
N THR B 273 37.51 2.47 -55.57
CA THR B 273 38.75 3.19 -55.85
C THR B 273 39.80 2.50 -55.00
N GLN B 274 41.03 2.41 -55.50
CA GLN B 274 42.07 1.76 -54.72
C GLN B 274 42.97 2.80 -54.08
N PHE B 275 43.39 2.53 -52.86
CA PHE B 275 44.25 3.46 -52.14
C PHE B 275 45.58 2.88 -51.69
N ILE B 276 46.64 3.68 -51.82
CA ILE B 276 47.98 3.30 -51.37
C ILE B 276 48.20 4.24 -50.18
N VAL B 277 48.06 3.70 -48.97
CA VAL B 277 48.21 4.46 -47.73
C VAL B 277 49.56 4.27 -47.04
N ILE B 278 50.27 5.37 -46.83
CA ILE B 278 51.55 5.29 -46.13
C ILE B 278 51.30 5.91 -44.75
N THR B 279 51.25 5.04 -43.75
CA THR B 279 51.00 5.45 -42.39
C THR B 279 51.79 4.60 -41.39
N HIS B 280 51.95 5.12 -40.17
CA HIS B 280 52.65 4.40 -39.12
C HIS B 280 51.68 4.23 -37.94
N ASN B 281 50.39 4.44 -38.25
CA ASN B 281 49.29 4.32 -37.29
C ASN B 281 48.73 2.89 -37.32
N LYS B 282 48.87 2.18 -36.21
CA LYS B 282 48.42 0.81 -36.15
C LYS B 282 46.94 0.53 -36.41
N ILE B 283 46.08 1.53 -36.17
CA ILE B 283 44.64 1.35 -36.41
C ILE B 283 44.34 1.40 -37.92
N VAL B 284 44.95 2.38 -38.61
CA VAL B 284 44.73 2.53 -40.05
C VAL B 284 45.22 1.28 -40.77
N MET B 285 46.39 0.79 -40.39
CA MET B 285 46.95 -0.40 -41.01
C MET B 285 45.97 -1.55 -41.05
N GLU B 286 44.93 -1.45 -40.23
CA GLU B 286 43.90 -2.48 -40.13
C GLU B 286 43.09 -2.58 -41.42
N ALA B 287 42.85 -1.43 -42.05
CA ALA B 287 42.07 -1.37 -43.29
C ALA B 287 42.81 -1.97 -44.47
N ALA B 288 44.13 -2.07 -44.35
CA ALA B 288 44.95 -2.61 -45.42
C ALA B 288 44.66 -4.07 -45.68
N ASP B 289 44.71 -4.44 -46.96
CA ASP B 289 44.47 -5.82 -47.37
C ASP B 289 45.80 -6.44 -47.73
N LEU B 290 46.79 -5.57 -47.93
CA LEU B 290 48.15 -5.98 -48.25
C LEU B 290 49.06 -4.98 -47.53
N LEU B 291 50.03 -5.49 -46.79
CA LEU B 291 50.95 -4.63 -46.05
C LEU B 291 52.39 -4.81 -46.52
N HIS B 292 53.09 -3.69 -46.66
CA HIS B 292 54.50 -3.71 -47.08
C HIS B 292 55.37 -2.97 -46.08
N GLY B 293 56.49 -3.61 -45.72
CA GLY B 293 57.40 -2.98 -44.78
C GLY B 293 58.70 -2.58 -45.45
N VAL B 294 59.12 -1.33 -45.23
CA VAL B 294 60.37 -0.85 -45.80
C VAL B 294 61.38 -0.55 -44.70
N THR B 295 62.61 -1.03 -44.88
CA THR B 295 63.65 -0.82 -43.89
C THR B 295 64.85 -0.17 -44.57
N MET B 296 65.90 0.06 -43.80
CA MET B 296 67.12 0.65 -44.32
C MET B 296 68.29 0.00 -43.60
N VAL B 297 69.18 -0.62 -44.36
CA VAL B 297 70.33 -1.28 -43.74
C VAL B 297 71.59 -0.42 -43.90
N ASN B 298 72.61 -0.92 -44.59
CA ASN B 298 73.84 -0.14 -44.74
C ASN B 298 73.65 1.14 -45.60
N GLY B 299 72.45 1.73 -45.55
CA GLY B 299 72.18 2.94 -46.34
C GLY B 299 71.28 2.63 -47.53
N VAL B 300 70.98 1.34 -47.67
CA VAL B 300 70.12 0.82 -48.75
C VAL B 300 68.71 0.41 -48.29
N SER B 301 67.73 0.79 -49.10
CA SER B 301 66.34 0.47 -48.83
C SER B 301 65.94 -0.91 -49.31
N ALA B 302 65.20 -1.60 -48.46
CA ALA B 302 64.71 -2.92 -48.78
C ALA B 302 63.22 -2.88 -48.51
N ILE B 303 62.53 -3.93 -48.96
CA ILE B 303 61.09 -4.07 -48.78
C ILE B 303 60.83 -5.53 -48.43
N VAL B 304 60.14 -5.79 -47.33
CA VAL B 304 59.83 -7.17 -46.96
C VAL B 304 58.51 -7.21 -46.22
N PRO B 305 57.41 -7.47 -46.96
CA PRO B 305 56.07 -7.52 -46.34
C PRO B 305 56.01 -8.15 -44.94
N VAL B 306 55.29 -7.45 -44.07
CA VAL B 306 55.10 -7.85 -42.68
C VAL B 306 53.60 -8.02 -42.40
N GLU B 307 53.24 -9.16 -41.82
CA GLU B 307 51.85 -9.50 -41.50
C GLU B 307 51.41 -8.83 -40.19
N VAL B 308 50.22 -8.20 -40.21
CA VAL B 308 49.68 -7.53 -39.01
C VAL B 308 49.37 -8.53 -37.89
N MET C 1 16.20 -1.41 -24.13
CA MET C 1 16.35 -0.37 -25.21
C MET C 1 15.38 0.79 -24.99
N ARG C 2 15.89 2.00 -25.13
CA ARG C 2 15.07 3.20 -24.95
C ARG C 2 15.16 4.22 -26.07
N LEU C 3 14.07 4.98 -26.25
CA LEU C 3 14.03 6.03 -27.25
C LEU C 3 14.72 7.17 -26.51
N LYS C 4 15.75 7.75 -27.13
CA LYS C 4 16.46 8.83 -26.47
C LYS C 4 16.32 10.21 -27.07
N LYS C 5 16.23 10.29 -28.40
CA LYS C 5 16.06 11.58 -29.05
C LYS C 5 15.23 11.55 -30.32
N LEU C 6 14.48 12.62 -30.57
CA LEU C 6 13.67 12.76 -31.77
C LEU C 6 14.15 14.04 -32.42
N TYR C 7 14.37 14.03 -33.73
CA TYR C 7 14.81 15.23 -34.44
C TYR C 7 13.91 15.51 -35.64
N LEU C 8 13.30 16.69 -35.67
CA LEU C 8 12.42 17.06 -36.78
C LEU C 8 13.05 18.16 -37.60
N LYS C 9 12.57 18.35 -38.83
CA LYS C 9 13.10 19.37 -39.72
C LYS C 9 12.43 19.31 -41.10
N GLY C 10 11.38 20.08 -41.27
CA GLY C 10 10.69 20.08 -42.54
C GLY C 10 9.56 19.08 -42.58
N PHE C 11 9.21 18.53 -41.40
CA PHE C 11 8.13 17.55 -41.31
C PHE C 11 6.83 18.15 -40.81
N LYS C 12 5.83 18.17 -41.69
CA LYS C 12 4.51 18.74 -41.36
C LYS C 12 4.61 20.14 -40.72
N SER C 13 3.89 20.38 -39.63
CA SER C 13 3.94 21.70 -39.01
C SER C 13 5.31 22.14 -38.43
N PHE C 14 6.31 21.27 -38.43
CA PHE C 14 7.61 21.67 -37.89
C PHE C 14 8.55 22.22 -38.96
N GLY C 15 8.48 23.53 -39.20
CA GLY C 15 9.31 24.13 -40.21
C GLY C 15 10.75 24.36 -39.76
N ARG C 16 10.95 24.64 -38.47
CA ARG C 16 12.31 24.87 -37.99
C ARG C 16 12.79 23.61 -37.30
N PRO C 17 14.12 23.39 -37.32
CA PRO C 17 14.82 22.25 -36.71
C PRO C 17 14.47 22.06 -35.24
N SER C 18 13.78 20.98 -34.90
CA SER C 18 13.40 20.70 -33.51
C SER C 18 14.13 19.48 -32.94
N LEU C 19 14.44 19.54 -31.65
CA LEU C 19 15.15 18.43 -31.02
C LEU C 19 14.54 18.11 -29.66
N ILE C 20 13.95 16.91 -29.53
CA ILE C 20 13.32 16.47 -28.27
C ILE C 20 14.10 15.37 -27.55
N GLY C 21 14.13 15.44 -26.22
CA GLY C 21 14.80 14.43 -25.44
C GLY C 21 13.72 13.64 -24.73
N PHE C 22 14.02 12.41 -24.31
CA PHE C 22 13.03 11.60 -23.60
C PHE C 22 13.55 11.00 -22.29
N SER C 23 12.66 10.94 -21.30
CA SER C 23 13.01 10.39 -20.00
C SER C 23 13.01 8.87 -20.11
N ASP C 24 13.78 8.21 -19.25
CA ASP C 24 13.84 6.75 -19.24
C ASP C 24 12.50 6.22 -18.79
N ARG C 25 11.71 7.12 -18.20
CA ARG C 25 10.39 6.76 -17.70
C ARG C 25 9.27 7.51 -18.43
N VAL C 26 8.51 8.29 -17.67
CA VAL C 26 7.41 9.03 -18.26
C VAL C 26 7.83 10.37 -18.83
N THR C 27 7.48 10.61 -20.09
CA THR C 27 7.78 11.89 -20.73
C THR C 27 6.41 12.37 -21.19
N ALA C 28 6.08 13.61 -20.84
CA ALA C 28 4.77 14.15 -21.21
C ALA C 28 4.87 15.29 -22.22
N ILE C 29 4.09 15.17 -23.28
CA ILE C 29 4.05 16.16 -24.32
C ILE C 29 2.74 16.89 -24.17
N VAL C 30 2.84 18.16 -23.76
CA VAL C 30 1.67 19.01 -23.51
C VAL C 30 1.58 20.21 -24.45
N GLY C 31 0.37 20.73 -24.60
CA GLY C 31 0.21 21.89 -25.47
C GLY C 31 -1.21 22.14 -25.97
N PRO C 32 -1.53 23.40 -26.38
CA PRO C 32 -2.84 23.83 -26.90
C PRO C 32 -3.34 22.93 -28.00
N ASN C 33 -4.58 23.14 -28.43
CA ASN C 33 -5.13 22.28 -29.48
C ASN C 33 -4.45 22.41 -30.85
N GLY C 34 -4.60 23.57 -31.49
CA GLY C 34 -4.01 23.76 -32.80
C GLY C 34 -2.50 23.58 -32.96
N SER C 35 -1.78 23.50 -31.85
CA SER C 35 -0.32 23.35 -31.90
C SER C 35 0.19 22.19 -32.76
N GLY C 36 -0.48 21.04 -32.69
CA GLY C 36 -0.07 19.89 -33.47
C GLY C 36 0.85 18.94 -32.73
N LYS C 37 0.55 18.75 -31.45
CA LYS C 37 1.31 17.86 -30.59
C LYS C 37 1.35 16.47 -31.28
N SER C 38 0.23 16.13 -31.93
CA SER C 38 0.05 14.86 -32.64
C SER C 38 1.07 14.63 -33.78
N ASN C 39 1.58 15.71 -34.34
CA ASN C 39 2.55 15.58 -35.42
C ASN C 39 3.82 14.89 -34.96
N ILE C 40 4.09 14.95 -33.66
CA ILE C 40 5.28 14.30 -33.13
C ILE C 40 5.15 12.78 -33.22
N ILE C 41 3.98 12.25 -32.89
CA ILE C 41 3.76 10.80 -33.01
C ILE C 41 3.77 10.43 -34.49
N ASP C 42 3.16 11.25 -35.34
CA ASP C 42 3.15 10.97 -36.77
C ASP C 42 4.56 10.80 -37.30
N ALA C 43 5.46 11.65 -36.83
CA ALA C 43 6.86 11.60 -37.26
C ALA C 43 7.48 10.24 -36.92
N ILE C 44 7.18 9.74 -35.73
CA ILE C 44 7.70 8.45 -35.30
C ILE C 44 7.24 7.33 -36.23
N LYS C 45 5.96 7.33 -36.59
CA LYS C 45 5.43 6.31 -37.48
C LYS C 45 5.98 6.48 -38.90
N TRP C 46 6.15 7.73 -39.32
CA TRP C 46 6.69 8.04 -40.65
C TRP C 46 8.13 7.55 -40.83
N VAL C 47 8.97 7.73 -39.82
CA VAL C 47 10.36 7.30 -39.93
C VAL C 47 10.46 5.79 -40.08
N PHE C 48 9.37 5.09 -39.76
CA PHE C 48 9.32 3.64 -39.95
C PHE C 48 8.42 3.40 -41.16
N GLY C 49 7.40 2.57 -41.00
CA GLY C 49 6.51 2.30 -42.12
C GLY C 49 5.55 3.43 -42.47
N GLU C 50 4.46 3.54 -41.70
CA GLU C 50 3.39 4.53 -41.87
C GLU C 50 3.78 5.94 -42.31
N LYS C 61 0.80 12.35 -50.95
CA LYS C 61 1.97 11.67 -50.39
C LYS C 61 3.12 12.61 -49.98
N PHE C 62 3.13 13.80 -50.57
CA PHE C 62 4.16 14.80 -50.31
C PHE C 62 3.65 15.90 -49.38
N ASP C 63 2.63 15.55 -48.60
CA ASP C 63 2.05 16.47 -47.65
C ASP C 63 2.78 16.33 -46.34
N MET C 64 3.88 15.61 -46.39
CA MET C 64 4.69 15.40 -45.21
C MET C 64 5.62 16.59 -45.16
N ILE C 65 5.90 17.11 -46.36
CA ILE C 65 6.81 18.22 -46.47
C ILE C 65 6.12 19.53 -46.15
N PHE C 66 6.82 20.31 -45.32
CA PHE C 66 6.38 21.62 -44.89
C PHE C 66 5.91 22.45 -46.08
N ALA C 67 4.69 22.98 -46.02
CA ALA C 67 4.11 23.77 -47.10
C ALA C 67 4.43 25.27 -47.18
N GLY C 68 4.54 25.94 -46.04
CA GLY C 68 4.85 27.37 -46.07
C GLY C 68 4.14 28.21 -45.01
N SER C 69 4.76 29.34 -44.62
CA SER C 69 4.18 30.21 -43.59
C SER C 69 4.41 31.72 -43.82
N GLU C 70 4.33 32.50 -42.75
CA GLU C 70 4.52 33.95 -42.78
C GLU C 70 5.83 34.32 -43.46
N ASN C 71 6.92 33.69 -43.01
CA ASN C 71 8.23 33.96 -43.59
C ASN C 71 8.97 32.65 -43.92
N LEU C 72 8.22 31.55 -43.91
CA LEU C 72 8.80 30.27 -44.22
C LEU C 72 8.37 29.78 -45.58
N PRO C 73 9.34 29.56 -46.49
CA PRO C 73 9.13 29.07 -47.85
C PRO C 73 8.96 27.55 -47.80
N PRO C 74 8.03 26.97 -48.59
CA PRO C 74 7.84 25.51 -48.56
C PRO C 74 9.19 24.80 -48.43
N ALA C 75 9.23 23.70 -47.67
CA ALA C 75 10.49 22.99 -47.45
C ALA C 75 10.91 22.05 -48.58
N GLY C 76 12.22 21.97 -48.81
CA GLY C 76 12.72 21.11 -49.85
C GLY C 76 12.56 19.62 -49.51
N SER C 77 12.65 19.30 -48.21
CA SER C 77 12.48 17.92 -47.78
C SER C 77 12.03 17.79 -46.33
N ALA C 78 11.49 16.62 -46.02
CA ALA C 78 11.05 16.28 -44.68
C ALA C 78 12.18 15.40 -44.13
N TYR C 79 12.64 15.65 -42.91
CA TYR C 79 13.71 14.83 -42.35
C TYR C 79 13.39 14.50 -40.89
N VAL C 80 13.35 13.21 -40.58
CA VAL C 80 13.06 12.77 -39.22
C VAL C 80 14.13 11.80 -38.77
N GLU C 81 14.48 11.85 -37.49
CA GLU C 81 15.52 10.99 -36.96
C GLU C 81 15.32 10.60 -35.50
N LEU C 82 15.45 9.31 -35.22
CA LEU C 82 15.30 8.76 -33.88
C LEU C 82 16.61 8.19 -33.41
N VAL C 83 16.86 8.24 -32.10
CA VAL C 83 18.10 7.71 -31.57
C VAL C 83 17.81 6.87 -30.34
N PHE C 84 17.95 5.55 -30.48
CA PHE C 84 17.71 4.63 -29.38
C PHE C 84 19.06 4.30 -28.76
N GLU C 85 19.03 3.62 -27.63
CA GLU C 85 20.26 3.17 -26.99
C GLU C 85 20.01 1.76 -26.46
N GLU C 86 20.89 0.84 -26.85
CA GLU C 86 20.79 -0.57 -26.47
C GLU C 86 21.58 -0.80 -25.17
N ASN C 87 22.74 -1.42 -25.29
CA ASN C 87 23.58 -1.69 -24.12
C ASN C 87 24.66 -0.63 -24.15
N GLY C 88 24.31 0.58 -23.74
CA GLY C 88 25.27 1.66 -23.77
C GLY C 88 25.59 1.96 -25.22
N GLU C 89 24.82 1.33 -26.11
CA GLU C 89 24.98 1.50 -27.55
C GLU C 89 23.94 2.46 -28.10
N GLU C 90 24.21 3.01 -29.28
CA GLU C 90 23.28 3.92 -29.91
C GLU C 90 22.85 3.41 -31.27
N ILE C 91 21.55 3.34 -31.48
CA ILE C 91 20.99 2.91 -32.74
C ILE C 91 20.31 4.15 -33.33
N THR C 92 20.70 4.53 -34.54
CA THR C 92 20.10 5.72 -35.15
C THR C 92 19.30 5.38 -36.40
N VAL C 93 18.03 5.76 -36.42
CA VAL C 93 17.18 5.50 -37.56
C VAL C 93 16.73 6.84 -38.14
N ALA C 94 16.75 6.99 -39.46
CA ALA C 94 16.35 8.25 -40.08
C ALA C 94 15.73 8.07 -41.47
N ARG C 95 14.90 9.03 -41.88
CA ARG C 95 14.28 8.98 -43.18
C ARG C 95 14.14 10.38 -43.78
N GLU C 96 14.46 10.52 -45.06
CA GLU C 96 14.38 11.81 -45.73
C GLU C 96 13.69 11.75 -47.08
N LEU C 97 12.59 12.48 -47.20
CA LEU C 97 11.83 12.53 -48.44
C LEU C 97 12.03 13.91 -49.06
N LYS C 98 12.66 13.95 -50.23
CA LYS C 98 12.92 15.21 -50.91
C LYS C 98 11.74 15.60 -51.79
N ARG C 99 11.63 16.89 -52.08
CA ARG C 99 10.55 17.38 -52.93
C ARG C 99 10.70 16.77 -54.33
N THR C 100 11.95 16.53 -54.74
CA THR C 100 12.26 15.96 -56.05
C THR C 100 11.55 14.61 -56.22
N GLY C 101 11.33 13.90 -55.10
CA GLY C 101 10.68 12.60 -55.14
C GLY C 101 11.50 11.49 -54.49
N GLU C 102 12.79 11.76 -54.33
CA GLU C 102 13.80 10.86 -53.76
C GLU C 102 13.66 10.57 -52.27
N ASN C 103 13.07 9.42 -51.94
CA ASN C 103 12.88 9.00 -50.54
C ASN C 103 14.00 8.06 -50.14
N THR C 104 14.47 8.15 -48.91
CA THR C 104 15.58 7.29 -48.47
C THR C 104 15.69 7.06 -46.95
N TYR C 105 15.97 5.82 -46.53
CA TYR C 105 16.10 5.48 -45.10
C TYR C 105 17.54 5.32 -44.70
N TYR C 106 17.83 5.50 -43.41
CA TYR C 106 19.21 5.37 -42.90
C TYR C 106 19.26 4.60 -41.59
N LEU C 107 20.36 3.89 -41.38
CA LEU C 107 20.53 3.13 -40.15
C LEU C 107 21.99 3.29 -39.81
N ASN C 108 22.25 4.05 -38.75
CA ASN C 108 23.60 4.33 -38.28
C ASN C 108 24.47 5.00 -39.32
N GLY C 109 23.88 5.93 -40.06
CA GLY C 109 24.60 6.68 -41.06
C GLY C 109 24.71 6.06 -42.44
N SER C 110 24.15 4.87 -42.61
CA SER C 110 24.23 4.20 -43.90
C SER C 110 22.90 4.05 -44.58
N PRO C 111 22.81 4.46 -45.85
CA PRO C 111 21.55 4.32 -46.56
C PRO C 111 21.18 2.85 -46.51
N VAL C 112 19.89 2.57 -46.31
CA VAL C 112 19.47 1.19 -46.21
C VAL C 112 18.01 1.00 -46.58
N ARG C 113 17.67 -0.24 -46.91
CA ARG C 113 16.33 -0.63 -47.31
C ARG C 113 15.38 -0.50 -46.12
N LEU C 114 14.11 -0.21 -46.35
CA LEU C 114 13.16 -0.06 -45.24
C LEU C 114 13.11 -1.37 -44.46
N LYS C 115 13.12 -2.48 -45.18
CA LYS C 115 13.07 -3.79 -44.55
C LYS C 115 14.16 -3.93 -43.50
N ASP C 116 15.32 -3.36 -43.75
CA ASP C 116 16.44 -3.43 -42.80
C ASP C 116 16.13 -2.73 -41.47
N ILE C 117 15.36 -1.64 -41.53
CA ILE C 117 14.96 -0.92 -40.33
C ILE C 117 14.00 -1.80 -39.54
N ARG C 118 12.96 -2.30 -40.20
CA ARG C 118 11.99 -3.17 -39.57
C ARG C 118 12.64 -4.35 -38.86
N ASP C 119 13.59 -4.99 -39.53
CA ASP C 119 14.30 -6.14 -38.99
C ASP C 119 15.04 -5.76 -37.72
N ARG C 120 15.76 -4.65 -37.75
CA ARG C 120 16.51 -4.22 -36.57
C ARG C 120 15.64 -4.05 -35.33
N PHE C 121 14.34 -3.84 -35.54
CA PHE C 121 13.40 -3.66 -34.43
C PHE C 121 12.33 -4.77 -34.48
N ALA C 122 12.77 -6.00 -34.19
CA ALA C 122 11.91 -7.18 -34.23
C ALA C 122 10.71 -7.22 -33.29
N GLY C 123 10.94 -7.55 -32.03
CA GLY C 123 9.84 -7.65 -31.08
C GLY C 123 9.27 -6.34 -30.57
N THR C 124 8.88 -5.46 -31.50
CA THR C 124 8.32 -4.15 -31.19
C THR C 124 7.27 -3.86 -32.25
N GLY C 125 6.28 -3.03 -31.95
CA GLY C 125 5.26 -2.75 -32.94
C GLY C 125 5.82 -1.96 -34.12
N LEU C 126 6.92 -1.29 -33.85
CA LEU C 126 7.61 -0.44 -34.82
C LEU C 126 7.79 -1.06 -36.19
N GLY C 127 7.26 -0.40 -37.21
CA GLY C 127 7.39 -0.88 -38.57
C GLY C 127 6.14 -1.56 -39.12
N VAL C 128 5.63 -2.55 -38.38
CA VAL C 128 4.46 -3.30 -38.80
C VAL C 128 3.11 -2.68 -38.41
N ASP C 129 2.52 -3.19 -37.33
CA ASP C 129 1.21 -2.72 -36.87
C ASP C 129 1.21 -1.61 -35.82
N PHE C 130 2.38 -1.34 -35.21
CA PHE C 130 2.48 -0.29 -34.19
C PHE C 130 1.51 -0.45 -33.02
N TYR C 131 1.68 -1.49 -32.22
CA TYR C 131 0.81 -1.67 -31.07
C TYR C 131 1.31 -0.83 -29.90
N SER C 132 2.48 -0.22 -30.09
CA SER C 132 3.11 0.62 -29.07
C SER C 132 2.41 1.97 -28.98
N ILE C 133 1.80 2.41 -30.09
CA ILE C 133 1.07 3.68 -30.13
C ILE C 133 -0.38 3.34 -29.83
N VAL C 134 -0.88 3.75 -28.67
CA VAL C 134 -2.24 3.45 -28.27
C VAL C 134 -3.08 4.68 -27.98
N GLY C 135 -4.28 4.72 -28.54
CA GLY C 135 -5.18 5.85 -28.31
C GLY C 135 -6.47 5.40 -27.65
N GLN C 136 -7.33 6.37 -27.34
CA GLN C 136 -8.63 6.10 -26.70
C GLN C 136 -9.39 5.02 -27.46
N GLY C 137 -9.19 4.95 -28.76
CA GLY C 137 -9.85 3.95 -29.58
C GLY C 137 -9.47 2.55 -29.17
N GLN C 138 -8.19 2.21 -29.35
CA GLN C 138 -7.68 0.87 -29.00
C GLN C 138 -8.07 0.44 -27.59
N ILE C 139 -8.15 1.40 -26.68
CA ILE C 139 -8.51 1.09 -25.31
C ILE C 139 -9.90 0.47 -25.32
N ASP C 140 -10.83 1.10 -26.02
CA ASP C 140 -12.20 0.62 -26.11
C ASP C 140 -12.34 -0.70 -26.88
N ARG C 141 -11.58 -0.84 -27.96
CA ARG C 141 -11.63 -2.05 -28.77
C ARG C 141 -10.94 -3.26 -28.15
N ILE C 142 -10.20 -3.04 -27.06
CA ILE C 142 -9.53 -4.13 -26.37
C ILE C 142 -10.43 -4.57 -25.21
N VAL C 143 -11.21 -3.64 -24.70
CA VAL C 143 -12.15 -3.91 -23.61
C VAL C 143 -13.40 -4.57 -24.17
N ASN C 144 -13.56 -4.51 -25.49
CA ASN C 144 -14.73 -5.11 -26.15
C ASN C 144 -14.37 -6.15 -27.21
N ALA C 145 -13.21 -6.78 -27.05
CA ALA C 145 -12.74 -7.81 -27.98
C ALA C 145 -13.00 -9.21 -27.43
N TYR C 167 0.00 -16.13 -21.17
CA TYR C 167 -1.38 -15.91 -20.77
C TYR C 167 -1.59 -15.74 -19.26
N GLN C 168 -1.26 -16.76 -18.46
CA GLN C 168 -1.45 -16.64 -17.01
C GLN C 168 -0.57 -15.51 -16.49
N ARG C 169 0.03 -14.76 -17.41
CA ARG C 169 0.88 -13.63 -17.07
C ARG C 169 0.08 -12.36 -17.33
N VAL C 170 -0.88 -12.44 -18.26
CA VAL C 170 -1.74 -11.30 -18.58
C VAL C 170 -2.88 -11.29 -17.59
N ASN C 171 -3.23 -12.46 -17.06
CA ASN C 171 -4.30 -12.53 -16.08
C ASN C 171 -3.69 -12.31 -14.71
N GLU C 172 -2.43 -12.70 -14.55
CA GLU C 172 -1.76 -12.54 -13.27
C GLU C 172 -1.34 -11.08 -13.05
N SER C 173 -0.90 -10.42 -14.12
CA SER C 173 -0.48 -9.02 -14.04
C SER C 173 -1.70 -8.14 -13.91
N PHE C 174 -2.76 -8.52 -14.62
CA PHE C 174 -4.00 -7.76 -14.59
C PHE C 174 -4.46 -7.63 -13.14
N ASN C 175 -4.35 -8.72 -12.39
CA ASN C 175 -4.74 -8.73 -11.00
C ASN C 175 -3.90 -7.74 -10.18
N ARG C 176 -2.57 -7.86 -10.28
CA ARG C 176 -1.68 -6.98 -9.55
C ARG C 176 -2.04 -5.49 -9.73
N PHE C 177 -2.32 -5.11 -10.98
CA PHE C 177 -2.65 -3.74 -11.31
C PHE C 177 -3.99 -3.28 -10.76
N ILE C 178 -4.97 -4.17 -10.73
CA ILE C 178 -6.28 -3.82 -10.21
C ILE C 178 -6.17 -3.57 -8.71
N SER C 179 -5.35 -4.37 -8.02
CA SER C 179 -5.14 -4.21 -6.58
C SER C 179 -4.47 -2.87 -6.33
N LEU C 180 -3.45 -2.58 -7.13
CA LEU C 180 -2.73 -1.33 -7.00
C LEU C 180 -3.71 -0.16 -7.16
N LEU C 181 -4.60 -0.27 -8.13
CA LEU C 181 -5.58 0.77 -8.41
C LEU C 181 -6.56 1.05 -7.28
N PHE C 182 -7.10 0.00 -6.67
CA PHE C 182 -8.07 0.18 -5.59
C PHE C 182 -7.57 -0.12 -4.18
N PHE C 183 -6.27 -0.32 -4.06
CA PHE C 183 -5.66 -0.62 -2.76
C PHE C 183 -6.12 -1.92 -2.12
N GLY C 184 -6.25 -3.00 -2.89
CA GLY C 184 -6.64 -4.26 -2.26
C GLY C 184 -7.52 -5.31 -2.92
N GLY C 185 -8.36 -4.93 -3.87
CA GLY C 185 -9.23 -5.92 -4.49
C GLY C 185 -8.58 -7.05 -5.27
N GLU C 186 -9.25 -7.44 -6.36
CA GLU C 186 -8.79 -8.49 -7.27
C GLU C 186 -9.34 -8.21 -8.65
N GLY C 187 -8.68 -8.79 -9.66
CA GLY C 187 -9.11 -8.63 -11.03
C GLY C 187 -9.06 -10.00 -11.70
N ARG C 188 -10.09 -10.34 -12.47
CA ARG C 188 -10.12 -11.63 -13.13
C ARG C 188 -10.44 -11.56 -14.62
N LEU C 189 -9.77 -12.42 -15.39
CA LEU C 189 -9.95 -12.53 -16.84
C LEU C 189 -10.29 -13.98 -17.21
N GLU C 204 -14.45 -11.62 -20.59
CA GLU C 204 -15.18 -11.19 -19.40
C GLU C 204 -14.28 -10.75 -18.25
N ILE C 205 -14.59 -9.57 -17.72
CA ILE C 205 -13.81 -9.00 -16.63
C ILE C 205 -14.58 -8.90 -15.30
N SER C 206 -13.91 -9.29 -14.22
CA SER C 206 -14.47 -9.26 -12.88
C SER C 206 -13.56 -8.42 -12.00
N ILE C 207 -14.14 -7.47 -11.27
CA ILE C 207 -13.37 -6.63 -10.39
C ILE C 207 -13.96 -6.62 -9.00
N ARG C 208 -13.18 -7.10 -8.04
CA ARG C 208 -13.65 -7.12 -6.65
C ARG C 208 -12.89 -6.10 -5.82
N LYS C 209 -13.59 -5.04 -5.38
CA LYS C 209 -12.98 -4.01 -4.55
C LYS C 209 -12.74 -4.56 -3.16
N PRO C 210 -11.77 -4.00 -2.41
CA PRO C 210 -11.43 -4.43 -1.04
C PRO C 210 -12.56 -4.90 -0.12
N GLY C 211 -13.18 -3.98 0.63
CA GLY C 211 -14.23 -4.44 1.52
C GLY C 211 -15.48 -4.99 0.85
N ARG C 212 -15.43 -5.18 -0.46
CA ARG C 212 -16.59 -5.66 -1.18
C ARG C 212 -16.57 -7.09 -1.73
N ARG C 213 -17.61 -7.38 -2.51
CA ARG C 213 -17.82 -8.69 -3.13
C ARG C 213 -17.56 -8.62 -4.63
N ASP C 214 -17.39 -9.78 -5.27
CA ASP C 214 -17.13 -9.82 -6.72
C ASP C 214 -18.08 -8.91 -7.50
N GLN C 215 -17.69 -8.53 -8.71
CA GLN C 215 -18.51 -7.61 -9.52
C GLN C 215 -18.18 -7.71 -11.01
N LYS C 216 -19.17 -7.47 -11.86
CA LYS C 216 -18.96 -7.52 -13.31
C LYS C 216 -18.65 -6.13 -13.85
N LEU C 217 -17.63 -6.02 -14.69
CA LEU C 217 -17.23 -4.74 -15.27
C LEU C 217 -18.41 -3.91 -15.73
N SER C 218 -19.43 -4.62 -16.20
CA SER C 218 -20.68 -4.04 -16.70
C SER C 218 -21.28 -2.95 -15.80
N LEU C 219 -21.55 -3.29 -14.55
CA LEU C 219 -22.14 -2.34 -13.61
C LEU C 219 -21.12 -1.55 -12.80
N LEU C 220 -20.02 -1.21 -13.44
CA LEU C 220 -18.99 -0.44 -12.79
C LEU C 220 -19.11 1.01 -13.27
N SER C 221 -18.50 1.94 -12.55
CA SER C 221 -18.53 3.36 -12.91
C SER C 221 -18.01 3.58 -14.33
N GLY C 222 -18.27 4.76 -14.89
CA GLY C 222 -17.78 5.04 -16.23
C GLY C 222 -16.29 5.31 -16.23
N GLY C 223 -15.85 6.18 -15.34
CA GLY C 223 -14.44 6.51 -15.25
C GLY C 223 -13.64 5.36 -14.68
N GLU C 224 -14.32 4.50 -13.93
CA GLU C 224 -13.67 3.34 -13.35
C GLU C 224 -13.42 2.33 -14.46
N LYS C 225 -14.40 2.13 -15.35
CA LYS C 225 -14.25 1.21 -16.48
C LYS C 225 -13.00 1.61 -17.26
N ALA C 226 -12.81 2.90 -17.42
CA ALA C 226 -11.66 3.43 -18.14
C ALA C 226 -10.34 2.97 -17.49
N LEU C 227 -10.31 3.07 -16.18
CA LEU C 227 -9.16 2.68 -15.40
C LEU C 227 -8.83 1.21 -15.66
N VAL C 228 -9.80 0.33 -15.45
CA VAL C 228 -9.57 -1.09 -15.66
C VAL C 228 -9.15 -1.40 -17.11
N GLY C 229 -9.62 -0.58 -18.04
CA GLY C 229 -9.25 -0.79 -19.41
C GLY C 229 -7.75 -0.55 -19.53
N LEU C 230 -7.29 0.56 -18.96
CA LEU C 230 -5.88 0.89 -18.96
C LEU C 230 -5.09 -0.21 -18.27
N ALA C 231 -5.69 -0.78 -17.23
CA ALA C 231 -5.03 -1.84 -16.50
C ALA C 231 -4.84 -3.06 -17.41
N LEU C 232 -5.82 -3.31 -18.28
CA LEU C 232 -5.73 -4.45 -19.20
C LEU C 232 -4.61 -4.20 -20.21
N LEU C 233 -4.60 -3.01 -20.80
CA LEU C 233 -3.57 -2.65 -21.78
C LEU C 233 -2.19 -2.90 -21.19
N PHE C 234 -1.96 -2.39 -19.97
CA PHE C 234 -0.69 -2.56 -19.29
C PHE C 234 -0.34 -4.03 -19.07
N ALA C 235 -1.36 -4.84 -18.80
CA ALA C 235 -1.15 -6.24 -18.57
C ALA C 235 -0.76 -6.94 -19.87
N LEU C 236 -1.44 -6.58 -20.96
CA LEU C 236 -1.16 -7.17 -22.26
C LEU C 236 0.23 -6.87 -22.77
N MET C 237 0.89 -5.88 -22.16
CA MET C 237 2.25 -5.53 -22.56
C MET C 237 3.19 -6.71 -22.28
N GLU C 238 2.68 -7.74 -21.63
CA GLU C 238 3.47 -8.91 -21.29
C GLU C 238 3.75 -9.75 -22.53
N ILE C 239 2.86 -9.66 -23.50
CA ILE C 239 3.00 -10.41 -24.74
C ILE C 239 3.11 -9.45 -25.93
N LYS C 240 3.17 -8.16 -25.63
CA LYS C 240 3.32 -7.10 -26.62
C LYS C 240 4.51 -6.23 -26.21
N PRO C 241 5.71 -6.83 -26.08
CA PRO C 241 6.90 -6.06 -25.68
C PRO C 241 7.23 -4.92 -26.63
N SER C 242 7.93 -3.92 -26.11
CA SER C 242 8.33 -2.76 -26.89
C SER C 242 9.18 -1.81 -26.02
N PRO C 243 10.14 -1.10 -26.65
CA PRO C 243 11.00 -0.18 -25.89
C PRO C 243 10.17 0.89 -25.21
N PHE C 244 9.26 1.50 -25.97
CA PHE C 244 8.42 2.55 -25.42
C PHE C 244 6.99 2.38 -25.85
N TYR C 245 6.09 3.04 -25.12
CA TYR C 245 4.67 2.99 -25.41
C TYR C 245 4.17 4.44 -25.46
N VAL C 246 3.25 4.74 -26.37
CA VAL C 246 2.71 6.10 -26.47
C VAL C 246 1.23 6.10 -26.06
N LEU C 247 0.90 6.92 -25.08
CA LEU C 247 -0.48 7.01 -24.60
C LEU C 247 -1.02 8.35 -25.08
N ASP C 248 -1.82 8.28 -26.13
CA ASP C 248 -2.41 9.45 -26.77
C ASP C 248 -3.79 9.83 -26.22
N GLU C 249 -3.80 10.80 -25.29
CA GLU C 249 -5.04 11.30 -24.70
C GLU C 249 -5.95 10.19 -24.17
N VAL C 250 -5.44 9.41 -23.21
CA VAL C 250 -6.21 8.30 -22.65
C VAL C 250 -6.77 8.59 -21.26
N ASP C 251 -6.90 9.88 -20.94
CA ASP C 251 -7.39 10.27 -19.64
C ASP C 251 -8.64 11.16 -19.71
N SER C 252 -9.33 11.13 -20.84
CA SER C 252 -10.54 11.93 -20.98
C SER C 252 -11.58 11.52 -19.93
N PRO C 253 -12.03 10.25 -19.96
CA PRO C 253 -13.04 9.77 -19.00
C PRO C 253 -12.62 9.79 -17.53
N LEU C 254 -11.34 10.08 -17.27
CA LEU C 254 -10.82 10.13 -15.91
C LEU C 254 -11.02 11.46 -15.22
N ASP C 255 -11.68 11.44 -14.08
CA ASP C 255 -11.90 12.66 -13.31
C ASP C 255 -10.70 12.80 -12.38
N ASP C 256 -10.71 13.81 -11.52
CA ASP C 256 -9.58 14.04 -10.62
C ASP C 256 -9.22 12.87 -9.71
N TYR C 257 -10.23 12.15 -9.19
CA TYR C 257 -9.94 11.04 -8.30
C TYR C 257 -9.33 9.87 -9.06
N ASN C 258 -9.96 9.50 -10.16
CA ASN C 258 -9.46 8.40 -10.95
C ASN C 258 -8.11 8.75 -11.56
N ALA C 259 -7.94 10.01 -11.96
CA ALA C 259 -6.69 10.45 -12.53
C ALA C 259 -5.56 10.18 -11.56
N GLU C 260 -5.80 10.43 -10.27
CA GLU C 260 -4.78 10.21 -9.27
C GLU C 260 -4.37 8.73 -9.22
N ARG C 261 -5.31 7.85 -9.57
CA ARG C 261 -5.07 6.41 -9.59
C ARG C 261 -4.26 6.04 -10.83
N PHE C 262 -4.63 6.60 -11.97
CA PHE C 262 -3.91 6.33 -13.20
C PHE C 262 -2.47 6.79 -13.02
N LYS C 263 -2.29 7.85 -12.24
CA LYS C 263 -0.97 8.40 -11.96
C LYS C 263 -0.11 7.41 -11.19
N ARG C 264 -0.72 6.76 -10.21
CA ARG C 264 -0.01 5.78 -9.38
C ARG C 264 0.33 4.51 -10.18
N LEU C 265 -0.54 4.15 -11.13
CA LEU C 265 -0.32 2.98 -11.97
C LEU C 265 0.82 3.27 -12.95
N LEU C 266 0.75 4.43 -13.59
CA LEU C 266 1.77 4.83 -14.55
C LEU C 266 3.17 4.77 -13.95
N LYS C 267 3.32 5.26 -12.73
CA LYS C 267 4.63 5.27 -12.08
C LYS C 267 5.15 3.88 -11.77
N GLU C 268 4.25 2.92 -11.59
CA GLU C 268 4.68 1.57 -11.30
C GLU C 268 5.21 0.91 -12.57
N ASN C 269 4.49 1.05 -13.68
CA ASN C 269 4.94 0.48 -14.95
C ASN C 269 6.19 1.16 -15.50
N SER C 270 6.27 2.48 -15.35
CA SER C 270 7.41 3.26 -15.85
C SER C 270 8.76 2.77 -15.34
N LYS C 271 8.73 1.85 -14.39
CA LYS C 271 9.94 1.30 -13.82
C LYS C 271 10.67 0.34 -14.75
N HIS C 272 9.93 -0.29 -15.66
CA HIS C 272 10.53 -1.25 -16.60
C HIS C 272 10.19 -1.03 -18.06
N THR C 273 9.32 -0.05 -18.32
CA THR C 273 8.90 0.33 -19.67
C THR C 273 8.82 1.85 -19.68
N GLN C 274 9.19 2.50 -20.78
CA GLN C 274 9.12 3.95 -20.83
C GLN C 274 7.88 4.40 -21.59
N PHE C 275 7.23 5.45 -21.10
CA PHE C 275 6.02 5.95 -21.74
C PHE C 275 6.13 7.39 -22.22
N ILE C 276 5.53 7.67 -23.38
CA ILE C 276 5.49 9.01 -23.92
C ILE C 276 3.99 9.33 -23.86
N VAL C 277 3.60 10.13 -22.86
CA VAL C 277 2.19 10.49 -22.64
C VAL C 277 1.82 11.86 -23.15
N ILE C 278 0.83 11.93 -24.04
CA ILE C 278 0.39 13.22 -24.54
C ILE C 278 -0.97 13.44 -23.91
N THR C 279 -1.00 14.35 -22.95
CA THR C 279 -2.21 14.69 -22.22
C THR C 279 -2.26 16.17 -21.87
N HIS C 280 -3.47 16.66 -21.57
CA HIS C 280 -3.65 18.06 -21.18
C HIS C 280 -4.26 18.08 -19.77
N ASN C 281 -4.16 16.94 -19.09
CA ASN C 281 -4.66 16.73 -17.74
C ASN C 281 -3.53 17.03 -16.74
N LYS C 282 -3.74 18.06 -15.92
CA LYS C 282 -2.74 18.47 -14.95
C LYS C 282 -2.29 17.43 -13.90
N ILE C 283 -3.17 16.47 -13.59
CA ILE C 283 -2.82 15.44 -12.60
C ILE C 283 -1.88 14.42 -13.23
N VAL C 284 -2.17 14.00 -14.46
CA VAL C 284 -1.33 13.03 -15.15
C VAL C 284 0.06 13.60 -15.34
N MET C 285 0.14 14.87 -15.75
CA MET C 285 1.43 15.54 -15.97
C MET C 285 2.35 15.42 -14.79
N GLU C 286 1.78 15.04 -13.65
CA GLU C 286 2.51 14.89 -12.39
C GLU C 286 3.48 13.72 -12.45
N ALA C 287 3.05 12.65 -13.12
CA ALA C 287 3.86 11.44 -13.25
C ALA C 287 5.05 11.64 -14.16
N ALA C 288 4.98 12.66 -15.02
CA ALA C 288 6.06 12.94 -15.95
C ALA C 288 7.35 13.35 -15.26
N ASP C 289 8.49 12.89 -15.80
CA ASP C 289 9.80 13.20 -15.25
C ASP C 289 10.43 14.25 -16.14
N LEU C 290 9.85 14.43 -17.32
CA LEU C 290 10.33 15.41 -18.28
C LEU C 290 9.08 15.90 -18.98
N LEU C 291 8.93 17.21 -19.07
CA LEU C 291 7.77 17.79 -19.70
C LEU C 291 8.16 18.63 -20.92
N HIS C 292 7.37 18.51 -21.99
CA HIS C 292 7.62 19.28 -23.20
C HIS C 292 6.37 20.02 -23.63
N GLY C 293 6.55 21.29 -23.98
CA GLY C 293 5.42 22.08 -24.42
C GLY C 293 5.51 22.42 -25.89
N VAL C 294 4.41 22.26 -26.60
CA VAL C 294 4.39 22.58 -28.03
C VAL C 294 3.42 23.73 -28.30
N THR C 295 3.88 24.66 -29.15
CA THR C 295 3.12 25.86 -29.50
C THR C 295 3.24 26.23 -30.97
N MET C 296 2.12 26.24 -31.69
CA MET C 296 2.15 26.60 -33.09
C MET C 296 2.08 28.13 -33.25
N VAL C 297 3.24 28.79 -33.33
CA VAL C 297 3.25 30.24 -33.49
C VAL C 297 2.52 30.62 -34.77
N ASN C 298 3.22 31.03 -35.81
CA ASN C 298 2.52 31.43 -37.02
C ASN C 298 1.82 30.28 -37.75
N GLY C 299 2.54 29.62 -38.65
CA GLY C 299 1.99 28.48 -39.36
C GLY C 299 2.79 27.31 -38.79
N VAL C 300 4.01 27.66 -38.38
CA VAL C 300 4.95 26.72 -37.80
C VAL C 300 4.58 26.32 -36.37
N SER C 301 5.34 25.36 -35.84
CA SER C 301 5.19 24.83 -34.48
C SER C 301 6.56 24.89 -33.83
N ALA C 302 6.65 24.51 -32.56
CA ALA C 302 7.93 24.49 -31.86
C ALA C 302 7.77 23.98 -30.46
N ILE C 303 8.90 23.63 -29.86
CA ILE C 303 8.94 23.08 -28.51
C ILE C 303 9.71 24.00 -27.56
N VAL C 304 9.25 24.08 -26.31
CA VAL C 304 9.93 24.87 -25.27
C VAL C 304 9.74 24.09 -23.98
N PRO C 305 10.85 23.61 -23.38
CA PRO C 305 10.68 22.86 -22.14
C PRO C 305 10.01 23.72 -21.05
N VAL C 306 8.85 23.28 -20.59
CA VAL C 306 8.12 24.00 -19.54
C VAL C 306 8.27 23.18 -18.24
N GLU C 307 8.24 23.86 -17.10
CA GLU C 307 8.35 23.21 -15.79
C GLU C 307 6.99 23.25 -15.06
N VAL C 308 6.59 22.10 -14.49
CA VAL C 308 5.31 22.01 -13.76
C VAL C 308 5.33 22.85 -12.46
N MET D 1 -8.38 2.67 15.82
CA MET D 1 -8.48 1.72 14.68
C MET D 1 -9.49 0.62 14.94
N ARG D 2 -10.32 0.36 13.94
CA ARG D 2 -11.33 -0.68 14.08
C ARG D 2 -11.34 -1.68 12.93
N LEU D 3 -11.84 -2.88 13.22
CA LEU D 3 -11.96 -3.94 12.23
C LEU D 3 -13.29 -3.58 11.59
N LYS D 4 -13.32 -3.44 10.28
CA LYS D 4 -14.56 -3.08 9.62
C LYS D 4 -15.23 -4.15 8.78
N LYS D 5 -14.43 -4.96 8.11
CA LYS D 5 -14.98 -6.01 7.27
C LYS D 5 -14.11 -7.24 7.18
N LEU D 6 -14.76 -8.40 7.09
CA LEU D 6 -14.11 -9.71 6.94
C LEU D 6 -14.67 -10.32 5.66
N TYR D 7 -13.78 -10.84 4.80
CA TYR D 7 -14.20 -11.47 3.55
C TYR D 7 -13.64 -12.89 3.42
N LEU D 8 -14.55 -13.86 3.29
CA LEU D 8 -14.15 -15.25 3.17
C LEU D 8 -14.47 -15.77 1.77
N LYS D 9 -13.74 -16.80 1.34
CA LYS D 9 -13.94 -17.39 0.03
C LYS D 9 -12.99 -18.56 -0.16
N GLY D 10 -13.50 -19.76 0.11
CA GLY D 10 -12.70 -20.97 -0.03
C GLY D 10 -11.91 -21.32 1.22
N PHE D 11 -12.29 -20.74 2.35
CA PHE D 11 -11.60 -20.99 3.61
C PHE D 11 -12.41 -21.89 4.50
N LYS D 12 -11.85 -23.07 4.76
CA LYS D 12 -12.51 -24.08 5.58
C LYS D 12 -13.96 -24.27 5.18
N SER D 13 -14.89 -24.31 6.15
CA SER D 13 -16.30 -24.53 5.81
C SER D 13 -17.00 -23.45 4.96
N PHE D 14 -16.33 -22.36 4.63
CA PHE D 14 -16.96 -21.32 3.83
C PHE D 14 -16.63 -21.50 2.36
N GLY D 15 -17.48 -22.26 1.67
CA GLY D 15 -17.27 -22.52 0.26
C GLY D 15 -17.68 -21.37 -0.64
N ARG D 16 -18.76 -20.68 -0.27
CA ARG D 16 -19.25 -19.55 -1.06
C ARG D 16 -18.71 -18.25 -0.45
N PRO D 17 -18.50 -17.23 -1.29
CA PRO D 17 -18.00 -15.90 -0.92
C PRO D 17 -18.82 -15.28 0.20
N SER D 18 -18.21 -15.04 1.35
CA SER D 18 -18.93 -14.45 2.46
C SER D 18 -18.39 -13.07 2.82
N LEU D 19 -19.27 -12.19 3.28
CA LEU D 19 -18.84 -10.85 3.65
C LEU D 19 -19.52 -10.41 4.96
N ILE D 20 -18.71 -10.19 6.01
CA ILE D 20 -19.20 -9.76 7.32
C ILE D 20 -18.83 -8.31 7.68
N GLY D 21 -19.75 -7.60 8.31
CA GLY D 21 -19.48 -6.23 8.72
C GLY D 21 -19.38 -6.24 10.24
N PHE D 22 -18.72 -5.25 10.82
CA PHE D 22 -18.59 -5.20 12.28
C PHE D 22 -19.01 -3.87 12.88
N SER D 23 -19.66 -3.92 14.04
CA SER D 23 -20.08 -2.72 14.74
C SER D 23 -18.86 -2.09 15.39
N ASP D 24 -18.91 -0.78 15.63
CA ASP D 24 -17.80 -0.07 16.28
C ASP D 24 -17.71 -0.52 17.72
N ARG D 25 -18.78 -1.17 18.17
CA ARG D 25 -18.86 -1.67 19.53
C ARG D 25 -18.94 -3.19 19.57
N VAL D 26 -20.03 -3.69 20.13
CA VAL D 26 -20.24 -5.13 20.27
C VAL D 26 -20.88 -5.76 19.03
N THR D 27 -20.24 -6.79 18.49
CA THR D 27 -20.77 -7.49 17.35
C THR D 27 -20.87 -8.91 17.83
N ALA D 28 -22.03 -9.52 17.69
CA ALA D 28 -22.21 -10.89 18.16
C ALA D 28 -22.39 -11.90 17.03
N ILE D 29 -21.62 -12.97 17.10
CA ILE D 29 -21.69 -14.03 16.10
C ILE D 29 -22.39 -15.23 16.74
N VAL D 30 -23.62 -15.46 16.32
CA VAL D 30 -24.43 -16.53 16.87
C VAL D 30 -24.71 -17.66 15.90
N GLY D 31 -25.07 -18.84 16.41
CA GLY D 31 -25.37 -19.95 15.55
C GLY D 31 -25.24 -21.33 16.17
N PRO D 32 -25.95 -22.33 15.62
CA PRO D 32 -25.92 -23.71 16.10
C PRO D 32 -24.51 -24.23 16.27
N ASN D 33 -24.41 -25.30 17.01
CA ASN D 33 -23.15 -25.94 17.29
C ASN D 33 -22.58 -26.44 15.97
N GLY D 34 -23.48 -26.82 15.06
CA GLY D 34 -23.13 -27.34 13.73
C GLY D 34 -21.86 -26.75 13.13
N SER D 35 -21.64 -25.47 13.42
CA SER D 35 -20.44 -24.79 12.98
C SER D 35 -19.60 -24.46 14.25
N GLY D 36 -20.26 -24.35 15.41
CA GLY D 36 -19.54 -23.97 16.60
C GLY D 36 -18.83 -22.83 15.93
N LYS D 37 -19.61 -21.96 15.27
CA LYS D 37 -19.21 -20.74 14.48
C LYS D 37 -17.74 -20.58 14.04
N SER D 38 -16.88 -20.60 15.06
CA SER D 38 -15.40 -20.51 15.09
C SER D 38 -14.50 -20.39 13.88
N ASN D 39 -14.92 -20.90 12.73
CA ASN D 39 -14.08 -20.80 11.55
C ASN D 39 -13.80 -19.36 11.21
N ILE D 40 -14.66 -18.48 11.69
CA ILE D 40 -14.50 -17.05 11.44
C ILE D 40 -13.29 -16.51 12.21
N ILE D 41 -13.13 -16.91 13.47
CA ILE D 41 -11.99 -16.47 14.24
C ILE D 41 -10.72 -17.09 13.62
N ASP D 42 -10.80 -18.35 13.23
CA ASP D 42 -9.66 -19.03 12.62
C ASP D 42 -9.14 -18.24 11.42
N ALA D 43 -10.08 -17.74 10.63
CA ALA D 43 -9.75 -16.97 9.44
C ALA D 43 -8.93 -15.73 9.81
N ILE D 44 -9.33 -15.07 10.90
CA ILE D 44 -8.64 -13.87 11.37
C ILE D 44 -7.17 -14.16 11.74
N LYS D 45 -6.94 -15.27 12.45
CA LYS D 45 -5.58 -15.65 12.83
C LYS D 45 -4.80 -16.12 11.60
N TRP D 46 -5.47 -16.84 10.70
CA TRP D 46 -4.85 -17.32 9.47
C TRP D 46 -4.29 -16.17 8.60
N VAL D 47 -5.09 -15.11 8.40
CA VAL D 47 -4.67 -13.99 7.57
C VAL D 47 -3.42 -13.30 8.13
N PHE D 48 -3.13 -13.56 9.41
CA PHE D 48 -1.93 -13.01 10.03
C PHE D 48 -0.98 -14.20 10.13
N GLY D 49 -0.47 -14.48 11.32
CA GLY D 49 0.45 -15.60 11.47
C GLY D 49 -0.20 -16.98 11.44
N GLU D 50 -0.80 -17.36 12.57
CA GLU D 50 -1.46 -18.66 12.77
C GLU D 50 -2.22 -19.27 11.62
N LYS D 61 -1.86 -30.03 4.72
CA LYS D 61 -1.55 -28.66 4.31
C LYS D 61 -2.75 -28.00 3.64
N PHE D 62 -3.20 -28.60 2.56
CA PHE D 62 -4.34 -28.08 1.81
C PHE D 62 -5.67 -28.37 2.47
N ASP D 63 -5.64 -28.75 3.75
CA ASP D 63 -6.87 -29.02 4.48
C ASP D 63 -7.35 -27.74 5.16
N MET D 64 -6.87 -26.60 4.65
CA MET D 64 -7.27 -25.31 5.17
C MET D 64 -8.21 -24.72 4.12
N ILE D 65 -8.21 -25.36 2.94
CA ILE D 65 -9.05 -24.94 1.84
C ILE D 65 -10.29 -25.82 1.74
N PHE D 66 -11.37 -25.21 1.26
CA PHE D 66 -12.68 -25.85 1.06
C PHE D 66 -12.56 -27.15 0.25
N ALA D 67 -12.98 -28.26 0.87
CA ALA D 67 -12.88 -29.60 0.27
C ALA D 67 -13.90 -30.08 -0.78
N GLY D 68 -15.13 -29.56 -0.74
CA GLY D 68 -16.11 -30.01 -1.70
C GLY D 68 -17.50 -29.94 -1.09
N SER D 69 -18.50 -30.25 -1.90
CA SER D 69 -19.87 -30.16 -1.43
C SER D 69 -20.80 -30.97 -2.32
N GLU D 70 -22.00 -31.21 -1.81
CA GLU D 70 -23.04 -31.94 -2.54
C GLU D 70 -23.08 -31.43 -3.98
N ASN D 71 -22.65 -30.18 -4.18
CA ASN D 71 -22.67 -29.54 -5.49
C ASN D 71 -21.64 -28.43 -5.73
N LEU D 72 -20.54 -28.44 -4.97
CA LEU D 72 -19.47 -27.44 -5.14
C LEU D 72 -18.13 -28.17 -5.18
N PRO D 73 -17.32 -27.90 -6.21
CA PRO D 73 -16.02 -28.58 -6.27
C PRO D 73 -15.07 -28.02 -5.21
N PRO D 74 -14.02 -28.78 -4.85
CA PRO D 74 -13.10 -28.25 -3.85
C PRO D 74 -12.60 -26.93 -4.44
N ALA D 75 -12.31 -25.95 -3.59
CA ALA D 75 -11.87 -24.66 -4.07
C ALA D 75 -10.44 -24.68 -4.61
N GLY D 76 -10.16 -23.70 -5.46
CA GLY D 76 -8.82 -23.62 -6.02
C GLY D 76 -7.87 -23.05 -4.98
N SER D 77 -8.41 -22.22 -4.09
CA SER D 77 -7.60 -21.56 -3.07
C SER D 77 -8.43 -21.06 -1.91
N ALA D 78 -7.76 -20.72 -0.83
CA ALA D 78 -8.40 -20.15 0.35
C ALA D 78 -8.05 -18.67 0.26
N TYR D 79 -9.05 -17.79 0.42
CA TYR D 79 -8.79 -16.35 0.36
C TYR D 79 -9.49 -15.63 1.52
N VAL D 80 -8.71 -14.92 2.33
CA VAL D 80 -9.27 -14.18 3.46
C VAL D 80 -8.80 -12.73 3.42
N GLU D 81 -9.70 -11.81 3.78
CA GLU D 81 -9.36 -10.40 3.75
C GLU D 81 -10.02 -9.56 4.85
N LEU D 82 -9.20 -8.75 5.51
CA LEU D 82 -9.65 -7.87 6.57
C LEU D 82 -9.51 -6.42 6.17
N VAL D 83 -10.45 -5.58 6.61
CA VAL D 83 -10.37 -4.16 6.29
C VAL D 83 -10.54 -3.34 7.56
N PHE D 84 -9.45 -2.70 7.97
CA PHE D 84 -9.48 -1.85 9.15
C PHE D 84 -9.60 -0.41 8.69
N GLU D 85 -9.85 0.49 9.63
CA GLU D 85 -9.92 1.91 9.34
C GLU D 85 -9.21 2.66 10.47
N GLU D 86 -8.24 3.48 10.08
CA GLU D 86 -7.43 4.28 11.00
C GLU D 86 -8.09 5.63 11.23
N ASN D 87 -7.52 6.68 10.64
CA ASN D 87 -8.08 8.02 10.77
C ASN D 87 -8.84 8.30 9.49
N GLY D 88 -10.04 7.74 9.39
CA GLY D 88 -10.82 7.92 8.18
C GLY D 88 -10.09 7.22 7.04
N GLU D 89 -9.05 6.46 7.40
CA GLU D 89 -8.24 5.72 6.45
C GLU D 89 -8.62 4.25 6.44
N GLU D 90 -8.26 3.54 5.36
CA GLU D 90 -8.55 2.11 5.28
C GLU D 90 -7.27 1.31 5.10
N ILE D 91 -7.10 0.30 5.95
CA ILE D 91 -5.93 -0.57 5.89
C ILE D 91 -6.48 -1.94 5.49
N THR D 92 -5.99 -2.49 4.39
CA THR D 92 -6.50 -3.78 3.94
C THR D 92 -5.42 -4.85 4.01
N VAL D 93 -5.72 -5.94 4.71
CA VAL D 93 -4.80 -7.07 4.85
C VAL D 93 -5.45 -8.32 4.26
N ALA D 94 -4.69 -9.06 3.45
CA ALA D 94 -5.24 -10.26 2.84
C ALA D 94 -4.20 -11.35 2.63
N ARG D 95 -4.68 -12.59 2.53
CA ARG D 95 -3.81 -13.73 2.30
C ARG D 95 -4.47 -14.78 1.41
N GLU D 96 -3.72 -15.29 0.44
CA GLU D 96 -4.24 -16.29 -0.48
C GLU D 96 -3.33 -17.50 -0.66
N LEU D 97 -3.84 -18.68 -0.27
CA LEU D 97 -3.11 -19.93 -0.42
C LEU D 97 -3.75 -20.74 -1.54
N LYS D 98 -3.01 -20.92 -2.63
CA LYS D 98 -3.50 -21.69 -3.77
C LYS D 98 -3.22 -23.18 -3.60
N ARG D 99 -4.00 -24.01 -4.29
CA ARG D 99 -3.82 -25.46 -4.23
C ARG D 99 -2.46 -25.83 -4.82
N THR D 100 -1.97 -25.01 -5.74
CA THR D 100 -0.68 -25.24 -6.38
C THR D 100 0.43 -25.23 -5.30
N GLY D 101 0.19 -24.48 -4.23
CA GLY D 101 1.15 -24.38 -3.14
C GLY D 101 1.58 -22.95 -2.90
N GLU D 102 1.31 -22.09 -3.87
CA GLU D 102 1.64 -20.67 -3.85
C GLU D 102 0.89 -19.83 -2.79
N ASN D 103 1.56 -19.55 -1.68
CA ASN D 103 0.98 -18.74 -0.59
C ASN D 103 1.45 -17.27 -0.74
N THR D 104 0.58 -16.31 -0.47
CA THR D 104 0.95 -14.90 -0.61
C THR D 104 0.11 -13.90 0.22
N TYR D 105 0.79 -12.91 0.80
CA TYR D 105 0.14 -11.87 1.63
C TYR D 105 0.02 -10.56 0.88
N TYR D 106 -0.94 -9.75 1.29
CA TYR D 106 -1.15 -8.44 0.66
C TYR D 106 -1.41 -7.37 1.71
N LEU D 107 -1.03 -6.15 1.37
CA LEU D 107 -1.25 -4.99 2.23
C LEU D 107 -1.59 -3.85 1.28
N ASN D 108 -2.86 -3.44 1.32
CA ASN D 108 -3.38 -2.38 0.47
C ASN D 108 -3.19 -2.62 -1.01
N GLY D 109 -3.42 -3.86 -1.42
CA GLY D 109 -3.32 -4.23 -2.81
C GLY D 109 -1.94 -4.61 -3.31
N SER D 110 -0.93 -4.57 -2.44
CA SER D 110 0.41 -4.90 -2.88
C SER D 110 0.97 -6.15 -2.23
N PRO D 111 1.50 -7.09 -3.04
CA PRO D 111 2.06 -8.32 -2.46
C PRO D 111 3.14 -7.89 -1.48
N VAL D 112 3.20 -8.55 -0.34
CA VAL D 112 4.17 -8.15 0.65
C VAL D 112 4.52 -9.28 1.59
N ARG D 113 5.67 -9.14 2.22
CA ARG D 113 6.21 -10.12 3.16
C ARG D 113 5.31 -10.21 4.39
N LEU D 114 5.24 -11.39 5.04
CA LEU D 114 4.40 -11.52 6.24
C LEU D 114 4.86 -10.54 7.32
N LYS D 115 6.18 -10.41 7.47
CA LYS D 115 6.74 -9.50 8.46
C LYS D 115 6.18 -8.10 8.32
N ASP D 116 5.94 -7.67 7.09
CA ASP D 116 5.38 -6.33 6.82
C ASP D 116 3.98 -6.16 7.40
N ILE D 117 3.17 -7.22 7.39
CA ILE D 117 1.84 -7.19 7.96
C ILE D 117 1.97 -7.02 9.47
N ARG D 118 2.79 -7.88 10.09
CA ARG D 118 3.03 -7.83 11.53
C ARG D 118 3.46 -6.45 12.00
N ASP D 119 4.40 -5.86 11.27
CA ASP D 119 4.90 -4.54 11.59
C ASP D 119 3.80 -3.49 11.56
N ARG D 120 2.99 -3.49 10.51
CA ARG D 120 1.91 -2.53 10.40
C ARG D 120 0.94 -2.56 11.59
N PHE D 121 0.90 -3.69 12.29
CA PHE D 121 0.04 -3.83 13.47
C PHE D 121 0.88 -4.11 14.71
N ALA D 122 1.64 -3.10 15.13
CA ALA D 122 2.54 -3.18 16.27
C ALA D 122 1.94 -3.50 17.63
N GLY D 123 1.37 -2.49 18.29
CA GLY D 123 0.79 -2.71 19.61
C GLY D 123 -0.54 -3.44 19.65
N THR D 124 -0.56 -4.62 19.06
CA THR D 124 -1.76 -5.45 19.01
C THR D 124 -1.29 -6.91 19.06
N GLY D 125 -2.14 -7.80 19.52
CA GLY D 125 -1.74 -9.20 19.59
C GLY D 125 -1.54 -9.78 18.20
N LEU D 126 -2.23 -9.17 17.24
CA LEU D 126 -2.23 -9.58 15.85
C LEU D 126 -0.84 -9.91 15.29
N GLY D 127 -0.71 -11.14 14.81
CA GLY D 127 0.56 -11.59 14.24
C GLY D 127 1.41 -12.46 15.14
N VAL D 128 1.67 -11.96 16.36
CA VAL D 128 2.51 -12.68 17.32
C VAL D 128 1.77 -13.69 18.19
N ASP D 129 1.42 -13.30 19.41
CA ASP D 129 0.75 -14.18 20.37
C ASP D 129 -0.78 -14.13 20.40
N PHE D 130 -1.38 -13.10 19.78
CA PHE D 130 -2.83 -12.97 19.74
C PHE D 130 -3.50 -12.93 21.11
N TYR D 131 -3.21 -11.91 21.90
CA TYR D 131 -3.84 -11.82 23.22
C TYR D 131 -5.23 -11.18 23.09
N SER D 132 -5.57 -10.75 21.87
CA SER D 132 -6.86 -10.14 21.59
C SER D 132 -7.96 -11.21 21.50
N ILE D 133 -7.57 -12.43 21.13
CA ILE D 133 -8.51 -13.55 21.02
C ILE D 133 -8.45 -14.28 22.37
N VAL D 134 -9.54 -14.20 23.13
CA VAL D 134 -9.61 -14.81 24.45
C VAL D 134 -10.74 -15.79 24.62
N GLY D 135 -10.42 -16.95 25.18
CA GLY D 135 -11.43 -17.96 25.40
C GLY D 135 -11.53 -18.33 26.86
N GLN D 136 -12.49 -19.20 27.17
CA GLN D 136 -12.72 -19.67 28.54
C GLN D 136 -11.43 -20.11 29.21
N GLY D 137 -10.50 -20.63 28.39
CA GLY D 137 -9.22 -21.09 28.90
C GLY D 137 -8.41 -19.96 29.50
N GLN D 138 -8.02 -18.99 28.67
CA GLN D 138 -7.22 -17.86 29.13
C GLN D 138 -7.83 -17.16 30.33
N ILE D 139 -9.16 -17.17 30.42
CA ILE D 139 -9.83 -16.55 31.56
C ILE D 139 -9.36 -17.24 32.83
N ASP D 140 -9.42 -18.57 32.83
CA ASP D 140 -9.02 -19.36 33.98
C ASP D 140 -7.52 -19.28 34.29
N ARG D 141 -6.69 -19.27 33.25
CA ARG D 141 -5.23 -19.20 33.42
C ARG D 141 -4.73 -17.82 33.83
N ILE D 142 -5.58 -16.82 33.78
CA ILE D 142 -5.20 -15.45 34.17
C ILE D 142 -5.62 -15.26 35.63
N VAL D 143 -6.68 -15.95 36.02
CA VAL D 143 -7.19 -15.89 37.38
C VAL D 143 -6.34 -16.77 38.28
N ASN D 144 -5.54 -17.65 37.68
CA ASN D 144 -4.68 -18.57 38.43
C ASN D 144 -3.19 -18.41 38.10
N ALA D 145 -2.80 -17.21 37.67
CA ALA D 145 -1.40 -16.92 37.31
C ALA D 145 -0.71 -16.15 38.44
N TYR D 167 0.59 -0.44 35.78
CA TYR D 167 0.13 -1.31 36.86
C TYR D 167 -0.96 -0.65 37.71
N GLN D 168 -0.66 0.51 38.28
CA GLN D 168 -1.63 1.23 39.13
C GLN D 168 -2.93 1.35 38.37
N ARG D 169 -2.84 1.96 37.18
CA ARG D 169 -3.97 2.14 36.29
C ARG D 169 -4.78 0.84 36.17
N VAL D 170 -4.08 -0.30 36.14
CA VAL D 170 -4.76 -1.60 36.04
C VAL D 170 -5.49 -1.95 37.33
N ASN D 171 -4.78 -1.96 38.46
CA ASN D 171 -5.41 -2.29 39.73
C ASN D 171 -6.51 -1.26 40.02
N GLU D 172 -6.38 -0.10 39.37
CA GLU D 172 -7.33 0.99 39.52
C GLU D 172 -8.57 0.75 38.66
N SER D 173 -8.38 0.16 37.48
CA SER D 173 -9.48 -0.15 36.57
C SER D 173 -10.24 -1.36 37.07
N PHE D 174 -9.52 -2.33 37.62
CA PHE D 174 -10.12 -3.53 38.16
C PHE D 174 -11.16 -3.14 39.19
N ASN D 175 -10.84 -2.13 39.99
CA ASN D 175 -11.75 -1.67 41.02
C ASN D 175 -13.01 -1.09 40.39
N ARG D 176 -12.85 -0.14 39.48
CA ARG D 176 -13.99 0.49 38.82
C ARG D 176 -14.97 -0.54 38.27
N PHE D 177 -14.45 -1.59 37.63
CA PHE D 177 -15.28 -2.64 37.05
C PHE D 177 -16.00 -3.48 38.08
N ILE D 178 -15.35 -3.77 39.19
CA ILE D 178 -15.98 -4.56 40.24
C ILE D 178 -17.14 -3.79 40.84
N SER D 179 -16.98 -2.48 41.01
CA SER D 179 -18.04 -1.62 41.54
C SER D 179 -19.21 -1.61 40.58
N LEU D 180 -18.91 -1.49 39.28
CA LEU D 180 -19.92 -1.49 38.24
C LEU D 180 -20.71 -2.78 38.27
N LEU D 181 -20.00 -3.89 38.46
CA LEU D 181 -20.63 -5.21 38.53
C LEU D 181 -21.59 -5.42 39.70
N PHE D 182 -21.21 -5.00 40.90
CA PHE D 182 -22.07 -5.19 42.08
C PHE D 182 -22.77 -3.94 42.62
N PHE D 183 -22.67 -2.84 41.88
CA PHE D 183 -23.28 -1.58 42.26
C PHE D 183 -22.72 -0.98 43.55
N GLY D 184 -21.40 -0.97 43.73
CA GLY D 184 -20.86 -0.33 44.91
C GLY D 184 -19.63 -0.81 45.66
N GLY D 185 -19.33 -2.11 45.60
CA GLY D 185 -18.18 -2.60 46.34
C GLY D 185 -16.81 -2.04 45.99
N GLU D 186 -15.80 -2.91 46.07
CA GLU D 186 -14.42 -2.58 45.75
C GLU D 186 -13.71 -3.86 45.29
N GLY D 187 -12.60 -3.66 44.57
CA GLY D 187 -11.82 -4.79 44.09
C GLY D 187 -10.36 -4.48 44.34
N ARG D 188 -9.62 -5.47 44.81
CA ARG D 188 -8.21 -5.26 45.08
C ARG D 188 -7.28 -6.31 44.48
N LEU D 189 -6.13 -5.84 44.01
CA LEU D 189 -5.09 -6.72 43.42
C LEU D 189 -3.75 -6.53 44.15
N GLU D 204 -3.38 -12.38 44.22
CA GLU D 204 -4.49 -12.44 45.16
C GLU D 204 -5.57 -11.39 44.90
N ILE D 205 -6.81 -11.85 44.90
CA ILE D 205 -7.93 -10.96 44.64
C ILE D 205 -8.89 -10.83 45.83
N SER D 206 -9.29 -9.60 46.11
CA SER D 206 -10.21 -9.30 47.20
C SER D 206 -11.41 -8.56 46.62
N ILE D 207 -12.61 -9.01 46.97
CA ILE D 207 -13.83 -8.39 46.48
C ILE D 207 -14.76 -8.05 47.63
N ARG D 208 -15.01 -6.77 47.84
CA ARG D 208 -15.90 -6.36 48.90
C ARG D 208 -17.23 -5.84 48.35
N LYS D 209 -18.30 -6.61 48.55
CA LYS D 209 -19.61 -6.19 48.08
C LYS D 209 -20.12 -5.00 48.90
N PRO D 210 -21.02 -4.17 48.33
CA PRO D 210 -21.57 -3.00 49.01
C PRO D 210 -21.83 -3.07 50.53
N GLY D 211 -23.02 -3.52 50.93
CA GLY D 211 -23.28 -3.56 52.36
C GLY D 211 -22.40 -4.53 53.14
N ARG D 212 -21.44 -5.15 52.47
CA ARG D 212 -20.61 -6.12 53.16
C ARG D 212 -19.18 -5.76 53.53
N ARG D 213 -18.46 -6.77 53.99
CA ARG D 213 -17.08 -6.64 54.42
C ARG D 213 -16.15 -7.31 53.42
N ASP D 214 -14.84 -7.03 53.53
CA ASP D 214 -13.87 -7.61 52.59
C ASP D 214 -14.05 -9.12 52.42
N GLN D 215 -13.54 -9.66 51.33
CA GLN D 215 -13.72 -11.09 51.05
C GLN D 215 -12.66 -11.60 50.07
N LYS D 216 -12.30 -12.88 50.19
CA LYS D 216 -11.30 -13.50 49.32
C LYS D 216 -11.99 -14.23 48.17
N LEU D 217 -11.50 -14.00 46.94
CA LEU D 217 -12.08 -14.60 45.75
C LEU D 217 -12.42 -16.07 45.97
N SER D 218 -11.59 -16.72 46.77
CA SER D 218 -11.74 -18.13 47.13
C SER D 218 -13.17 -18.55 47.50
N LEU D 219 -13.72 -17.94 48.54
CA LEU D 219 -15.07 -18.28 49.00
C LEU D 219 -16.18 -17.49 48.32
N LEU D 220 -16.01 -17.23 47.03
CA LEU D 220 -16.99 -16.49 46.27
C LEU D 220 -17.76 -17.49 45.40
N SER D 221 -18.95 -17.10 44.94
CA SER D 221 -19.78 -17.96 44.10
C SER D 221 -19.00 -18.48 42.90
N GLY D 222 -19.53 -19.48 42.22
CA GLY D 222 -18.83 -20.00 41.06
C GLY D 222 -19.02 -19.06 39.86
N GLY D 223 -20.27 -18.67 39.62
CA GLY D 223 -20.58 -17.78 38.52
C GLY D 223 -20.04 -16.39 38.79
N GLU D 224 -19.91 -16.06 40.07
CA GLU D 224 -19.39 -14.76 40.46
C GLU D 224 -17.89 -14.71 40.18
N LYS D 225 -17.19 -15.80 40.47
CA LYS D 225 -15.75 -15.86 40.21
C LYS D 225 -15.50 -15.58 38.73
N ALA D 226 -16.39 -16.13 37.90
CA ALA D 226 -16.31 -15.96 36.45
C ALA D 226 -16.37 -14.47 36.10
N LEU D 227 -17.33 -13.78 36.71
CA LEU D 227 -17.52 -12.37 36.49
C LEU D 227 -16.23 -11.61 36.80
N VAL D 228 -15.72 -11.76 38.01
CA VAL D 228 -14.50 -11.05 38.41
C VAL D 228 -13.33 -11.40 37.49
N GLY D 229 -13.33 -12.63 36.97
CA GLY D 229 -12.28 -13.03 36.05
C GLY D 229 -12.35 -12.15 34.82
N LEU D 230 -13.57 -12.00 34.30
CA LEU D 230 -13.80 -11.17 33.12
C LEU D 230 -13.39 -9.74 33.43
N ALA D 231 -13.66 -9.32 34.65
CA ALA D 231 -13.34 -7.98 35.11
C ALA D 231 -11.83 -7.77 35.07
N LEU D 232 -11.07 -8.80 35.43
CA LEU D 232 -9.61 -8.71 35.41
C LEU D 232 -9.12 -8.60 33.97
N LEU D 233 -9.66 -9.44 33.08
CA LEU D 233 -9.26 -9.42 31.68
C LEU D 233 -9.44 -8.01 31.12
N PHE D 234 -10.61 -7.42 31.38
CA PHE D 234 -10.91 -6.08 30.91
C PHE D 234 -9.93 -5.05 31.46
N ALA D 235 -9.54 -5.23 32.71
CA ALA D 235 -8.60 -4.31 33.36
C ALA D 235 -7.21 -4.42 32.71
N LEU D 236 -6.75 -5.64 32.48
CA LEU D 236 -5.45 -5.90 31.87
C LEU D 236 -5.33 -5.32 30.46
N MET D 237 -6.48 -4.99 29.83
CA MET D 237 -6.47 -4.41 28.50
C MET D 237 -5.78 -3.06 28.52
N GLU D 238 -5.41 -2.62 29.72
CA GLU D 238 -4.74 -1.34 29.89
C GLU D 238 -3.29 -1.42 29.44
N ILE D 239 -2.74 -2.62 29.50
CA ILE D 239 -1.36 -2.86 29.11
C ILE D 239 -1.29 -3.85 27.92
N LYS D 240 -2.48 -4.25 27.47
CA LYS D 240 -2.63 -5.15 26.34
C LYS D 240 -3.56 -4.48 25.32
N PRO D 241 -3.18 -3.31 24.79
CA PRO D 241 -3.99 -2.59 23.82
C PRO D 241 -4.21 -3.38 22.52
N SER D 242 -5.31 -3.06 21.83
CA SER D 242 -5.64 -3.73 20.57
C SER D 242 -6.92 -3.11 20.02
N PRO D 243 -7.06 -3.06 18.68
CA PRO D 243 -8.24 -2.50 18.03
C PRO D 243 -9.53 -3.20 18.45
N PHE D 244 -9.49 -4.52 18.43
CA PHE D 244 -10.65 -5.30 18.82
C PHE D 244 -10.24 -6.47 19.70
N TYR D 245 -11.21 -7.03 20.41
CA TYR D 245 -11.01 -8.17 21.28
C TYR D 245 -12.10 -9.20 20.96
N VAL D 246 -11.73 -10.47 20.96
CA VAL D 246 -12.71 -11.51 20.67
C VAL D 246 -12.98 -12.32 21.93
N LEU D 247 -14.25 -12.41 22.30
CA LEU D 247 -14.64 -13.17 23.47
C LEU D 247 -15.33 -14.44 22.98
N ASP D 248 -14.58 -15.54 23.02
CA ASP D 248 -15.08 -16.84 22.55
C ASP D 248 -15.77 -17.70 23.63
N GLU D 249 -17.09 -17.66 23.66
CA GLU D 249 -17.89 -18.43 24.61
C GLU D 249 -17.43 -18.28 26.06
N VAL D 250 -17.46 -17.04 26.57
CA VAL D 250 -16.99 -16.77 27.93
C VAL D 250 -18.12 -16.55 28.92
N ASP D 251 -19.31 -17.06 28.60
CA ASP D 251 -20.47 -16.87 29.47
C ASP D 251 -21.09 -18.19 29.91
N SER D 252 -20.35 -19.27 29.78
CA SER D 252 -20.87 -20.58 30.18
C SER D 252 -21.28 -20.55 31.66
N PRO D 253 -20.30 -20.35 32.57
CA PRO D 253 -20.59 -20.30 34.01
C PRO D 253 -21.55 -19.21 34.47
N LEU D 254 -21.93 -18.32 33.57
CA LEU D 254 -22.84 -17.22 33.89
C LEU D 254 -24.30 -17.59 33.78
N ASP D 255 -25.05 -17.43 34.86
CA ASP D 255 -26.47 -17.72 34.84
C ASP D 255 -27.16 -16.44 34.42
N ASP D 256 -28.49 -16.44 34.38
CA ASP D 256 -29.23 -15.25 33.98
C ASP D 256 -28.95 -13.98 34.75
N TYR D 257 -28.77 -14.07 36.07
CA TYR D 257 -28.51 -12.88 36.87
C TYR D 257 -27.12 -12.34 36.59
N ASN D 258 -26.13 -13.24 36.61
CA ASN D 258 -24.77 -12.82 36.35
C ASN D 258 -24.61 -12.35 34.91
N ALA D 259 -25.33 -13.01 34.00
CA ALA D 259 -25.28 -12.65 32.61
C ALA D 259 -25.69 -11.19 32.44
N GLU D 260 -26.72 -10.78 33.15
CA GLU D 260 -27.17 -9.41 33.06
C GLU D 260 -26.07 -8.44 33.52
N ARG D 261 -25.19 -8.90 34.41
CA ARG D 261 -24.10 -8.07 34.90
C ARG D 261 -23.01 -7.98 33.85
N PHE D 262 -22.69 -9.12 33.26
CA PHE D 262 -21.67 -9.15 32.22
C PHE D 262 -22.11 -8.23 31.10
N LYS D 263 -23.42 -8.19 30.85
CA LYS D 263 -24.00 -7.35 29.81
C LYS D 263 -23.74 -5.88 30.09
N ARG D 264 -23.89 -5.47 31.34
CA ARG D 264 -23.68 -4.08 31.74
C ARG D 264 -22.20 -3.70 31.67
N LEU D 265 -21.32 -4.67 31.95
CA LEU D 265 -19.88 -4.43 31.91
C LEU D 265 -19.44 -4.29 30.46
N LEU D 266 -19.90 -5.21 29.61
CA LEU D 266 -19.56 -5.20 28.19
C LEU D 266 -19.88 -3.85 27.55
N LYS D 267 -21.07 -3.33 27.84
CA LYS D 267 -21.48 -2.05 27.27
C LYS D 267 -20.62 -0.86 27.71
N GLU D 268 -20.04 -0.95 28.90
CA GLU D 268 -19.20 0.13 29.37
C GLU D 268 -17.88 0.13 28.63
N ASN D 269 -17.28 -1.06 28.47
CA ASN D 269 -16.00 -1.17 27.79
C ASN D 269 -16.11 -0.90 26.29
N SER D 270 -17.22 -1.36 25.70
CA SER D 270 -17.46 -1.21 24.26
C SER D 270 -17.40 0.25 23.81
N LYS D 271 -17.34 1.18 24.76
CA LYS D 271 -17.28 2.59 24.44
C LYS D 271 -15.93 3.03 23.91
N HIS D 272 -14.87 2.29 24.24
CA HIS D 272 -13.54 2.67 23.78
C HIS D 272 -12.76 1.54 23.14
N THR D 273 -13.34 0.35 23.16
CA THR D 273 -12.74 -0.83 22.55
C THR D 273 -13.90 -1.58 21.89
N GLN D 274 -13.64 -2.23 20.77
CA GLN D 274 -14.71 -2.97 20.12
C GLN D 274 -14.55 -4.46 20.39
N PHE D 275 -15.68 -5.14 20.60
CA PHE D 275 -15.66 -6.58 20.88
C PHE D 275 -16.46 -7.42 19.89
N ILE D 276 -15.91 -8.58 19.54
CA ILE D 276 -16.57 -9.53 18.66
C ILE D 276 -16.85 -10.69 19.61
N VAL D 277 -18.10 -10.81 20.04
CA VAL D 277 -18.51 -11.84 20.98
C VAL D 277 -19.22 -12.99 20.31
N ILE D 278 -18.72 -14.20 20.49
CA ILE D 278 -19.37 -15.38 19.94
C ILE D 278 -19.99 -16.13 21.13
N THR D 279 -21.30 -16.04 21.25
CA THR D 279 -22.06 -16.65 22.34
C THR D 279 -23.40 -17.21 21.85
N HIS D 280 -23.99 -18.07 22.66
CA HIS D 280 -25.28 -18.63 22.33
C HIS D 280 -26.22 -18.29 23.49
N ASN D 281 -25.79 -17.34 24.32
CA ASN D 281 -26.54 -16.86 25.47
C ASN D 281 -27.42 -15.69 25.07
N LYS D 282 -28.73 -15.88 25.17
CA LYS D 282 -29.65 -14.83 24.77
C LYS D 282 -29.54 -13.48 25.51
N ILE D 283 -29.04 -13.49 26.75
CA ILE D 283 -28.89 -12.24 27.50
C ILE D 283 -27.70 -11.42 26.98
N VAL D 284 -26.60 -12.10 26.71
CA VAL D 284 -25.40 -11.43 26.21
C VAL D 284 -25.68 -10.80 24.85
N MET D 285 -26.36 -11.55 23.98
CA MET D 285 -26.69 -11.07 22.64
C MET D 285 -27.37 -9.72 22.68
N GLU D 286 -27.87 -9.35 23.85
CA GLU D 286 -28.56 -8.07 24.06
C GLU D 286 -27.61 -6.89 23.92
N ALA D 287 -26.37 -7.09 24.34
CA ALA D 287 -25.36 -6.04 24.30
C ALA D 287 -24.89 -5.77 22.88
N ALA D 288 -25.10 -6.74 22.00
CA ALA D 288 -24.71 -6.62 20.59
C ALA D 288 -25.47 -5.50 19.86
N ASP D 289 -24.75 -4.78 19.00
CA ASP D 289 -25.34 -3.69 18.21
C ASP D 289 -25.53 -4.20 16.79
N LEU D 290 -24.89 -5.32 16.49
CA LEU D 290 -24.98 -5.97 15.19
C LEU D 290 -24.90 -7.48 15.47
N LEU D 291 -25.87 -8.21 14.94
CA LEU D 291 -25.91 -9.65 15.15
C LEU D 291 -25.73 -10.41 13.84
N HIS D 292 -24.95 -11.48 13.87
CA HIS D 292 -24.71 -12.32 12.69
C HIS D 292 -25.03 -13.78 12.98
N GLY D 293 -25.80 -14.40 12.09
CA GLY D 293 -26.15 -15.79 12.28
C GLY D 293 -25.43 -16.68 11.28
N VAL D 294 -24.84 -17.76 11.77
CA VAL D 294 -24.14 -18.69 10.90
C VAL D 294 -24.81 -20.05 10.92
N THR D 295 -24.91 -20.66 9.75
CA THR D 295 -25.52 -21.95 9.62
C THR D 295 -24.84 -22.64 8.45
N MET D 296 -24.53 -23.91 8.65
CA MET D 296 -23.87 -24.71 7.64
C MET D 296 -24.94 -25.67 7.14
N VAL D 297 -24.98 -25.90 5.83
CA VAL D 297 -25.98 -26.82 5.31
C VAL D 297 -25.29 -28.13 4.89
N ASN D 298 -24.61 -28.17 3.75
CA ASN D 298 -23.94 -29.43 3.45
C ASN D 298 -22.67 -29.33 4.30
N GLY D 299 -21.59 -28.95 3.66
CA GLY D 299 -20.33 -28.79 4.38
C GLY D 299 -19.93 -27.35 4.18
N VAL D 300 -20.92 -26.53 3.80
CA VAL D 300 -20.72 -25.11 3.58
C VAL D 300 -21.57 -24.26 4.52
N SER D 301 -20.89 -23.32 5.19
CA SER D 301 -21.49 -22.39 6.15
C SER D 301 -21.85 -21.07 5.44
N ALA D 302 -22.93 -20.44 5.90
CA ALA D 302 -23.38 -19.19 5.33
C ALA D 302 -23.72 -18.21 6.46
N ILE D 303 -23.25 -16.98 6.35
CA ILE D 303 -23.50 -15.98 7.38
C ILE D 303 -24.52 -14.98 6.92
N VAL D 304 -25.57 -14.82 7.69
CA VAL D 304 -26.63 -13.91 7.33
C VAL D 304 -27.15 -13.15 8.51
N PRO D 305 -26.98 -11.81 8.52
CA PRO D 305 -27.47 -11.01 9.66
C PRO D 305 -28.95 -11.27 10.05
N VAL D 306 -29.18 -11.37 11.36
CA VAL D 306 -30.49 -11.63 11.92
C VAL D 306 -30.87 -10.53 12.87
N GLU D 307 -32.11 -10.57 13.35
CA GLU D 307 -32.56 -9.55 14.28
C GLU D 307 -33.09 -10.13 15.60
N VAL D 308 -32.62 -9.59 16.72
CA VAL D 308 -33.03 -10.05 18.05
C VAL D 308 -34.52 -9.75 18.32
N MET E 1 -38.26 2.45 53.17
CA MET E 1 -36.78 2.44 53.01
C MET E 1 -36.06 2.48 54.36
N ARG E 2 -35.07 1.61 54.50
CA ARG E 2 -34.33 1.54 55.74
C ARG E 2 -32.82 1.59 55.53
N LEU E 3 -32.12 2.03 56.57
CA LEU E 3 -30.67 2.07 56.56
C LEU E 3 -30.32 0.63 57.00
N LYS E 4 -29.50 -0.06 56.21
CA LYS E 4 -29.18 -1.43 56.55
C LYS E 4 -27.76 -1.68 57.01
N LYS E 5 -26.80 -0.97 56.42
CA LYS E 5 -25.41 -1.15 56.78
C LYS E 5 -24.56 0.11 56.64
N LEU E 6 -23.59 0.25 57.55
CA LEU E 6 -22.65 1.37 57.59
C LEU E 6 -21.27 0.73 57.50
N TYR E 7 -20.40 1.29 56.65
CA TYR E 7 -19.03 0.77 56.53
C TYR E 7 -18.01 1.89 56.67
N LEU E 8 -17.12 1.74 57.65
CA LEU E 8 -16.09 2.73 57.91
C LEU E 8 -14.72 2.17 57.57
N LYS E 9 -13.78 3.05 57.24
CA LYS E 9 -12.41 2.64 56.92
C LYS E 9 -11.54 3.85 56.66
N GLY E 10 -10.84 4.28 57.69
CA GLY E 10 -9.98 5.45 57.56
C GLY E 10 -10.70 6.74 57.85
N PHE E 11 -11.86 6.65 58.49
CA PHE E 11 -12.63 7.86 58.84
C PHE E 11 -12.50 8.22 60.31
N LYS E 12 -11.91 9.37 60.56
CA LYS E 12 -11.69 9.84 61.93
C LYS E 12 -11.11 8.73 62.82
N SER E 13 -11.65 8.56 64.02
CA SER E 13 -11.11 7.55 64.93
C SER E 13 -11.19 6.07 64.49
N PHE E 14 -11.79 5.80 63.34
CA PHE E 14 -11.90 4.41 62.88
C PHE E 14 -10.80 4.06 61.89
N GLY E 15 -9.68 3.60 62.43
CA GLY E 15 -8.55 3.23 61.59
C GLY E 15 -8.67 1.88 60.92
N ARG E 16 -9.33 0.94 61.58
CA ARG E 16 -9.52 -0.39 61.01
C ARG E 16 -10.91 -0.48 60.42
N PRO E 17 -11.08 -1.30 59.36
CA PRO E 17 -12.34 -1.52 58.64
C PRO E 17 -13.48 -1.95 59.57
N SER E 18 -14.49 -1.11 59.71
CA SER E 18 -15.62 -1.42 60.58
C SER E 18 -16.91 -1.63 59.81
N LEU E 19 -17.75 -2.55 60.29
CA LEU E 19 -19.02 -2.85 59.61
C LEU E 19 -20.15 -2.97 60.60
N ILE E 20 -21.11 -2.04 60.53
CA ILE E 20 -22.28 -2.02 61.44
C ILE E 20 -23.60 -2.39 60.74
N GLY E 21 -24.44 -3.16 61.45
CA GLY E 21 -25.73 -3.54 60.91
C GLY E 21 -26.78 -2.79 61.69
N PHE E 22 -27.96 -2.60 61.11
CA PHE E 22 -29.03 -1.87 61.80
C PHE E 22 -30.35 -2.63 61.85
N SER E 23 -31.04 -2.52 62.97
CA SER E 23 -32.33 -3.17 63.14
C SER E 23 -33.38 -2.38 62.36
N ASP E 24 -34.47 -3.03 61.99
CA ASP E 24 -35.53 -2.36 61.25
C ASP E 24 -36.22 -1.39 62.20
N ARG E 25 -35.95 -1.59 63.49
CA ARG E 25 -36.53 -0.74 64.52
C ARG E 25 -35.51 0.08 65.28
N VAL E 26 -35.39 -0.19 66.57
CA VAL E 26 -34.45 0.54 67.41
C VAL E 26 -33.08 -0.10 67.46
N THR E 27 -32.04 0.66 67.14
CA THR E 27 -30.68 0.16 67.19
C THR E 27 -30.00 1.10 68.14
N ALA E 28 -29.34 0.55 69.16
CA ALA E 28 -28.66 1.40 70.13
C ALA E 28 -27.13 1.31 70.08
N ILE E 29 -26.49 2.47 70.00
CA ILE E 29 -25.04 2.58 69.97
C ILE E 29 -24.58 3.05 71.35
N VAL E 30 -23.94 2.14 72.07
CA VAL E 30 -23.48 2.42 73.42
C VAL E 30 -21.96 2.37 73.55
N GLY E 31 -21.45 3.05 74.58
CA GLY E 31 -20.02 3.03 74.82
C GLY E 31 -19.51 4.18 75.68
N PRO E 32 -18.30 4.02 76.28
CA PRO E 32 -17.61 4.99 77.14
C PRO E 32 -17.48 6.35 76.47
N ASN E 33 -16.99 7.34 77.20
CA ASN E 33 -16.86 8.66 76.61
C ASN E 33 -15.88 8.69 75.42
N GLY E 34 -14.63 8.35 75.70
CA GLY E 34 -13.60 8.34 74.66
C GLY E 34 -14.07 7.67 73.38
N SER E 35 -13.88 6.35 73.33
CA SER E 35 -14.28 5.47 72.21
C SER E 35 -14.60 6.07 70.83
N GLY E 36 -15.39 7.13 70.80
CA GLY E 36 -15.72 7.75 69.52
C GLY E 36 -17.07 7.32 69.02
N LYS E 37 -18.03 7.32 69.94
CA LYS E 37 -19.40 6.94 69.63
C LYS E 37 -19.90 7.89 68.52
N SER E 38 -19.92 9.18 68.82
CA SER E 38 -20.37 10.23 67.91
C SER E 38 -19.75 10.28 66.51
N ASN E 39 -18.62 9.62 66.32
CA ASN E 39 -17.98 9.62 65.01
C ASN E 39 -18.81 8.85 63.98
N ILE E 40 -19.65 7.96 64.47
CA ILE E 40 -20.51 7.17 63.58
C ILE E 40 -21.56 8.05 62.93
N ILE E 41 -22.18 8.96 63.69
CA ILE E 41 -23.16 9.88 63.12
C ILE E 41 -22.44 10.83 62.18
N ASP E 42 -21.24 11.28 62.55
CA ASP E 42 -20.49 12.19 61.70
C ASP E 42 -20.26 11.59 60.32
N ALA E 43 -19.97 10.29 60.30
CA ALA E 43 -19.73 9.56 59.05
C ALA E 43 -20.96 9.63 58.15
N ILE E 44 -22.13 9.42 58.73
CA ILE E 44 -23.40 9.48 58.01
C ILE E 44 -23.59 10.84 57.33
N LYS E 45 -23.36 11.93 58.05
CA LYS E 45 -23.49 13.27 57.49
C LYS E 45 -22.40 13.52 56.44
N TRP E 46 -21.20 12.99 56.70
CA TRP E 46 -20.08 13.16 55.78
C TRP E 46 -20.34 12.53 54.42
N VAL E 47 -20.89 11.30 54.42
CA VAL E 47 -21.14 10.60 53.16
C VAL E 47 -22.17 11.35 52.30
N PHE E 48 -22.90 12.28 52.91
CA PHE E 48 -23.84 13.10 52.17
C PHE E 48 -23.16 14.49 52.06
N GLY E 49 -23.87 15.53 52.50
CA GLY E 49 -23.29 16.87 52.42
C GLY E 49 -22.20 17.17 53.46
N GLU E 50 -22.64 17.47 54.68
CA GLU E 50 -21.80 17.82 55.83
C GLU E 50 -20.48 17.07 55.99
N LYS E 61 -7.70 20.44 56.27
CA LYS E 61 -8.52 19.74 55.27
C LYS E 61 -8.62 18.25 55.51
N PHE E 62 -7.55 17.55 55.16
CA PHE E 62 -7.52 16.11 55.32
C PHE E 62 -7.63 15.60 56.76
N ASP E 63 -7.95 16.47 57.72
CA ASP E 63 -8.04 15.99 59.09
C ASP E 63 -9.33 15.22 59.41
N MET E 64 -10.03 14.80 58.37
CA MET E 64 -11.25 14.02 58.54
C MET E 64 -10.80 12.55 58.38
N ILE E 65 -9.65 12.37 57.75
CA ILE E 65 -9.05 11.07 57.51
C ILE E 65 -8.27 10.60 58.73
N PHE E 66 -8.34 9.30 59.02
CA PHE E 66 -7.63 8.71 60.14
C PHE E 66 -6.15 9.09 60.04
N ALA E 67 -5.60 9.65 61.12
CA ALA E 67 -4.23 10.11 61.11
C ALA E 67 -3.19 9.13 61.70
N GLY E 68 -3.56 7.86 61.85
CA GLY E 68 -2.62 6.89 62.41
C GLY E 68 -2.72 6.73 63.92
N SER E 69 -2.19 5.61 64.43
CA SER E 69 -2.21 5.31 65.86
C SER E 69 -0.86 4.76 66.30
N GLU E 70 -0.81 4.27 67.54
CA GLU E 70 0.41 3.69 68.10
C GLU E 70 1.16 2.89 67.05
N ASN E 71 0.47 1.93 66.44
CA ASN E 71 1.08 1.12 65.40
C ASN E 71 0.14 0.85 64.21
N LEU E 72 -0.40 1.95 63.71
CA LEU E 72 -1.26 1.98 62.53
C LEU E 72 -0.93 3.29 61.82
N PRO E 73 -0.38 3.19 60.60
CA PRO E 73 0.00 4.35 59.80
C PRO E 73 -1.21 5.17 59.40
N PRO E 74 -1.02 6.48 59.17
CA PRO E 74 -2.20 7.26 58.77
C PRO E 74 -2.81 6.69 57.47
N ALA E 75 -4.14 6.59 57.45
CA ALA E 75 -4.85 6.02 56.29
C ALA E 75 -4.65 6.82 55.01
N GLY E 76 -4.63 6.07 53.90
CA GLY E 76 -4.44 6.67 52.59
C GLY E 76 -5.65 7.46 52.11
N SER E 77 -6.76 7.30 52.82
CA SER E 77 -8.01 7.97 52.49
C SER E 77 -9.10 7.61 53.49
N ALA E 78 -10.15 8.42 53.50
CA ALA E 78 -11.31 8.17 54.35
C ALA E 78 -12.34 7.55 53.42
N TYR E 79 -12.98 6.45 53.85
CA TYR E 79 -13.98 5.81 53.01
C TYR E 79 -15.20 5.45 53.84
N VAL E 80 -16.36 5.98 53.46
CA VAL E 80 -17.59 5.67 54.17
C VAL E 80 -18.64 5.17 53.18
N GLU E 81 -19.47 4.22 53.62
CA GLU E 81 -20.49 3.64 52.75
C GLU E 81 -21.78 3.20 53.46
N LEU E 82 -22.91 3.63 52.91
CA LEU E 82 -24.22 3.29 53.46
C LEU E 82 -24.99 2.39 52.50
N VAL E 83 -25.79 1.50 53.04
CA VAL E 83 -26.58 0.62 52.19
C VAL E 83 -28.01 0.61 52.67
N PHE E 84 -28.88 1.19 51.86
CA PHE E 84 -30.31 1.25 52.16
C PHE E 84 -30.99 0.14 51.34
N GLU E 85 -32.25 -0.12 51.66
CA GLU E 85 -33.04 -1.09 50.93
C GLU E 85 -34.44 -0.50 50.74
N GLU E 86 -34.86 -0.44 49.47
CA GLU E 86 -36.17 0.11 49.09
C GLU E 86 -37.21 -1.00 49.09
N ASN E 87 -37.58 -1.46 47.92
CA ASN E 87 -38.57 -2.52 47.81
C ASN E 87 -37.78 -3.78 47.50
N GLY E 88 -37.18 -4.37 48.54
CA GLY E 88 -36.36 -5.54 48.34
C GLY E 88 -35.17 -5.17 47.48
N GLU E 89 -35.03 -3.86 47.28
CA GLU E 89 -33.94 -3.29 46.49
C GLU E 89 -32.85 -2.73 47.38
N GLU E 90 -31.65 -2.59 46.83
CA GLU E 90 -30.54 -2.05 47.59
C GLU E 90 -29.99 -0.79 46.95
N ILE E 91 -29.88 0.27 47.74
CA ILE E 91 -29.34 1.54 47.26
C ILE E 91 -28.04 1.71 48.03
N THR E 92 -26.93 1.89 47.31
CA THR E 92 -25.63 2.04 47.96
C THR E 92 -25.03 3.43 47.71
N VAL E 93 -24.73 4.12 48.80
CA VAL E 93 -24.12 5.46 48.71
C VAL E 93 -22.75 5.41 49.38
N ALA E 94 -21.74 6.01 48.74
CA ALA E 94 -20.41 6.01 49.29
C ALA E 94 -19.62 7.25 48.91
N ARG E 95 -18.61 7.57 49.72
CA ARG E 95 -17.75 8.71 49.47
C ARG E 95 -16.31 8.43 49.88
N GLU E 96 -15.36 8.82 49.03
CA GLU E 96 -13.96 8.58 49.32
C GLU E 96 -13.07 9.81 49.10
N LEU E 97 -12.43 10.28 50.18
CA LEU E 97 -11.54 11.43 50.14
C LEU E 97 -10.12 10.94 50.30
N LYS E 98 -9.32 11.06 49.25
CA LYS E 98 -7.93 10.62 49.30
C LYS E 98 -7.01 11.71 49.85
N ARG E 99 -5.84 11.29 50.36
CA ARG E 99 -4.88 12.24 50.91
C ARG E 99 -4.36 13.15 49.79
N THR E 100 -4.36 12.62 48.58
CA THR E 100 -3.92 13.39 47.40
C THR E 100 -4.81 14.63 47.21
N GLY E 101 -6.07 14.54 47.62
CA GLY E 101 -6.99 15.66 47.48
C GLY E 101 -8.25 15.28 46.71
N GLU E 102 -8.14 14.16 46.00
CA GLU E 102 -9.20 13.62 45.16
C GLU E 102 -10.44 13.09 45.92
N ASN E 103 -11.49 13.91 45.98
CA ASN E 103 -12.74 13.52 46.65
C ASN E 103 -13.73 12.99 45.60
N THR E 104 -14.50 11.95 45.94
CA THR E 104 -15.44 11.37 44.98
C THR E 104 -16.65 10.62 45.60
N TYR E 105 -17.84 10.83 45.03
CA TYR E 105 -19.07 10.17 45.51
C TYR E 105 -19.48 9.01 44.62
N TYR E 106 -20.22 8.05 45.18
CA TYR E 106 -20.68 6.89 44.40
C TYR E 106 -22.14 6.58 44.69
N LEU E 107 -22.80 6.02 43.68
CA LEU E 107 -24.20 5.63 43.82
C LEU E 107 -24.32 4.33 43.05
N ASN E 108 -24.51 3.24 43.77
CA ASN E 108 -24.61 1.91 43.20
C ASN E 108 -23.42 1.51 42.33
N GLY E 109 -22.22 1.82 42.81
CA GLY E 109 -21.01 1.46 42.11
C GLY E 109 -20.55 2.42 41.03
N SER E 110 -21.30 3.50 40.81
CA SER E 110 -20.91 4.43 39.76
C SER E 110 -20.54 5.81 40.28
N PRO E 111 -19.39 6.34 39.85
CA PRO E 111 -19.01 7.67 40.31
C PRO E 111 -20.12 8.61 39.93
N VAL E 112 -20.45 9.53 40.80
CA VAL E 112 -21.53 10.43 40.52
C VAL E 112 -21.41 11.75 41.27
N ARG E 113 -22.09 12.76 40.77
CA ARG E 113 -22.08 14.11 41.34
C ARG E 113 -22.79 14.07 42.69
N LEU E 114 -22.41 14.97 43.61
CA LEU E 114 -23.03 15.00 44.94
C LEU E 114 -24.52 15.25 44.79
N LYS E 115 -24.86 16.17 43.90
CA LYS E 115 -26.25 16.51 43.66
C LYS E 115 -27.10 15.26 43.37
N ASP E 116 -26.51 14.30 42.65
CA ASP E 116 -27.20 13.07 42.32
C ASP E 116 -27.58 12.25 43.56
N ILE E 117 -26.72 12.31 44.58
CA ILE E 117 -26.99 11.59 45.83
C ILE E 117 -28.16 12.28 46.52
N ARG E 118 -28.09 13.60 46.63
CA ARG E 118 -29.14 14.39 47.26
C ARG E 118 -30.50 14.13 46.63
N ASP E 119 -30.52 14.14 45.31
CA ASP E 119 -31.75 13.89 44.56
C ASP E 119 -32.35 12.54 44.88
N ARG E 120 -31.52 11.50 44.86
CA ARG E 120 -32.00 10.14 45.13
C ARG E 120 -32.69 10.04 46.49
N PHE E 121 -32.37 10.95 47.41
CA PHE E 121 -32.98 10.95 48.74
C PHE E 121 -33.74 12.25 48.97
N ALA E 122 -34.84 12.40 48.23
CA ALA E 122 -35.67 13.61 48.28
C ALA E 122 -36.31 13.99 49.62
N GLY E 123 -37.43 13.35 49.95
CA GLY E 123 -38.14 13.67 51.19
C GLY E 123 -37.51 13.16 52.47
N THR E 124 -36.23 13.47 52.65
CA THR E 124 -35.46 13.06 53.81
C THR E 124 -34.51 14.21 54.14
N GLY E 125 -34.11 14.33 55.40
CA GLY E 125 -33.20 15.41 55.75
C GLY E 125 -31.84 15.25 55.10
N LEU E 126 -31.52 13.99 54.80
CA LEU E 126 -30.26 13.61 54.19
C LEU E 126 -29.81 14.52 53.05
N GLY E 127 -28.62 15.08 53.19
CA GLY E 127 -28.08 15.95 52.17
C GLY E 127 -28.20 17.43 52.46
N VAL E 128 -29.42 17.89 52.73
CA VAL E 128 -29.66 19.30 53.01
C VAL E 128 -29.47 19.74 54.45
N ASP E 129 -30.57 19.84 55.21
CA ASP E 129 -30.52 20.29 56.61
C ASP E 129 -30.41 19.20 57.69
N PHE E 130 -30.60 17.94 57.31
CA PHE E 130 -30.51 16.82 58.26
C PHE E 130 -31.42 16.96 59.48
N TYR E 131 -32.72 16.93 59.29
CA TYR E 131 -33.62 17.05 60.43
C TYR E 131 -33.80 15.68 61.08
N SER E 132 -33.25 14.65 60.42
CA SER E 132 -33.33 13.28 60.89
C SER E 132 -32.40 13.07 62.08
N ILE E 133 -31.31 13.84 62.14
CA ILE E 133 -30.33 13.76 63.22
C ILE E 133 -30.76 14.79 64.25
N VAL E 134 -31.24 14.34 65.41
CA VAL E 134 -31.71 15.23 66.45
C VAL E 134 -30.99 15.06 67.78
N GLY E 135 -30.56 16.18 68.37
CA GLY E 135 -29.88 16.15 69.64
C GLY E 135 -30.62 16.93 70.70
N GLN E 136 -30.12 16.88 71.93
CA GLN E 136 -30.72 17.58 73.06
C GLN E 136 -31.02 19.05 72.73
N GLY E 137 -30.20 19.61 71.84
CA GLY E 137 -30.38 20.99 71.44
C GLY E 137 -31.69 21.20 70.70
N GLN E 138 -31.85 20.55 69.55
CA GLN E 138 -33.06 20.68 68.74
C GLN E 138 -34.31 20.43 69.55
N ILE E 139 -34.23 19.53 70.53
CA ILE E 139 -35.38 19.23 71.37
C ILE E 139 -35.82 20.51 72.06
N ASP E 140 -34.87 21.21 72.66
CA ASP E 140 -35.15 22.46 73.37
C ASP E 140 -35.58 23.59 72.46
N ARG E 141 -34.97 23.69 71.29
CA ARG E 141 -35.31 24.74 70.33
C ARG E 141 -36.63 24.53 69.60
N ILE E 142 -37.21 23.33 69.73
CA ILE E 142 -38.49 23.03 69.09
C ILE E 142 -39.58 23.29 70.14
N VAL E 143 -39.23 23.11 71.40
CA VAL E 143 -40.16 23.33 72.51
C VAL E 143 -40.27 24.82 72.80
N ASN E 144 -39.33 25.61 72.26
CA ASN E 144 -39.31 27.06 72.46
C ASN E 144 -39.37 27.86 71.17
N ALA E 145 -39.96 27.27 70.13
CA ALA E 145 -40.09 27.92 68.82
C ALA E 145 -41.49 28.50 68.63
N TYR E 167 -50.94 19.47 59.41
CA TYR E 167 -51.03 20.13 60.72
C TYR E 167 -51.93 19.32 61.67
N GLN E 168 -53.16 19.04 61.23
CA GLN E 168 -54.07 18.28 62.07
C GLN E 168 -53.49 16.89 62.32
N ARG E 169 -52.73 16.40 61.35
CA ARG E 169 -52.11 15.09 61.48
C ARG E 169 -51.09 15.14 62.62
N VAL E 170 -50.50 16.32 62.83
CA VAL E 170 -49.51 16.52 63.88
C VAL E 170 -50.17 16.68 65.24
N ASN E 171 -50.92 17.76 65.40
CA ASN E 171 -51.60 18.05 66.67
C ASN E 171 -52.40 16.81 67.14
N GLU E 172 -52.85 16.02 66.17
CA GLU E 172 -53.62 14.81 66.45
C GLU E 172 -52.70 13.70 66.95
N SER E 173 -51.50 13.63 66.40
CA SER E 173 -50.52 12.61 66.81
C SER E 173 -49.91 12.97 68.15
N PHE E 174 -49.70 14.27 68.37
CA PHE E 174 -49.14 14.76 69.62
C PHE E 174 -50.03 14.26 70.76
N ASN E 175 -51.34 14.32 70.56
CA ASN E 175 -52.30 13.88 71.57
C ASN E 175 -52.13 12.40 71.87
N ARG E 176 -52.14 11.58 70.82
CA ARG E 176 -52.01 10.15 70.98
C ARG E 176 -50.79 9.77 71.82
N PHE E 177 -49.67 10.43 71.54
CA PHE E 177 -48.43 10.17 72.26
C PHE E 177 -48.45 10.58 73.72
N ILE E 178 -49.07 11.72 74.01
CA ILE E 178 -49.15 12.18 75.38
C ILE E 178 -49.98 11.19 76.19
N SER E 179 -51.07 10.67 75.60
CA SER E 179 -51.93 9.70 76.28
C SER E 179 -51.13 8.44 76.56
N LEU E 180 -50.37 8.01 75.55
CA LEU E 180 -49.56 6.82 75.69
C LEU E 180 -48.58 7.01 76.84
N LEU E 181 -48.01 8.21 76.93
CA LEU E 181 -47.04 8.52 77.98
C LEU E 181 -47.56 8.48 79.41
N PHE E 182 -48.74 9.05 79.63
CA PHE E 182 -49.32 9.08 80.99
C PHE E 182 -50.49 8.14 81.22
N PHE E 183 -50.77 7.27 80.25
CA PHE E 183 -51.87 6.32 80.36
C PHE E 183 -53.25 6.95 80.41
N GLY E 184 -53.51 7.95 79.57
CA GLY E 184 -54.85 8.52 79.56
C GLY E 184 -55.16 9.97 79.33
N GLY E 185 -54.21 10.86 79.61
CA GLY E 185 -54.50 12.27 79.45
C GLY E 185 -54.83 12.77 78.05
N GLU E 186 -54.41 13.99 77.78
CA GLU E 186 -54.60 14.64 76.49
C GLU E 186 -53.46 15.63 76.28
N GLY E 187 -53.20 15.96 75.01
CA GLY E 187 -52.17 16.91 74.66
C GLY E 187 -52.73 17.89 73.65
N ARG E 188 -52.46 19.18 73.83
CA ARG E 188 -52.97 20.20 72.93
C ARG E 188 -51.91 21.17 72.40
N LEU E 189 -52.04 21.51 71.11
CA LEU E 189 -51.14 22.44 70.42
C LEU E 189 -51.94 23.60 69.79
N GLU E 204 -47.88 27.11 72.10
CA GLU E 204 -48.37 26.80 73.44
C GLU E 204 -48.81 25.35 73.61
N ILE E 205 -48.34 24.72 74.67
CA ILE E 205 -48.66 23.33 74.95
C ILE E 205 -49.46 23.14 76.24
N SER E 206 -50.50 22.31 76.15
CA SER E 206 -51.37 21.97 77.27
C SER E 206 -51.34 20.47 77.48
N ILE E 207 -51.12 20.04 78.71
CA ILE E 207 -51.07 18.62 79.01
C ILE E 207 -51.99 18.31 80.17
N ARG E 208 -53.02 17.52 79.89
CA ARG E 208 -53.97 17.13 80.93
C ARG E 208 -53.80 15.67 81.32
N LYS E 209 -53.29 15.42 82.54
CA LYS E 209 -53.10 14.05 83.02
C LYS E 209 -54.47 13.41 83.30
N PRO E 210 -54.55 12.06 83.28
CA PRO E 210 -55.80 11.32 83.52
C PRO E 210 -56.78 11.84 84.58
N GLY E 211 -56.61 11.46 85.84
CA GLY E 211 -57.56 11.95 86.83
C GLY E 211 -57.50 13.46 87.10
N ARG E 212 -56.72 14.19 86.31
CA ARG E 212 -56.58 15.61 86.55
C ARG E 212 -57.27 16.57 85.58
N ARG E 213 -56.94 17.84 85.76
CA ARG E 213 -57.49 18.94 84.99
C ARG E 213 -56.43 19.52 84.06
N ASP E 214 -56.84 20.33 83.09
CA ASP E 214 -55.88 20.91 82.13
C ASP E 214 -54.68 21.55 82.81
N GLN E 215 -53.57 21.70 82.09
CA GLN E 215 -52.34 22.26 82.67
C GLN E 215 -51.43 22.85 81.59
N LYS E 216 -50.64 23.86 81.98
CA LYS E 216 -49.70 24.51 81.05
C LYS E 216 -48.32 23.90 81.21
N LEU E 217 -47.69 23.54 80.08
CA LEU E 217 -46.36 22.93 80.10
C LEU E 217 -45.43 23.61 81.11
N SER E 218 -45.62 24.91 81.25
CA SER E 218 -44.85 25.76 82.14
C SER E 218 -44.64 25.18 83.53
N LEU E 219 -45.73 24.90 84.23
CA LEU E 219 -45.65 24.36 85.59
C LEU E 219 -45.61 22.84 85.67
N LEU E 220 -44.93 22.24 84.71
CA LEU E 220 -44.82 20.80 84.66
C LEU E 220 -43.41 20.43 85.16
N SER E 221 -43.24 19.16 85.56
CA SER E 221 -41.94 18.67 86.05
C SER E 221 -40.84 18.96 85.04
N GLY E 222 -39.59 18.85 85.47
CA GLY E 222 -38.48 19.09 84.55
C GLY E 222 -38.30 17.90 83.62
N GLY E 223 -38.27 16.71 84.20
CA GLY E 223 -38.10 15.49 83.42
C GLY E 223 -39.32 15.20 82.60
N GLU E 224 -40.46 15.73 83.06
CA GLU E 224 -41.71 15.54 82.35
C GLU E 224 -41.72 16.43 81.11
N LYS E 225 -41.23 17.67 81.25
CA LYS E 225 -41.17 18.59 80.11
C LYS E 225 -40.36 17.93 78.99
N ALA E 226 -39.30 17.24 79.39
CA ALA E 226 -38.42 16.56 78.44
C ALA E 226 -39.23 15.55 77.64
N LEU E 227 -40.03 14.77 78.36
CA LEU E 227 -40.89 13.75 77.76
C LEU E 227 -41.80 14.35 76.69
N VAL E 228 -42.58 15.36 77.08
CA VAL E 228 -43.50 16.00 76.12
C VAL E 228 -42.74 16.61 74.94
N GLY E 229 -41.49 17.02 75.16
CA GLY E 229 -40.71 17.58 74.09
C GLY E 229 -40.46 16.49 73.05
N LEU E 230 -40.02 15.33 73.55
CA LEU E 230 -39.79 14.17 72.70
C LEU E 230 -41.07 13.80 71.97
N ALA E 231 -42.20 13.94 72.67
CA ALA E 231 -43.50 13.63 72.10
C ALA E 231 -43.78 14.54 70.92
N LEU E 232 -43.39 15.81 71.04
CA LEU E 232 -43.61 16.78 69.98
C LEU E 232 -42.76 16.41 68.77
N LEU E 233 -41.50 16.09 69.03
CA LEU E 233 -40.59 15.73 67.94
C LEU E 233 -41.17 14.56 67.14
N PHE E 234 -41.64 13.54 67.85
CA PHE E 234 -42.21 12.37 67.21
C PHE E 234 -43.44 12.74 66.38
N ALA E 235 -44.22 13.68 66.89
CA ALA E 235 -45.43 14.12 66.19
C ALA E 235 -45.07 14.85 64.91
N LEU E 236 -44.08 15.73 64.99
CA LEU E 236 -43.64 16.51 63.84
C LEU E 236 -43.06 15.64 62.72
N MET E 237 -42.76 14.39 63.03
CA MET E 237 -42.24 13.46 62.02
C MET E 237 -43.30 13.20 60.95
N GLU E 238 -44.49 13.73 61.17
CA GLU E 238 -45.59 13.57 60.24
C GLU E 238 -45.38 14.43 59.00
N ILE E 239 -44.64 15.53 59.17
CA ILE E 239 -44.34 16.46 58.08
C ILE E 239 -42.84 16.53 57.82
N LYS E 240 -42.09 15.70 58.55
CA LYS E 240 -40.65 15.62 58.42
C LYS E 240 -40.31 14.13 58.20
N PRO E 241 -40.84 13.52 57.12
CA PRO E 241 -40.56 12.11 56.85
C PRO E 241 -39.08 11.81 56.63
N SER E 242 -38.70 10.56 56.88
CA SER E 242 -37.32 10.12 56.71
C SER E 242 -37.21 8.63 57.01
N PRO E 243 -36.29 7.93 56.33
CA PRO E 243 -36.11 6.50 56.54
C PRO E 243 -35.77 6.17 57.99
N PHE E 244 -34.82 6.92 58.54
CA PHE E 244 -34.42 6.70 59.92
C PHE E 244 -34.22 8.02 60.65
N TYR E 245 -34.24 7.94 61.97
CA TYR E 245 -34.05 9.11 62.82
C TYR E 245 -32.96 8.77 63.82
N VAL E 246 -32.10 9.74 64.14
CA VAL E 246 -31.02 9.52 65.10
C VAL E 246 -31.29 10.35 66.35
N LEU E 247 -31.34 9.68 67.50
CA LEU E 247 -31.58 10.34 68.75
C LEU E 247 -30.26 10.32 69.52
N ASP E 248 -29.58 11.46 69.52
CA ASP E 248 -28.28 11.63 70.16
C ASP E 248 -28.34 12.10 71.62
N GLU E 249 -28.25 11.16 72.56
CA GLU E 249 -28.29 11.49 73.98
C GLU E 249 -29.45 12.38 74.39
N VAL E 250 -30.68 11.92 74.15
CA VAL E 250 -31.85 12.71 74.47
C VAL E 250 -32.57 12.27 75.75
N ASP E 251 -31.86 11.54 76.60
CA ASP E 251 -32.44 11.01 77.83
C ASP E 251 -31.75 11.48 79.10
N SER E 252 -30.99 12.57 78.99
CA SER E 252 -30.29 13.11 80.15
C SER E 252 -31.28 13.49 81.25
N PRO E 253 -32.17 14.45 80.97
CA PRO E 253 -33.17 14.87 81.96
C PRO E 253 -34.17 13.80 82.42
N LEU E 254 -34.11 12.63 81.80
CA LEU E 254 -35.02 11.54 82.15
C LEU E 254 -34.49 10.67 83.27
N ASP E 255 -35.27 10.55 84.35
CA ASP E 255 -34.89 9.71 85.48
C ASP E 255 -35.43 8.32 85.18
N ASP E 256 -35.25 7.39 86.11
CA ASP E 256 -35.73 6.02 85.88
C ASP E 256 -37.19 5.84 85.54
N TYR E 257 -38.07 6.61 86.18
CA TYR E 257 -39.50 6.50 85.91
C TYR E 257 -39.85 7.05 84.54
N ASN E 258 -39.36 8.25 84.25
CA ASN E 258 -39.63 8.86 82.96
C ASN E 258 -38.97 8.08 81.85
N ALA E 259 -37.80 7.52 82.12
CA ALA E 259 -37.08 6.72 81.14
C ALA E 259 -37.95 5.55 80.70
N GLU E 260 -38.64 4.92 81.65
CA GLU E 260 -39.50 3.80 81.33
C GLU E 260 -40.61 4.25 80.40
N ARG E 261 -41.02 5.52 80.51
CA ARG E 261 -42.06 6.04 79.64
C ARG E 261 -41.51 6.28 78.25
N PHE E 262 -40.32 6.87 78.19
CA PHE E 262 -39.69 7.13 76.91
C PHE E 262 -39.53 5.80 76.18
N LYS E 263 -39.25 4.76 76.96
CA LYS E 263 -39.06 3.42 76.42
C LYS E 263 -40.32 2.89 75.75
N ARG E 264 -41.46 3.13 76.37
CA ARG E 264 -42.74 2.68 75.83
C ARG E 264 -43.12 3.50 74.58
N LEU E 265 -42.74 4.78 74.55
CA LEU E 265 -43.05 5.64 73.43
C LEU E 265 -42.19 5.20 72.23
N LEU E 266 -40.91 5.00 72.47
CA LEU E 266 -39.98 4.58 71.42
C LEU E 266 -40.46 3.32 70.70
N LYS E 267 -40.89 2.33 71.46
CA LYS E 267 -41.35 1.09 70.87
C LYS E 267 -42.60 1.24 70.02
N GLU E 268 -43.40 2.24 70.30
CA GLU E 268 -44.61 2.47 69.52
C GLU E 268 -44.25 3.08 68.17
N ASN E 269 -43.35 4.06 68.18
CA ASN E 269 -42.95 4.70 66.94
C ASN E 269 -42.09 3.80 66.08
N SER E 270 -41.24 3.00 66.72
CA SER E 270 -40.34 2.07 66.01
C SER E 270 -41.06 1.10 65.07
N LYS E 271 -42.38 1.06 65.15
CA LYS E 271 -43.19 0.17 64.32
C LYS E 271 -43.28 0.64 62.88
N HIS E 272 -43.10 1.94 62.63
CA HIS E 272 -43.19 2.46 61.27
C HIS E 272 -42.02 3.35 60.85
N THR E 273 -41.12 3.61 61.79
CA THR E 273 -39.93 4.43 61.54
C THR E 273 -38.82 3.73 62.30
N GLN E 274 -37.60 3.77 61.77
CA GLN E 274 -36.49 3.14 62.49
C GLN E 274 -35.63 4.19 63.17
N PHE E 275 -35.19 3.87 64.39
CA PHE E 275 -34.37 4.80 65.14
C PHE E 275 -32.98 4.26 65.51
N ILE E 276 -32.00 5.15 65.43
CA ILE E 276 -30.62 4.82 65.81
C ILE E 276 -30.43 5.69 67.07
N VAL E 277 -30.48 5.05 68.23
CA VAL E 277 -30.36 5.75 69.50
C VAL E 277 -28.99 5.59 70.13
N ILE E 278 -28.34 6.72 70.41
CA ILE E 278 -27.04 6.69 71.08
C ILE E 278 -27.28 7.22 72.50
N THR E 279 -27.25 6.27 73.44
CA THR E 279 -27.49 6.56 74.84
C THR E 279 -26.61 5.68 75.76
N HIS E 280 -26.46 6.14 77.00
CA HIS E 280 -25.69 5.38 77.98
C HIS E 280 -26.63 5.06 79.15
N ASN E 281 -27.92 5.22 78.91
CA ASN E 281 -28.98 4.96 79.90
C ASN E 281 -29.43 3.51 79.78
N LYS E 282 -29.22 2.73 80.83
CA LYS E 282 -29.58 1.32 80.80
C LYS E 282 -31.05 0.99 80.56
N ILE E 283 -31.96 1.91 80.88
CA ILE E 283 -33.38 1.66 80.65
C ILE E 283 -33.74 1.80 79.16
N VAL E 284 -33.21 2.85 78.54
CA VAL E 284 -33.46 3.10 77.13
C VAL E 284 -32.95 1.94 76.30
N MET E 285 -31.74 1.48 76.62
CA MET E 285 -31.12 0.37 75.90
C MET E 285 -32.03 -0.85 75.82
N GLU E 286 -33.06 -0.86 76.66
CA GLU E 286 -34.03 -1.95 76.69
C GLU E 286 -34.87 -2.01 75.43
N ALA E 287 -35.20 -0.84 74.88
CA ALA E 287 -36.01 -0.73 73.69
C ALA E 287 -35.26 -1.21 72.45
N ALA E 288 -33.93 -1.23 72.53
CA ALA E 288 -33.11 -1.65 71.41
C ALA E 288 -33.30 -3.12 71.05
N ASP E 289 -33.29 -3.40 69.74
CA ASP E 289 -33.44 -4.76 69.23
C ASP E 289 -32.08 -5.26 68.79
N LEU E 290 -31.15 -4.32 68.64
CA LEU E 290 -29.78 -4.59 68.25
C LEU E 290 -28.93 -3.59 69.03
N LEU E 291 -27.91 -4.10 69.71
CA LEU E 291 -27.02 -3.24 70.49
C LEU E 291 -25.59 -3.29 69.96
N HIS E 292 -24.95 -2.12 69.90
CA HIS E 292 -23.56 -2.03 69.44
C HIS E 292 -22.71 -1.30 70.45
N GLY E 293 -21.54 -1.89 70.75
CA GLY E 293 -20.64 -1.26 71.69
C GLY E 293 -19.40 -0.71 71.01
N VAL E 294 -19.02 0.52 71.35
CA VAL E 294 -17.83 1.11 70.76
C VAL E 294 -16.78 1.39 71.83
N THR E 295 -15.54 1.02 71.52
CA THR E 295 -14.44 1.21 72.44
C THR E 295 -13.22 1.68 71.66
N MET E 296 -12.42 2.51 72.32
CA MET E 296 -11.20 3.05 71.73
C MET E 296 -10.03 2.37 72.41
N VAL E 297 -9.39 1.44 71.71
CA VAL E 297 -8.24 0.72 72.24
C VAL E 297 -7.09 1.71 72.37
N ASN E 298 -6.06 1.57 71.55
CA ASN E 298 -4.96 2.53 71.58
C ASN E 298 -5.58 3.85 71.08
N GLY E 299 -5.25 4.24 69.85
CA GLY E 299 -5.82 5.46 69.31
C GLY E 299 -6.98 5.18 68.36
N VAL E 300 -7.14 3.91 68.01
CA VAL E 300 -8.20 3.48 67.10
C VAL E 300 -9.51 3.31 67.83
N SER E 301 -10.55 2.99 67.06
CA SER E 301 -11.88 2.74 67.60
C SER E 301 -12.27 1.36 67.15
N ALA E 302 -13.29 0.81 67.77
CA ALA E 302 -13.77 -0.52 67.43
C ALA E 302 -15.25 -0.63 67.77
N ILE E 303 -15.95 -1.53 67.07
CA ILE E 303 -17.36 -1.73 67.33
C ILE E 303 -17.61 -3.21 67.40
N VAL E 304 -17.73 -3.72 68.61
CA VAL E 304 -17.98 -5.13 68.82
C VAL E 304 -19.31 -5.34 69.55
N PRO E 305 -20.32 -5.91 68.85
CA PRO E 305 -21.60 -6.13 69.53
C PRO E 305 -21.48 -6.80 70.90
N VAL E 306 -22.36 -6.35 71.78
CA VAL E 306 -22.49 -6.83 73.15
C VAL E 306 -23.98 -7.10 73.35
N GLU E 307 -24.28 -7.95 74.34
CA GLU E 307 -25.67 -8.34 74.65
C GLU E 307 -26.12 -7.78 76.02
N VAL E 308 -27.35 -7.25 76.09
CA VAL E 308 -27.90 -6.69 77.32
C VAL E 308 -28.14 -7.77 78.40
N MET F 1 -63.27 -2.11 93.76
CA MET F 1 -63.06 -1.10 92.69
C MET F 1 -64.04 0.05 92.80
N ARG F 2 -63.54 1.28 92.64
CA ARG F 2 -64.40 2.44 92.74
C ARG F 2 -64.27 3.41 91.59
N LEU F 3 -65.33 4.17 91.34
CA LEU F 3 -65.32 5.19 90.30
C LEU F 3 -64.70 6.37 91.05
N LYS F 4 -63.65 6.95 90.49
CA LYS F 4 -63.00 8.06 91.15
C LYS F 4 -63.14 9.42 90.49
N LYS F 5 -63.12 9.46 89.17
CA LYS F 5 -63.26 10.71 88.47
C LYS F 5 -63.98 10.63 87.14
N LEU F 6 -64.72 11.69 86.81
CA LEU F 6 -65.45 11.77 85.55
C LEU F 6 -64.95 13.04 84.89
N TYR F 7 -64.69 12.99 83.58
CA TYR F 7 -64.22 14.17 82.86
C TYR F 7 -65.04 14.36 81.60
N LEU F 8 -65.65 15.52 81.47
CA LEU F 8 -66.45 15.86 80.30
C LEU F 8 -65.79 16.97 79.50
N LYS F 9 -66.16 17.06 78.23
CA LYS F 9 -65.59 18.10 77.37
C LYS F 9 -66.18 17.98 75.96
N GLY F 10 -67.23 18.75 75.72
CA GLY F 10 -67.84 18.71 74.41
C GLY F 10 -68.97 17.71 74.32
N PHE F 11 -69.38 17.18 75.47
CA PHE F 11 -70.45 16.19 75.50
C PHE F 11 -71.79 16.80 75.89
N LYS F 12 -72.74 16.76 74.96
CA LYS F 12 -74.07 17.31 75.19
C LYS F 12 -74.03 18.72 75.80
N SER F 13 -74.81 18.99 76.84
CA SER F 13 -74.79 20.34 77.41
C SER F 13 -73.48 20.82 78.06
N PHE F 14 -72.47 19.96 78.15
CA PHE F 14 -71.21 20.39 78.74
C PHE F 14 -70.22 20.90 77.71
N GLY F 15 -70.27 22.21 77.45
CA GLY F 15 -69.39 22.83 76.47
C GLY F 15 -68.00 23.08 77.01
N ARG F 16 -67.89 23.39 78.30
CA ARG F 16 -66.58 23.64 78.88
C ARG F 16 -66.10 22.41 79.64
N PRO F 17 -64.77 22.21 79.68
CA PRO F 17 -64.14 21.08 80.37
C PRO F 17 -64.60 20.97 81.81
N SER F 18 -65.26 19.87 82.15
CA SER F 18 -65.72 19.64 83.51
C SER F 18 -65.05 18.46 84.19
N LEU F 19 -64.82 18.57 85.50
CA LEU F 19 -64.14 17.48 86.22
C LEU F 19 -64.85 17.20 87.54
N ILE F 20 -65.39 15.99 87.68
CA ILE F 20 -66.12 15.60 88.90
C ILE F 20 -65.38 14.50 89.69
N GLY F 21 -65.42 14.62 91.02
CA GLY F 21 -64.79 13.63 91.86
C GLY F 21 -65.89 12.88 92.57
N PHE F 22 -65.61 11.66 93.01
CA PHE F 22 -66.62 10.85 93.69
C PHE F 22 -66.18 10.32 95.04
N SER F 23 -67.12 10.28 95.97
CA SER F 23 -66.86 9.77 97.31
C SER F 23 -66.83 8.24 97.26
N ASP F 24 -66.13 7.64 98.20
CA ASP F 24 -66.05 6.19 98.25
C ASP F 24 -67.41 5.65 98.66
N ARG F 25 -68.25 6.55 99.14
CA ARG F 25 -69.59 6.19 99.56
C ARG F 25 -70.66 6.88 98.75
N VAL F 26 -71.47 7.72 99.41
CA VAL F 26 -72.54 8.42 98.74
C VAL F 26 -72.09 9.74 98.15
N THR F 27 -72.35 9.94 96.86
CA THR F 27 -72.03 11.19 96.20
C THR F 27 -73.36 11.65 95.65
N ALA F 28 -73.74 12.89 95.94
CA ALA F 28 -75.01 13.40 95.46
C ALA F 28 -74.86 14.49 94.42
N ILE F 29 -75.58 14.32 93.31
CA ILE F 29 -75.57 15.28 92.23
C ILE F 29 -76.90 16.01 92.28
N VAL F 30 -76.85 17.29 92.65
CA VAL F 30 -78.03 18.14 92.81
C VAL F 30 -78.07 19.31 91.83
N GLY F 31 -79.28 19.79 91.57
CA GLY F 31 -79.42 20.93 90.67
C GLY F 31 -80.80 21.15 90.08
N PRO F 32 -81.12 22.39 89.64
CA PRO F 32 -82.41 22.79 89.04
C PRO F 32 -82.83 21.71 88.03
N ASN F 33 -84.12 21.52 87.87
CA ASN F 33 -84.64 20.46 86.99
C ASN F 33 -83.98 20.17 85.61
N GLY F 34 -83.98 21.15 84.71
CA GLY F 34 -83.42 20.91 83.38
C GLY F 34 -81.97 21.29 83.23
N SER F 35 -81.27 21.37 84.35
CA SER F 35 -79.87 21.75 84.39
C SER F 35 -78.96 20.78 83.65
N GLY F 36 -79.47 19.58 83.40
CA GLY F 36 -78.68 18.58 82.70
C GLY F 36 -78.00 17.60 83.63
N LYS F 37 -78.49 17.56 84.88
CA LYS F 37 -77.97 16.64 85.89
C LYS F 37 -77.86 15.23 85.25
N SER F 38 -78.89 14.84 84.50
CA SER F 38 -78.95 13.54 83.81
C SER F 38 -77.90 13.37 82.70
N ASN F 39 -77.39 14.47 82.15
CA ASN F 39 -76.39 14.34 81.11
C ASN F 39 -75.13 13.67 81.67
N ILE F 40 -74.95 13.77 82.98
CA ILE F 40 -73.77 13.17 83.59
C ILE F 40 -73.88 11.64 83.55
N ILE F 41 -75.06 11.11 83.82
CA ILE F 41 -75.27 9.65 83.76
C ILE F 41 -75.16 9.21 82.29
N ASP F 42 -75.73 10.00 81.37
CA ASP F 42 -75.66 9.67 79.96
C ASP F 42 -74.20 9.50 79.51
N ALA F 43 -73.32 10.38 79.99
CA ALA F 43 -71.91 10.35 79.66
C ALA F 43 -71.30 9.02 80.08
N ILE F 44 -71.66 8.54 81.28
CA ILE F 44 -71.17 7.28 81.79
C ILE F 44 -71.55 6.12 80.87
N LYS F 45 -72.81 6.07 80.44
CA LYS F 45 -73.25 5.01 79.56
C LYS F 45 -72.60 5.17 78.18
N TRP F 46 -72.45 6.40 77.72
CA TRP F 46 -71.83 6.68 76.42
C TRP F 46 -70.40 6.17 76.32
N VAL F 47 -69.61 6.38 77.38
CA VAL F 47 -68.22 5.98 77.36
C VAL F 47 -68.09 4.46 77.27
N PHE F 48 -69.18 3.76 77.55
CA PHE F 48 -69.18 2.30 77.43
C PHE F 48 -69.99 2.01 76.16
N GLY F 49 -71.03 1.19 76.28
CA GLY F 49 -71.85 0.88 75.12
C GLY F 49 -72.81 1.98 74.67
N GLU F 50 -73.94 2.11 75.37
CA GLU F 50 -75.00 3.08 75.10
C GLU F 50 -74.58 4.48 74.62
N LYS F 61 -76.69 10.57 64.71
CA LYS F 61 -75.43 9.96 65.15
C LYS F 61 -74.49 10.90 65.92
N PHE F 62 -74.32 12.13 65.44
CA PHE F 62 -73.44 13.09 66.11
C PHE F 62 -74.17 14.00 67.10
N ASP F 63 -75.46 13.72 67.34
CA ASP F 63 -76.25 14.52 68.26
C ASP F 63 -75.58 14.63 69.62
N MET F 64 -74.91 13.56 70.03
CA MET F 64 -74.24 13.52 71.31
C MET F 64 -73.22 14.64 71.52
N ILE F 65 -72.68 15.19 70.43
CA ILE F 65 -71.70 16.26 70.53
C ILE F 65 -72.43 17.59 70.71
N PHE F 66 -71.81 18.48 71.49
CA PHE F 66 -72.32 19.83 71.81
C PHE F 66 -72.71 20.58 70.52
N ALA F 67 -73.95 21.09 70.48
CA ALA F 67 -74.43 21.80 69.30
C ALA F 67 -74.07 23.29 69.29
N GLY F 68 -73.65 23.79 70.44
CA GLY F 68 -73.29 25.20 70.55
C GLY F 68 -74.27 25.94 71.45
N SER F 69 -73.86 27.14 71.89
CA SER F 69 -74.69 27.99 72.76
C SER F 69 -74.78 29.36 72.12
N GLU F 70 -75.01 30.37 72.96
CA GLU F 70 -75.10 31.75 72.50
C GLU F 70 -73.73 32.32 72.15
N ASN F 71 -72.69 31.88 72.85
CA ASN F 71 -71.33 32.35 72.59
C ASN F 71 -70.36 31.17 72.51
N LEU F 72 -70.92 29.97 72.42
CA LEU F 72 -70.11 28.78 72.26
C LEU F 72 -70.40 28.19 70.90
N PRO F 73 -69.34 27.85 70.15
CA PRO F 73 -69.46 27.26 68.82
C PRO F 73 -69.64 25.74 68.93
N PRO F 74 -70.44 25.13 68.02
CA PRO F 74 -70.59 23.68 68.12
C PRO F 74 -69.20 23.01 68.18
N ALA F 75 -69.04 22.06 69.11
CA ALA F 75 -67.76 21.40 69.33
C ALA F 75 -67.19 20.49 68.24
N GLY F 76 -65.87 20.36 68.25
CA GLY F 76 -65.22 19.51 67.28
C GLY F 76 -65.44 18.05 67.61
N SER F 77 -65.49 17.75 68.91
CA SER F 77 -65.68 16.40 69.34
C SER F 77 -66.22 16.32 70.75
N ALA F 78 -66.77 15.14 71.07
CA ALA F 78 -67.30 14.86 72.40
C ALA F 78 -66.20 14.01 73.04
N TYR F 79 -65.81 14.32 74.27
CA TYR F 79 -64.77 13.53 74.93
C TYR F 79 -65.20 13.21 76.36
N VAL F 80 -65.24 11.92 76.71
CA VAL F 80 -65.61 11.52 78.06
C VAL F 80 -64.57 10.58 78.63
N GLU F 81 -64.27 10.71 79.91
CA GLU F 81 -63.28 9.87 80.55
C GLU F 81 -63.56 9.51 82.01
N LEU F 82 -63.45 8.23 82.34
CA LEU F 82 -63.68 7.74 83.69
C LEU F 82 -62.38 7.20 84.28
N VAL F 83 -62.22 7.35 85.59
CA VAL F 83 -61.02 6.83 86.22
C VAL F 83 -61.38 6.00 87.43
N PHE F 84 -61.19 4.69 87.35
CA PHE F 84 -61.49 3.79 88.46
C PHE F 84 -60.17 3.49 89.16
N GLU F 85 -60.27 2.85 90.31
CA GLU F 85 -59.09 2.43 91.05
C GLU F 85 -59.36 1.04 91.62
N GLU F 86 -58.46 0.12 91.30
CA GLU F 86 -58.55 -1.28 91.74
C GLU F 86 -57.85 -1.46 93.08
N ASN F 87 -56.67 -2.08 93.06
CA ASN F 87 -55.93 -2.30 94.30
C ASN F 87 -54.85 -1.25 94.29
N GLY F 88 -55.22 -0.02 94.67
CA GLY F 88 -54.26 1.06 94.66
C GLY F 88 -53.85 1.34 93.22
N GLU F 89 -54.56 0.69 92.29
CA GLU F 89 -54.33 0.80 90.86
C GLU F 89 -55.33 1.74 90.21
N GLU F 90 -54.98 2.26 89.03
CA GLU F 90 -55.89 3.14 88.31
C GLU F 90 -56.23 2.59 86.93
N ILE F 91 -57.53 2.47 86.65
CA ILE F 91 -57.99 1.98 85.36
C ILE F 91 -58.63 3.19 84.71
N THR F 92 -58.18 3.54 83.51
CA THR F 92 -58.75 4.72 82.82
C THR F 92 -59.47 4.34 81.52
N VAL F 93 -60.75 4.69 81.42
CA VAL F 93 -61.53 4.40 80.23
C VAL F 93 -61.94 5.72 79.61
N ALA F 94 -61.84 5.81 78.28
CA ALA F 94 -62.21 7.04 77.59
C ALA F 94 -62.72 6.80 76.18
N ARG F 95 -63.54 7.72 75.68
CA ARG F 95 -64.09 7.62 74.34
C ARG F 95 -64.18 9.00 73.68
N GLU F 96 -63.78 9.08 72.42
CA GLU F 96 -63.84 10.36 71.71
C GLU F 96 -64.45 10.24 70.33
N LEU F 97 -65.55 10.97 70.11
CA LEU F 97 -66.24 10.98 68.82
C LEU F 97 -65.99 12.34 68.16
N LYS F 98 -65.28 12.35 67.04
CA LYS F 98 -65.00 13.59 66.33
C LYS F 98 -66.11 13.94 65.35
N ARG F 99 -66.22 15.21 65.00
CA ARG F 99 -67.24 15.65 64.06
C ARG F 99 -66.98 15.03 62.70
N THR F 100 -65.70 14.76 62.42
CA THR F 100 -65.30 14.17 61.15
C THR F 100 -65.96 12.82 60.97
N GLY F 101 -66.24 12.14 62.09
CA GLY F 101 -66.88 10.83 62.05
C GLY F 101 -66.10 9.74 62.77
N GLU F 102 -64.83 10.04 63.01
CA GLU F 102 -63.90 9.15 63.67
C GLU F 102 -64.14 8.90 65.18
N ASN F 103 -64.76 7.76 65.51
CA ASN F 103 -65.04 7.38 66.90
C ASN F 103 -63.92 6.46 67.41
N THR F 104 -63.53 6.62 68.67
CA THR F 104 -62.45 5.78 69.20
C THR F 104 -62.44 5.61 70.74
N TYR F 105 -62.17 4.38 71.21
CA TYR F 105 -62.12 4.09 72.63
C TYR F 105 -60.68 3.96 73.14
N TYR F 106 -60.49 4.18 74.43
CA TYR F 106 -59.16 4.09 75.04
C TYR F 106 -59.20 3.35 76.37
N LEU F 107 -58.10 2.65 76.67
CA LEU F 107 -57.99 1.94 77.92
C LEU F 107 -56.55 2.14 78.37
N ASN F 108 -56.40 2.95 79.41
CA ASN F 108 -55.09 3.29 79.98
C ASN F 108 -54.17 3.93 78.97
N GLY F 109 -54.72 4.84 78.18
CA GLY F 109 -53.92 5.55 77.20
C GLY F 109 -53.72 4.88 75.86
N SER F 110 -54.25 3.68 75.68
CA SER F 110 -54.06 2.99 74.41
C SER F 110 -55.35 2.79 73.64
N PRO F 111 -55.36 3.15 72.36
CA PRO F 111 -56.59 2.96 71.57
C PRO F 111 -56.94 1.47 71.66
N VAL F 112 -58.23 1.18 71.78
CA VAL F 112 -58.63 -0.19 71.91
C VAL F 112 -60.06 -0.43 71.45
N ARG F 113 -60.37 -1.68 71.17
CA ARG F 113 -61.67 -2.10 70.68
C ARG F 113 -62.69 -1.94 71.82
N LEU F 114 -63.95 -1.65 71.47
CA LEU F 114 -64.99 -1.48 72.49
C LEU F 114 -65.07 -2.76 73.32
N LYS F 115 -65.02 -3.90 72.63
CA LYS F 115 -65.10 -5.19 73.30
C LYS F 115 -64.09 -5.27 74.44
N ASP F 116 -62.91 -4.71 74.23
CA ASP F 116 -61.86 -4.71 75.26
C ASP F 116 -62.26 -3.98 76.54
N ILE F 117 -63.02 -2.91 76.39
CA ILE F 117 -63.50 -2.15 77.54
C ILE F 117 -64.48 -3.03 78.30
N ARG F 118 -65.46 -3.59 77.58
CA ARG F 118 -66.48 -4.46 78.17
C ARG F 118 -65.87 -5.60 78.98
N ASP F 119 -64.86 -6.24 78.39
CA ASP F 119 -64.17 -7.36 79.01
C ASP F 119 -63.53 -6.94 80.31
N ARG F 120 -62.80 -5.82 80.29
CA ARG F 120 -62.15 -5.33 81.51
C ARG F 120 -63.11 -5.12 82.67
N PHE F 121 -64.39 -4.93 82.38
CA PHE F 121 -65.40 -4.74 83.42
C PHE F 121 -66.46 -5.85 83.35
N ALA F 122 -66.03 -7.07 83.66
CA ALA F 122 -66.88 -8.27 83.62
C ALA F 122 -68.13 -8.28 84.48
N GLY F 123 -67.98 -8.60 85.76
CA GLY F 123 -69.13 -8.67 86.66
C GLY F 123 -69.73 -7.33 87.09
N THR F 124 -70.08 -6.50 86.10
CA THR F 124 -70.68 -5.17 86.33
C THR F 124 -71.66 -4.94 85.21
N GLY F 125 -72.67 -4.11 85.43
CA GLY F 125 -73.64 -3.85 84.36
C GLY F 125 -73.01 -3.12 83.19
N LEU F 126 -71.92 -2.42 83.51
CA LEU F 126 -71.16 -1.61 82.57
C LEU F 126 -70.90 -2.28 81.23
N GLY F 127 -71.37 -1.64 80.16
CA GLY F 127 -71.18 -2.17 78.83
C GLY F 127 -72.38 -2.88 78.23
N VAL F 128 -72.92 -3.86 78.95
CA VAL F 128 -74.07 -4.63 78.49
C VAL F 128 -75.44 -4.02 78.77
N ASP F 129 -76.10 -4.50 79.83
CA ASP F 129 -77.42 -4.03 80.21
C ASP F 129 -77.50 -2.87 81.22
N PHE F 130 -76.39 -2.56 81.89
CA PHE F 130 -76.36 -1.47 82.87
C PHE F 130 -77.39 -1.59 83.97
N TYR F 131 -77.27 -2.61 84.81
CA TYR F 131 -78.22 -2.77 85.90
C TYR F 131 -77.80 -1.90 87.07
N SER F 132 -76.62 -1.27 86.96
CA SER F 132 -76.07 -0.40 87.98
C SER F 132 -76.79 0.95 87.98
N ILE F 133 -77.32 1.35 86.83
CA ILE F 133 -78.06 2.61 86.70
C ILE F 133 -79.52 2.24 86.91
N VAL F 134 -80.09 2.69 88.03
CA VAL F 134 -81.49 2.40 88.36
C VAL F 134 -82.38 3.64 88.56
N GLY F 135 -83.53 3.64 87.91
CA GLY F 135 -84.44 4.76 88.03
C GLY F 135 -85.78 4.33 88.61
N GLN F 136 -86.65 5.30 88.85
CA GLN F 136 -87.99 5.05 89.40
C GLN F 136 -88.70 3.94 88.65
N GLY F 137 -88.39 3.82 87.37
CA GLY F 137 -89.00 2.79 86.54
C GLY F 137 -88.63 1.41 87.01
N GLN F 138 -87.34 1.07 86.94
CA GLN F 138 -86.85 -0.25 87.35
C GLN F 138 -87.33 -0.64 88.74
N ILE F 139 -87.45 0.35 89.62
CA ILE F 139 -87.91 0.07 90.96
C ILE F 139 -89.29 -0.57 90.88
N ASP F 140 -90.17 0.04 90.10
CA ASP F 140 -91.54 -0.46 89.94
C ASP F 140 -91.61 -1.80 89.21
N ARG F 141 -90.79 -1.96 88.17
CA ARG F 141 -90.79 -3.21 87.41
C ARG F 141 -90.13 -4.40 88.11
N ILE F 142 -89.46 -4.14 89.23
CA ILE F 142 -88.82 -5.21 90.00
C ILE F 142 -89.79 -5.61 91.11
N VAL F 143 -90.62 -4.66 91.55
CA VAL F 143 -91.61 -4.91 92.59
C VAL F 143 -92.81 -5.60 91.98
N ASN F 144 -92.90 -5.57 90.65
CA ASN F 144 -94.02 -6.20 89.94
C ASN F 144 -93.57 -7.27 88.94
N ALA F 145 -92.42 -7.89 89.20
CA ALA F 145 -91.87 -8.93 88.33
C ALA F 145 -92.14 -10.32 88.91
N TYR F 167 -79.55 -16.85 96.18
CA TYR F 167 -80.97 -16.63 96.49
C TYR F 167 -81.25 -16.49 97.99
N GLN F 168 -80.97 -17.55 98.73
CA GLN F 168 -81.16 -17.60 100.18
C GLN F 168 -80.69 -16.24 100.69
N ARG F 169 -79.64 -15.75 100.02
CA ARG F 169 -79.02 -14.47 100.32
C ARG F 169 -79.94 -13.28 100.03
N VAL F 170 -80.60 -13.30 98.88
CA VAL F 170 -81.51 -12.22 98.53
C VAL F 170 -82.62 -12.10 99.55
N ASN F 171 -83.21 -13.24 99.91
CA ASN F 171 -84.27 -13.24 100.89
C ASN F 171 -83.74 -12.99 102.30
N GLU F 172 -82.47 -13.28 102.54
CA GLU F 172 -81.87 -13.09 103.86
C GLU F 172 -81.47 -11.62 104.05
N SER F 173 -80.96 -10.99 102.98
CA SER F 173 -80.55 -9.60 103.03
C SER F 173 -81.77 -8.70 103.05
N PHE F 174 -82.80 -9.10 102.30
CA PHE F 174 -84.03 -8.35 102.23
C PHE F 174 -84.59 -8.19 103.65
N ASN F 175 -84.50 -9.24 104.44
CA ASN F 175 -84.98 -9.21 105.82
C ASN F 175 -84.19 -8.19 106.64
N ARG F 176 -82.87 -8.30 106.62
CA ARG F 176 -82.04 -7.40 107.38
C ARG F 176 -82.39 -5.93 107.13
N PHE F 177 -82.59 -5.58 105.85
CA PHE F 177 -82.93 -4.22 105.44
C PHE F 177 -84.30 -3.75 105.89
N ILE F 178 -85.27 -4.65 105.90
CA ILE F 178 -86.62 -4.30 106.33
C ILE F 178 -86.61 -4.02 107.82
N SER F 179 -85.82 -4.78 108.58
CA SER F 179 -85.72 -4.55 110.03
C SER F 179 -85.06 -3.20 110.29
N LEU F 180 -84.00 -2.93 109.56
CA LEU F 180 -83.29 -1.67 109.68
C LEU F 180 -84.26 -0.52 109.42
N LEU F 181 -85.07 -0.66 108.38
CA LEU F 181 -86.05 0.36 108.02
C LEU F 181 -87.10 0.66 109.08
N PHE F 182 -87.68 -0.38 109.68
CA PHE F 182 -88.71 -0.17 110.67
C PHE F 182 -88.31 -0.40 112.12
N PHE F 183 -87.03 -0.61 112.36
CA PHE F 183 -86.49 -0.84 113.70
C PHE F 183 -86.98 -2.14 114.35
N GLY F 184 -87.07 -3.23 113.59
CA GLY F 184 -87.49 -4.47 114.23
C GLY F 184 -88.31 -5.56 113.56
N GLY F 185 -89.09 -5.23 112.54
CA GLY F 185 -89.90 -6.26 111.93
C GLY F 185 -89.18 -7.40 111.20
N GLU F 186 -89.79 -7.84 110.11
CA GLU F 186 -89.25 -8.90 109.28
C GLU F 186 -89.74 -8.70 107.85
N GLY F 187 -89.02 -9.30 106.90
CA GLY F 187 -89.37 -9.19 105.51
C GLY F 187 -89.25 -10.56 104.89
N ARG F 188 -90.22 -10.92 104.06
CA ARG F 188 -90.22 -12.24 103.43
C ARG F 188 -90.43 -12.23 101.92
N LEU F 189 -89.69 -13.09 101.22
CA LEU F 189 -89.77 -13.25 99.77
C LEU F 189 -90.09 -14.70 99.43
N GLU F 204 -94.03 -12.46 95.69
CA GLU F 204 -94.84 -12.04 96.82
C GLU F 204 -94.02 -11.54 98.00
N ILE F 205 -94.40 -10.36 98.51
CA ILE F 205 -93.70 -9.74 99.63
C ILE F 205 -94.55 -9.60 100.89
N SER F 206 -93.96 -9.96 102.04
CA SER F 206 -94.61 -9.88 103.33
C SER F 206 -93.75 -9.03 104.24
N ILE F 207 -94.37 -8.06 104.89
CA ILE F 207 -93.64 -7.18 105.80
C ILE F 207 -94.32 -7.12 107.15
N ARG F 208 -93.61 -7.58 108.18
CA ARG F 208 -94.18 -7.57 109.52
C ARG F 208 -93.49 -6.50 110.35
N LYS F 209 -94.20 -5.44 110.72
CA LYS F 209 -93.64 -4.37 111.54
C LYS F 209 -93.50 -4.86 112.98
N PRO F 210 -92.58 -4.28 113.75
CA PRO F 210 -92.34 -4.67 115.14
C PRO F 210 -93.52 -5.10 116.02
N GLY F 211 -94.21 -4.17 116.66
CA GLY F 211 -95.30 -4.62 117.52
C GLY F 211 -96.50 -5.23 116.80
N ARG F 212 -96.36 -5.46 115.51
CA ARG F 212 -97.46 -5.97 114.75
C ARG F 212 -97.40 -7.40 114.23
N ARG F 213 -98.38 -7.73 113.41
CA ARG F 213 -98.54 -9.05 112.83
C ARG F 213 -98.20 -9.04 111.34
N ASP F 214 -97.98 -10.22 110.74
CA ASP F 214 -97.62 -10.29 109.32
C ASP F 214 -98.52 -9.43 108.44
N GLN F 215 -98.05 -9.06 107.26
CA GLN F 215 -98.82 -8.18 106.37
C GLN F 215 -98.39 -8.31 104.90
N LYS F 216 -99.33 -8.11 103.99
CA LYS F 216 -99.04 -8.22 102.56
C LYS F 216 -98.71 -6.85 102.01
N LEU F 217 -97.64 -6.75 101.20
CA LEU F 217 -97.22 -5.48 100.61
C LEU F 217 -98.38 -4.67 100.04
N SER F 218 -99.36 -5.39 99.54
CA SER F 218 -100.56 -4.85 98.94
C SER F 218 -101.22 -3.75 99.77
N LEU F 219 -101.60 -4.06 101.02
CA LEU F 219 -102.25 -3.07 101.88
C LEU F 219 -101.29 -2.26 102.73
N LEU F 220 -100.15 -1.92 102.16
CA LEU F 220 -99.15 -1.12 102.86
C LEU F 220 -99.26 0.30 102.33
N SER F 221 -98.69 1.26 103.05
CA SER F 221 -98.72 2.67 102.62
C SER F 221 -98.14 2.85 101.22
N GLY F 222 -98.34 4.02 100.62
CA GLY F 222 -97.79 4.23 99.30
C GLY F 222 -96.30 4.54 99.36
N GLY F 223 -95.93 5.40 100.29
CA GLY F 223 -94.54 5.78 100.45
C GLY F 223 -93.76 4.67 101.10
N GLU F 224 -94.46 3.81 101.84
CA GLU F 224 -93.83 2.68 102.50
C GLU F 224 -93.50 1.63 101.42
N LYS F 225 -94.42 1.40 100.48
CA LYS F 225 -94.19 0.45 99.39
C LYS F 225 -92.90 0.82 98.68
N ALA F 226 -92.69 2.11 98.51
CA ALA F 226 -91.52 2.64 97.84
C ALA F 226 -90.26 2.22 98.57
N LEU F 227 -90.32 2.34 99.90
CA LEU F 227 -89.21 1.99 100.76
C LEU F 227 -88.85 0.53 100.57
N VAL F 228 -89.83 -0.36 100.75
CA VAL F 228 -89.56 -1.79 100.59
C VAL F 228 -89.07 -2.11 99.18
N GLY F 229 -89.49 -1.34 98.20
CA GLY F 229 -89.02 -1.58 96.84
C GLY F 229 -87.52 -1.33 96.80
N LEU F 230 -87.10 -0.22 97.39
CA LEU F 230 -85.68 0.13 97.45
C LEU F 230 -84.93 -0.93 98.23
N ALA F 231 -85.58 -1.49 99.25
CA ALA F 231 -84.98 -2.53 100.07
C ALA F 231 -84.70 -3.78 99.22
N LEU F 232 -85.62 -4.07 98.30
CA LEU F 232 -85.47 -5.22 97.43
C LEU F 232 -84.30 -4.98 96.48
N LEU F 233 -84.26 -3.81 95.86
CA LEU F 233 -83.17 -3.48 94.94
C LEU F 233 -81.83 -3.69 95.61
N PHE F 234 -81.68 -3.17 96.83
CA PHE F 234 -80.45 -3.29 97.60
C PHE F 234 -80.11 -4.74 97.87
N ALA F 235 -81.13 -5.55 98.12
CA ALA F 235 -80.95 -6.98 98.39
C ALA F 235 -80.47 -7.69 97.15
N LEU F 236 -81.09 -7.39 96.01
CA LEU F 236 -80.70 -8.02 94.76
C LEU F 236 -79.27 -7.70 94.34
N MET F 237 -78.67 -6.69 94.93
CA MET F 237 -77.30 -6.33 94.61
C MET F 237 -76.36 -7.48 94.99
N GLU F 238 -76.91 -8.50 95.63
CA GLU F 238 -76.13 -9.65 96.06
C GLU F 238 -75.76 -10.53 94.87
N ILE F 239 -76.60 -10.47 93.85
CA ILE F 239 -76.36 -11.26 92.65
C ILE F 239 -76.16 -10.34 91.44
N LYS F 240 -76.16 -9.04 91.70
CA LYS F 240 -75.95 -8.02 90.68
C LYS F 240 -74.80 -7.12 91.16
N PRO F 241 -73.59 -7.69 91.38
CA PRO F 241 -72.45 -6.90 91.84
C PRO F 241 -72.05 -5.79 90.86
N SER F 242 -71.40 -4.77 91.39
CA SER F 242 -70.94 -3.64 90.58
C SER F 242 -70.18 -2.66 91.47
N PRO F 243 -69.17 -1.98 90.90
CA PRO F 243 -68.37 -1.01 91.66
C PRO F 243 -69.25 0.09 92.25
N PHE F 244 -70.13 0.65 91.44
CA PHE F 244 -71.01 1.71 91.88
C PHE F 244 -72.43 1.52 91.36
N TYR F 245 -73.38 2.18 92.00
CA TYR F 245 -74.77 2.11 91.62
C TYR F 245 -75.30 3.54 91.50
N VAL F 246 -76.13 3.81 90.51
CA VAL F 246 -76.68 5.14 90.35
C VAL F 246 -78.17 5.13 90.67
N LEU F 247 -78.60 5.99 91.59
CA LEU F 247 -80.01 6.07 91.97
C LEU F 247 -80.54 7.39 91.42
N ASP F 248 -81.25 7.30 90.31
CA ASP F 248 -81.80 8.46 89.61
C ASP F 248 -83.20 8.86 90.06
N GLU F 249 -83.29 9.84 90.95
CA GLU F 249 -84.57 10.34 91.46
C GLU F 249 -85.51 9.26 91.98
N VAL F 250 -85.05 8.51 92.97
CA VAL F 250 -85.84 7.42 93.52
C VAL F 250 -86.48 7.75 94.85
N ASP F 251 -86.66 9.03 95.13
CA ASP F 251 -87.24 9.46 96.40
C ASP F 251 -88.49 10.30 96.24
N SER F 252 -89.09 10.28 95.05
CA SER F 252 -90.29 11.05 94.81
C SER F 252 -91.38 10.67 95.80
N PRO F 253 -91.84 9.39 95.78
CA PRO F 253 -92.90 8.94 96.69
C PRO F 253 -92.58 9.02 98.19
N LEU F 254 -91.32 9.31 98.51
CA LEU F 254 -90.89 9.39 99.89
C LEU F 254 -91.14 10.74 100.52
N ASP F 255 -91.87 10.74 101.62
CA ASP F 255 -92.15 11.98 102.33
C ASP F 255 -91.01 12.16 103.33
N ASP F 256 -91.08 13.21 104.13
CA ASP F 256 -90.03 13.48 105.11
C ASP F 256 -89.71 12.35 106.09
N TYR F 257 -90.73 11.66 106.58
CA TYR F 257 -90.49 10.58 107.53
C TYR F 257 -89.83 9.39 106.84
N ASN F 258 -90.39 8.97 105.71
CA ASN F 258 -89.83 7.84 104.98
C ASN F 258 -88.45 8.19 104.45
N ALA F 259 -88.26 9.44 104.04
CA ALA F 259 -86.97 9.90 103.53
C ALA F 259 -85.90 9.67 104.57
N GLU F 260 -86.24 9.95 105.82
CA GLU F 260 -85.27 9.76 106.89
C GLU F 260 -84.88 8.29 107.00
N ARG F 261 -85.79 7.40 106.63
CA ARG F 261 -85.52 5.96 106.69
C ARG F 261 -84.62 5.57 105.52
N PHE F 262 -84.93 6.08 104.34
CA PHE F 262 -84.14 5.77 103.17
C PHE F 262 -82.72 6.25 103.43
N LYS F 263 -82.60 7.35 104.16
CA LYS F 263 -81.31 7.93 104.49
C LYS F 263 -80.49 6.97 105.34
N ARG F 264 -81.15 6.33 106.30
CA ARG F 264 -80.50 5.39 107.21
C ARG F 264 -80.10 4.10 106.48
N LEU F 265 -80.89 3.71 105.49
CA LEU F 265 -80.61 2.50 104.71
C LEU F 265 -79.42 2.77 103.81
N LEU F 266 -79.46 3.90 103.12
CA LEU F 266 -78.38 4.27 102.21
C LEU F 266 -77.02 4.23 102.92
N LYS F 267 -76.95 4.80 104.11
CA LYS F 267 -75.68 4.83 104.85
C LYS F 267 -75.18 3.46 105.23
N GLU F 268 -76.07 2.50 105.39
CA GLU F 268 -75.65 1.15 105.75
C GLU F 268 -75.03 0.45 104.55
N ASN F 269 -75.66 0.57 103.39
CA ASN F 269 -75.14 -0.06 102.19
C ASN F 269 -73.88 0.62 101.68
N SER F 270 -73.82 1.94 101.81
CA SER F 270 -72.66 2.73 101.35
C SER F 270 -71.35 2.29 101.98
N LYS F 271 -71.42 1.38 102.93
CA LYS F 271 -70.23 0.86 103.61
C LYS F 271 -69.45 -0.12 102.74
N HIS F 272 -70.12 -0.79 101.81
CA HIS F 272 -69.45 -1.77 100.95
C HIS F 272 -69.69 -1.59 99.46
N THR F 273 -70.55 -0.64 99.12
CA THR F 273 -70.87 -0.31 97.73
C THR F 273 -70.96 1.22 97.67
N GLN F 274 -70.56 1.82 96.56
CA GLN F 274 -70.64 3.26 96.47
C GLN F 274 -71.83 3.67 95.61
N PHE F 275 -72.51 4.74 96.01
CA PHE F 275 -73.67 5.22 95.28
C PHE F 275 -73.57 6.65 94.79
N ILE F 276 -74.05 6.88 93.57
CA ILE F 276 -74.09 8.21 92.98
C ILE F 276 -75.60 8.49 92.95
N VAL F 277 -76.07 9.32 93.88
CA VAL F 277 -77.50 9.65 93.99
C VAL F 277 -77.83 11.01 93.39
N ILE F 278 -78.76 11.04 92.45
CA ILE F 278 -79.17 12.32 91.89
C ILE F 278 -80.58 12.57 92.42
N THR F 279 -80.67 13.52 93.34
CA THR F 279 -81.93 13.86 93.99
C THR F 279 -82.02 15.35 94.29
N HIS F 280 -83.24 15.82 94.49
CA HIS F 280 -83.47 17.22 94.82
C HIS F 280 -84.15 17.27 96.20
N ASN F 281 -84.09 16.16 96.91
CA ASN F 281 -84.68 16.01 98.24
C ASN F 281 -83.64 16.36 99.28
N LYS F 282 -83.91 17.40 100.06
CA LYS F 282 -82.97 17.84 101.06
C LYS F 282 -82.61 16.85 102.18
N ILE F 283 -83.48 15.89 102.45
CA ILE F 283 -83.18 14.90 103.50
C ILE F 283 -82.19 13.87 103.00
N VAL F 284 -82.39 13.40 101.77
CA VAL F 284 -81.50 12.41 101.15
C VAL F 284 -80.07 12.99 101.01
N MET F 285 -79.98 14.24 100.57
CA MET F 285 -78.69 14.92 100.39
C MET F 285 -77.85 14.86 101.67
N GLU F 286 -78.49 14.54 102.77
CA GLU F 286 -77.83 14.44 104.07
C GLU F 286 -76.87 13.25 104.12
N ALA F 287 -77.25 12.17 103.46
CA ALA F 287 -76.43 10.96 103.44
C ALA F 287 -75.16 11.15 102.61
N ALA F 288 -75.20 12.14 101.71
CA ALA F 288 -74.06 12.42 100.82
C ALA F 288 -72.83 12.85 101.58
N ASP F 289 -71.67 12.39 101.12
CA ASP F 289 -70.39 12.73 101.75
C ASP F 289 -69.70 13.75 100.87
N LEU F 290 -70.21 13.89 99.66
CA LEU F 290 -69.68 14.83 98.69
C LEU F 290 -70.90 15.28 97.90
N LEU F 291 -71.05 16.58 97.74
CA LEU F 291 -72.19 17.12 97.02
C LEU F 291 -71.72 17.91 95.80
N HIS F 292 -72.43 17.77 94.69
CA HIS F 292 -72.11 18.49 93.47
C HIS F 292 -73.34 19.21 92.95
N GLY F 293 -73.19 20.48 92.59
CA GLY F 293 -74.30 21.23 92.06
C GLY F 293 -74.11 21.53 90.58
N VAL F 294 -75.16 21.34 89.80
CA VAL F 294 -75.10 21.62 88.36
C VAL F 294 -76.12 22.68 87.96
N THR F 295 -75.75 23.60 87.08
CA THR F 295 -76.69 24.64 86.64
C THR F 295 -76.56 24.89 85.16
N MET F 296 -77.68 25.12 84.49
CA MET F 296 -77.63 25.41 83.09
C MET F 296 -77.62 26.93 82.89
N VAL F 297 -76.43 27.52 83.01
CA VAL F 297 -76.23 28.96 82.84
C VAL F 297 -76.70 29.41 81.44
N ASN F 298 -75.77 29.39 80.51
CA ASN F 298 -76.01 29.76 79.12
C ASN F 298 -76.97 28.69 78.57
N GLY F 299 -76.57 28.09 77.47
CA GLY F 299 -77.33 27.00 76.88
C GLY F 299 -76.42 25.83 77.21
N VAL F 300 -75.57 26.05 78.23
CA VAL F 300 -74.59 25.08 78.73
C VAL F 300 -74.90 24.67 80.18
N SER F 301 -74.07 23.78 80.73
CA SER F 301 -74.23 23.27 82.10
C SER F 301 -72.89 23.35 82.83
N ALA F 302 -72.92 23.53 84.16
CA ALA F 302 -71.68 23.60 84.92
C ALA F 302 -71.81 23.01 86.32
N ILE F 303 -70.68 22.73 86.97
CA ILE F 303 -70.71 22.16 88.32
C ILE F 303 -69.98 22.99 89.35
N VAL F 304 -70.65 23.33 90.45
CA VAL F 304 -70.00 24.08 91.54
C VAL F 304 -70.38 23.49 92.91
N PRO F 305 -69.59 22.50 93.40
CA PRO F 305 -69.82 21.83 94.69
C PRO F 305 -70.40 22.67 95.85
N VAL F 306 -71.73 22.66 95.98
CA VAL F 306 -72.42 23.41 97.03
C VAL F 306 -72.44 22.63 98.36
N GLU F 307 -71.93 23.26 99.43
CA GLU F 307 -71.89 22.66 100.77
C GLU F 307 -73.28 22.72 101.43
N VAL F 308 -73.72 21.60 102.01
CA VAL F 308 -75.04 21.52 102.67
C VAL F 308 -75.12 22.41 103.93
#